data_2EDP
#
_entry.id   2EDP
#
_entity_poly.entity_id   1
_entity_poly.type   'polypeptide(L)'
_entity_poly.pdbx_seq_one_letter_code
;GSSGSSGGSFQYVPVQLQGGAPWGFTLKGGLEHCEPLTVSKIEDGGKAALSQKMRTGDELVNINGTPLYGSRQEALILIK
GSFRILKLIVRRRNSGPSSG
;
_entity_poly.pdbx_strand_id   A
#
# COMPACT_ATOMS: atom_id res chain seq x y z
N GLY A 1 -3.71 22.72 33.49
CA GLY A 1 -4.53 21.69 32.89
C GLY A 1 -5.15 22.15 31.57
N SER A 2 -5.03 21.32 30.54
CA SER A 2 -5.57 21.65 29.22
C SER A 2 -5.68 20.39 28.36
N SER A 3 -6.76 20.31 27.60
CA SER A 3 -6.99 19.17 26.72
C SER A 3 -5.76 18.89 25.85
N GLY A 4 -5.29 17.65 25.89
CA GLY A 4 -4.12 17.27 25.11
C GLY A 4 -3.76 15.81 25.27
N SER A 5 -4.23 14.99 24.33
CA SER A 5 -3.96 13.55 24.37
C SER A 5 -3.41 13.07 23.04
N SER A 6 -2.38 12.22 23.10
CA SER A 6 -1.76 11.67 21.89
C SER A 6 -2.37 10.33 21.53
N GLY A 7 -2.69 10.15 20.24
CA GLY A 7 -3.27 8.90 19.79
C GLY A 7 -3.04 8.66 18.31
N GLY A 8 -1.79 8.74 17.89
CA GLY A 8 -1.45 8.53 16.49
C GLY A 8 -0.69 7.23 16.27
N SER A 9 -1.41 6.14 16.11
CA SER A 9 -0.79 4.84 15.89
C SER A 9 -1.01 4.37 14.45
N PHE A 10 -0.03 3.62 13.93
CA PHE A 10 -0.12 3.11 12.56
C PHE A 10 0.59 1.77 12.44
N GLN A 11 0.14 0.95 11.50
CA GLN A 11 0.73 -0.36 11.29
C GLN A 11 1.21 -0.52 9.85
N TYR A 12 2.45 -0.92 9.68
CA TYR A 12 3.03 -1.11 8.35
C TYR A 12 3.01 -2.58 7.95
N VAL A 13 2.21 -2.89 6.93
CA VAL A 13 2.10 -4.26 6.44
C VAL A 13 2.92 -4.46 5.17
N PRO A 14 4.13 -4.99 5.32
CA PRO A 14 5.03 -5.24 4.18
C PRO A 14 4.54 -6.38 3.29
N VAL A 15 3.96 -6.02 2.16
CA VAL A 15 3.44 -7.01 1.22
C VAL A 15 4.54 -7.51 0.29
N GLN A 16 5.10 -8.67 0.61
CA GLN A 16 6.16 -9.26 -0.19
C GLN A 16 5.60 -10.26 -1.20
N LEU A 17 5.64 -9.89 -2.48
CA LEU A 17 5.13 -10.75 -3.53
C LEU A 17 6.21 -11.73 -4.01
N GLN A 18 5.81 -12.68 -4.84
CA GLN A 18 6.73 -13.69 -5.36
C GLN A 18 6.18 -14.34 -6.63
N GLY A 19 6.97 -14.32 -7.69
CA GLY A 19 6.54 -14.91 -8.95
C GLY A 19 6.78 -13.99 -10.13
N GLY A 20 6.60 -12.69 -9.92
CA GLY A 20 6.80 -11.73 -10.98
C GLY A 20 5.49 -11.21 -11.54
N ALA A 21 5.51 -9.97 -12.03
CA ALA A 21 4.31 -9.35 -12.59
C ALA A 21 3.78 -10.15 -13.77
N PRO A 22 2.53 -9.88 -14.16
CA PRO A 22 1.70 -8.86 -13.50
C PRO A 22 1.28 -9.26 -12.10
N TRP A 23 1.10 -8.29 -11.23
CA TRP A 23 0.69 -8.54 -9.85
C TRP A 23 -0.83 -8.45 -9.70
N GLY A 24 -1.39 -7.34 -10.18
CA GLY A 24 -2.83 -7.15 -10.09
C GLY A 24 -3.21 -6.13 -9.03
N PHE A 25 -2.58 -4.97 -9.07
CA PHE A 25 -2.85 -3.91 -8.10
C PHE A 25 -2.55 -2.54 -8.70
N THR A 26 -3.41 -1.57 -8.39
CA THR A 26 -3.24 -0.21 -8.89
C THR A 26 -3.37 0.82 -7.77
N LEU A 27 -3.21 2.09 -8.12
CA LEU A 27 -3.33 3.17 -7.14
C LEU A 27 -4.11 4.35 -7.71
N LYS A 28 -4.46 5.29 -6.85
CA LYS A 28 -5.21 6.46 -7.27
C LYS A 28 -4.87 7.67 -6.39
N GLY A 29 -5.19 8.86 -6.88
CA GLY A 29 -4.91 10.07 -6.13
C GLY A 29 -3.45 10.46 -6.18
N GLY A 30 -2.89 10.79 -5.03
CA GLY A 30 -1.49 11.19 -4.97
C GLY A 30 -1.32 12.68 -4.76
N LEU A 31 -0.14 13.08 -4.29
CA LEU A 31 0.16 14.49 -4.04
C LEU A 31 -0.36 15.36 -5.18
N GLU A 32 -0.35 14.81 -6.40
CA GLU A 32 -0.83 15.54 -7.56
C GLU A 32 -2.19 16.17 -7.30
N HIS A 33 -3.15 15.35 -6.87
CA HIS A 33 -4.50 15.82 -6.59
C HIS A 33 -4.70 16.00 -5.09
N CYS A 34 -3.60 16.04 -4.34
CA CYS A 34 -3.65 16.20 -2.90
C CYS A 34 -4.41 15.05 -2.24
N GLU A 35 -4.27 13.85 -2.83
CA GLU A 35 -4.94 12.68 -2.31
C GLU A 35 -3.92 11.64 -1.82
N PRO A 36 -4.27 10.95 -0.73
CA PRO A 36 -3.41 9.92 -0.13
C PRO A 36 -3.28 8.68 -1.01
N LEU A 37 -2.25 8.65 -1.85
CA LEU A 37 -2.02 7.52 -2.74
C LEU A 37 -2.36 6.21 -2.05
N THR A 38 -3.55 5.68 -2.33
CA THR A 38 -3.99 4.44 -1.74
C THR A 38 -4.56 3.49 -2.80
N VAL A 39 -4.34 2.19 -2.62
CA VAL A 39 -4.83 1.19 -3.56
C VAL A 39 -6.21 1.57 -4.09
N SER A 40 -6.36 1.55 -5.41
CA SER A 40 -7.62 1.90 -6.04
C SER A 40 -8.32 0.65 -6.58
N LYS A 41 -7.53 -0.30 -7.06
CA LYS A 41 -8.06 -1.55 -7.60
C LYS A 41 -7.03 -2.66 -7.52
N ILE A 42 -7.50 -3.87 -7.23
CA ILE A 42 -6.61 -5.03 -7.14
C ILE A 42 -7.26 -6.28 -7.74
N GLU A 43 -6.76 -6.68 -8.90
CA GLU A 43 -7.29 -7.85 -9.59
C GLU A 43 -7.51 -9.00 -8.61
N ASP A 44 -8.74 -9.49 -8.54
CA ASP A 44 -9.08 -10.59 -7.64
C ASP A 44 -8.72 -11.93 -8.27
N GLY A 45 -7.52 -12.41 -7.99
CA GLY A 45 -7.08 -13.68 -8.54
C GLY A 45 -5.62 -13.66 -8.93
N GLY A 46 -5.05 -12.47 -9.07
CA GLY A 46 -3.66 -12.34 -9.45
C GLY A 46 -2.72 -12.64 -8.30
N LYS A 47 -1.66 -11.84 -8.19
CA LYS A 47 -0.67 -12.03 -7.13
C LYS A 47 -1.01 -11.16 -5.91
N ALA A 48 -1.23 -9.87 -6.16
CA ALA A 48 -1.57 -8.93 -5.09
C ALA A 48 -2.68 -9.48 -4.21
N ALA A 49 -3.79 -9.87 -4.84
CA ALA A 49 -4.93 -10.41 -4.12
C ALA A 49 -4.56 -11.72 -3.42
N LEU A 50 -3.90 -12.61 -4.14
CA LEU A 50 -3.49 -13.89 -3.59
C LEU A 50 -2.69 -13.70 -2.30
N SER A 51 -1.93 -12.62 -2.23
CA SER A 51 -1.12 -12.32 -1.05
C SER A 51 -2.01 -12.09 0.16
N GLN A 52 -3.18 -11.52 -0.07
CA GLN A 52 -4.12 -11.24 1.01
C GLN A 52 -3.47 -10.39 2.10
N LYS A 53 -2.54 -9.54 1.69
CA LYS A 53 -1.84 -8.66 2.63
C LYS A 53 -2.33 -7.23 2.52
N MET A 54 -2.72 -6.84 1.31
CA MET A 54 -3.21 -5.49 1.06
C MET A 54 -4.60 -5.53 0.42
N ARG A 55 -5.26 -4.37 0.38
CA ARG A 55 -6.60 -4.28 -0.20
C ARG A 55 -6.96 -2.82 -0.49
N THR A 56 -7.86 -2.62 -1.45
CA THR A 56 -8.29 -1.28 -1.82
C THR A 56 -8.63 -0.45 -0.59
N GLY A 57 -7.74 0.46 -0.22
CA GLY A 57 -7.97 1.30 0.94
C GLY A 57 -6.70 1.55 1.73
N ASP A 58 -5.63 0.86 1.36
CA ASP A 58 -4.35 1.03 2.05
C ASP A 58 -3.52 2.13 1.41
N GLU A 59 -2.55 2.64 2.16
CA GLU A 59 -1.68 3.70 1.66
C GLU A 59 -0.28 3.18 1.40
N LEU A 60 0.11 3.12 0.13
CA LEU A 60 1.43 2.65 -0.26
C LEU A 60 2.42 3.80 -0.36
N VAL A 61 3.45 3.77 0.46
CA VAL A 61 4.47 4.81 0.47
C VAL A 61 5.85 4.23 0.14
N ASN A 62 5.91 2.91 0.00
CA ASN A 62 7.16 2.24 -0.32
C ASN A 62 6.94 1.14 -1.35
N ILE A 63 7.55 1.31 -2.53
CA ILE A 63 7.42 0.34 -3.60
C ILE A 63 8.78 -0.24 -3.98
N ASN A 64 8.89 -1.57 -3.91
CA ASN A 64 10.12 -2.25 -4.25
C ASN A 64 11.28 -1.73 -3.39
N GLY A 65 10.95 -1.22 -2.21
CA GLY A 65 11.98 -0.70 -1.32
C GLY A 65 12.30 0.75 -1.61
N THR A 66 11.51 1.38 -2.48
CA THR A 66 11.73 2.78 -2.83
C THR A 66 10.71 3.68 -2.15
N PRO A 67 11.18 4.51 -1.22
CA PRO A 67 10.33 5.44 -0.48
C PRO A 67 9.80 6.57 -1.36
N LEU A 68 8.51 6.53 -1.66
CA LEU A 68 7.88 7.55 -2.49
C LEU A 68 7.59 8.81 -1.68
N TYR A 69 7.30 9.90 -2.37
CA TYR A 69 7.01 11.17 -1.73
C TYR A 69 5.57 11.61 -1.99
N GLY A 70 4.68 10.63 -2.12
CA GLY A 70 3.28 10.92 -2.38
C GLY A 70 2.94 10.88 -3.85
N SER A 71 3.91 11.19 -4.70
CA SER A 71 3.71 11.18 -6.14
C SER A 71 3.08 9.88 -6.60
N ARG A 72 2.55 9.87 -7.82
CA ARG A 72 1.92 8.68 -8.37
C ARG A 72 2.76 8.08 -9.49
N GLN A 73 2.97 8.84 -10.55
CA GLN A 73 3.76 8.39 -11.68
C GLN A 73 4.92 7.51 -11.21
N GLU A 74 5.92 8.14 -10.61
CA GLU A 74 7.09 7.41 -10.11
C GLU A 74 6.68 6.07 -9.51
N ALA A 75 5.56 6.06 -8.79
CA ALA A 75 5.06 4.84 -8.16
C ALA A 75 4.69 3.80 -9.22
N LEU A 76 3.55 4.02 -9.88
CA LEU A 76 3.09 3.11 -10.91
C LEU A 76 4.22 2.70 -11.84
N ILE A 77 5.11 3.64 -12.13
CA ILE A 77 6.25 3.37 -13.00
C ILE A 77 7.21 2.38 -12.37
N LEU A 78 7.48 2.56 -11.07
CA LEU A 78 8.38 1.67 -10.34
C LEU A 78 7.94 0.23 -10.48
N ILE A 79 6.66 0.02 -10.72
CA ILE A 79 6.12 -1.33 -10.87
C ILE A 79 6.36 -1.87 -12.28
N LYS A 80 5.99 -1.07 -13.28
CA LYS A 80 6.18 -1.47 -14.67
C LYS A 80 7.44 -2.32 -14.83
N GLY A 81 8.49 -1.95 -14.12
CA GLY A 81 9.75 -2.68 -14.19
C GLY A 81 10.04 -3.43 -12.92
N SER A 82 9.06 -4.17 -12.41
CA SER A 82 9.23 -4.93 -11.18
C SER A 82 10.17 -6.12 -11.41
N PHE A 83 10.34 -6.92 -10.36
CA PHE A 83 11.22 -8.09 -10.45
C PHE A 83 10.49 -9.34 -9.96
N ARG A 84 11.18 -10.49 -10.05
CA ARG A 84 10.59 -11.75 -9.63
C ARG A 84 9.90 -11.61 -8.27
N ILE A 85 10.30 -10.59 -7.52
CA ILE A 85 9.72 -10.35 -6.20
C ILE A 85 9.44 -8.86 -6.00
N LEU A 86 8.29 -8.57 -5.40
CA LEU A 86 7.90 -7.18 -5.14
C LEU A 86 7.80 -6.92 -3.65
N LYS A 87 8.31 -5.76 -3.21
CA LYS A 87 8.27 -5.39 -1.81
C LYS A 87 7.55 -4.05 -1.61
N LEU A 88 6.43 -4.08 -0.92
CA LEU A 88 5.65 -2.88 -0.66
C LEU A 88 5.26 -2.78 0.81
N ILE A 89 5.16 -1.56 1.32
CA ILE A 89 4.78 -1.33 2.70
C ILE A 89 3.61 -0.38 2.81
N VAL A 90 2.44 -0.91 3.14
CA VAL A 90 1.24 -0.11 3.29
C VAL A 90 0.93 0.18 4.75
N ARG A 91 0.52 1.42 5.03
CA ARG A 91 0.20 1.83 6.39
C ARG A 91 -1.30 2.03 6.56
N ARG A 92 -1.88 1.36 7.55
CA ARG A 92 -3.31 1.46 7.81
C ARG A 92 -3.57 2.09 9.18
N ARG A 93 -4.27 3.21 9.18
CA ARG A 93 -4.59 3.91 10.42
C ARG A 93 -5.72 3.21 11.17
N ASN A 94 -5.42 2.06 11.73
CA ASN A 94 -6.41 1.28 12.47
C ASN A 94 -7.15 2.17 13.48
N SER A 95 -8.47 2.04 13.52
CA SER A 95 -9.29 2.83 14.42
C SER A 95 -10.65 2.18 14.64
N GLY A 96 -11.30 2.51 15.75
CA GLY A 96 -12.60 1.95 16.05
C GLY A 96 -12.75 1.60 17.52
N PRO A 97 -12.11 0.49 17.92
CA PRO A 97 -12.16 0.02 19.31
C PRO A 97 -11.40 0.94 20.27
N SER A 98 -10.57 1.81 19.71
CA SER A 98 -9.78 2.74 20.51
C SER A 98 -10.60 3.98 20.86
N SER A 99 -10.57 4.36 22.13
CA SER A 99 -11.31 5.52 22.61
C SER A 99 -10.78 6.81 21.96
N GLY A 100 -9.49 7.09 22.18
CA GLY A 100 -8.89 8.28 21.62
C GLY A 100 -7.67 8.73 22.39
N GLY A 1 4.31 15.75 23.40
CA GLY A 1 3.95 16.98 24.09
C GLY A 1 2.60 17.52 23.62
N SER A 2 2.48 17.76 22.33
CA SER A 2 1.24 18.28 21.76
C SER A 2 0.76 17.41 20.61
N SER A 3 -0.52 17.08 20.62
CA SER A 3 -1.11 16.25 19.57
C SER A 3 -1.45 17.08 18.34
N GLY A 4 -0.89 16.69 17.20
CA GLY A 4 -1.14 17.41 15.97
C GLY A 4 -2.50 17.10 15.38
N SER A 5 -2.68 15.87 14.89
CA SER A 5 -3.93 15.46 14.30
C SER A 5 -4.34 14.07 14.81
N SER A 6 -5.64 13.84 14.90
CA SER A 6 -6.17 12.57 15.37
C SER A 6 -5.43 11.40 14.72
N GLY A 7 -4.61 10.71 15.52
CA GLY A 7 -3.85 9.58 15.01
C GLY A 7 -2.50 9.45 15.66
N GLY A 8 -1.72 8.46 15.24
CA GLY A 8 -0.41 8.25 15.81
C GLY A 8 0.20 6.92 15.38
N SER A 9 -0.38 5.83 15.87
CA SER A 9 0.11 4.49 15.54
C SER A 9 -0.43 4.03 14.20
N PHE A 10 0.32 3.15 13.54
CA PHE A 10 -0.09 2.63 12.24
C PHE A 10 0.35 1.17 12.07
N GLN A 11 -0.11 0.54 11.00
CA GLN A 11 0.23 -0.85 10.73
C GLN A 11 1.00 -0.98 9.42
N TYR A 12 2.30 -1.21 9.52
CA TYR A 12 3.16 -1.36 8.35
C TYR A 12 3.29 -2.83 7.95
N VAL A 13 2.40 -3.27 7.07
CA VAL A 13 2.42 -4.65 6.60
C VAL A 13 3.10 -4.75 5.23
N PRO A 14 4.37 -5.18 5.24
CA PRO A 14 5.15 -5.33 4.00
C PRO A 14 4.66 -6.50 3.15
N VAL A 15 3.84 -6.18 2.15
CA VAL A 15 3.29 -7.21 1.26
C VAL A 15 4.37 -7.71 0.30
N GLN A 16 5.04 -8.79 0.71
CA GLN A 16 6.09 -9.38 -0.12
C GLN A 16 5.50 -10.30 -1.18
N LEU A 17 5.49 -9.82 -2.42
CA LEU A 17 4.95 -10.59 -3.53
C LEU A 17 6.00 -11.52 -4.12
N GLN A 18 5.55 -12.62 -4.72
CA GLN A 18 6.46 -13.59 -5.32
C GLN A 18 5.89 -14.13 -6.62
N GLY A 19 6.76 -14.34 -7.60
CA GLY A 19 6.33 -14.87 -8.89
C GLY A 19 6.58 -13.90 -10.02
N GLY A 20 6.37 -12.61 -9.76
CA GLY A 20 6.58 -11.60 -10.78
C GLY A 20 5.27 -11.12 -11.40
N ALA A 21 5.24 -9.86 -11.80
CA ALA A 21 4.05 -9.28 -12.41
C ALA A 21 3.51 -10.19 -13.51
N PRO A 22 2.25 -9.95 -13.91
CA PRO A 22 1.42 -8.89 -13.31
C PRO A 22 1.02 -9.20 -11.88
N TRP A 23 1.10 -8.19 -11.01
CA TRP A 23 0.74 -8.36 -9.61
C TRP A 23 -0.76 -8.26 -9.41
N GLY A 24 -1.38 -7.30 -10.10
CA GLY A 24 -2.81 -7.12 -9.99
C GLY A 24 -3.19 -6.10 -8.91
N PHE A 25 -2.46 -4.98 -8.88
CA PHE A 25 -2.72 -3.94 -7.91
C PHE A 25 -2.44 -2.56 -8.49
N THR A 26 -3.28 -1.59 -8.15
CA THR A 26 -3.13 -0.24 -8.65
C THR A 26 -3.28 0.79 -7.52
N LEU A 27 -3.14 2.06 -7.86
CA LEU A 27 -3.27 3.13 -6.87
C LEU A 27 -4.03 4.32 -7.46
N LYS A 28 -4.51 5.19 -6.58
CA LYS A 28 -5.26 6.37 -7.01
C LYS A 28 -4.84 7.59 -6.20
N GLY A 29 -5.45 8.74 -6.52
CA GLY A 29 -5.12 9.96 -5.82
C GLY A 29 -3.71 10.43 -6.08
N GLY A 30 -3.02 10.85 -5.01
CA GLY A 30 -1.65 11.32 -5.16
C GLY A 30 -1.53 12.81 -4.94
N LEU A 31 -0.33 13.26 -4.56
CA LEU A 31 -0.09 14.68 -4.32
C LEU A 31 -0.73 15.54 -5.40
N GLU A 32 -0.89 14.96 -6.59
CA GLU A 32 -1.49 15.67 -7.72
C GLU A 32 -2.83 16.29 -7.31
N HIS A 33 -3.74 15.45 -6.84
CA HIS A 33 -5.06 15.90 -6.42
C HIS A 33 -5.12 16.09 -4.91
N CYS A 34 -3.96 15.97 -4.26
CA CYS A 34 -3.88 16.11 -2.81
C CYS A 34 -4.55 14.94 -2.10
N GLU A 35 -4.46 13.76 -2.71
CA GLU A 35 -5.06 12.56 -2.14
C GLU A 35 -3.99 11.58 -1.70
N PRO A 36 -4.26 10.85 -0.61
CA PRO A 36 -3.34 9.85 -0.07
C PRO A 36 -3.19 8.62 -0.97
N LEU A 37 -2.14 8.61 -1.78
CA LEU A 37 -1.89 7.51 -2.69
C LEU A 37 -2.20 6.18 -2.03
N THR A 38 -3.40 5.66 -2.28
CA THR A 38 -3.82 4.39 -1.70
C THR A 38 -4.39 3.47 -2.77
N VAL A 39 -4.28 2.16 -2.55
CA VAL A 39 -4.79 1.17 -3.48
C VAL A 39 -6.10 1.63 -4.11
N SER A 40 -6.19 1.51 -5.43
CA SER A 40 -7.40 1.91 -6.15
C SER A 40 -8.14 0.69 -6.69
N LYS A 41 -7.38 -0.31 -7.09
CA LYS A 41 -7.96 -1.54 -7.63
C LYS A 41 -6.97 -2.69 -7.59
N ILE A 42 -7.46 -3.89 -7.29
CA ILE A 42 -6.60 -5.07 -7.22
C ILE A 42 -7.28 -6.28 -7.88
N GLU A 43 -6.80 -6.63 -9.06
CA GLU A 43 -7.36 -7.77 -9.79
C GLU A 43 -7.44 -9.00 -8.90
N ASP A 44 -8.62 -9.61 -8.85
CA ASP A 44 -8.84 -10.80 -8.02
C ASP A 44 -8.11 -12.00 -8.62
N GLY A 45 -7.13 -12.52 -7.88
CA GLY A 45 -6.38 -13.67 -8.35
C GLY A 45 -4.89 -13.37 -8.48
N GLY A 46 -4.58 -12.12 -8.82
CA GLY A 46 -3.19 -11.73 -8.98
C GLY A 46 -2.37 -11.95 -7.72
N LYS A 47 -1.11 -11.52 -7.75
CA LYS A 47 -0.23 -11.68 -6.60
C LYS A 47 -0.71 -10.83 -5.43
N ALA A 48 -1.14 -9.60 -5.72
CA ALA A 48 -1.63 -8.69 -4.69
C ALA A 48 -2.86 -9.27 -4.00
N ALA A 49 -3.77 -9.83 -4.78
CA ALA A 49 -4.99 -10.41 -4.25
C ALA A 49 -4.70 -11.73 -3.52
N LEU A 50 -4.00 -12.63 -4.20
CA LEU A 50 -3.65 -13.92 -3.61
C LEU A 50 -2.98 -13.75 -2.25
N SER A 51 -2.19 -12.69 -2.13
CA SER A 51 -1.49 -12.41 -0.88
C SER A 51 -2.47 -12.17 0.26
N GLN A 52 -3.59 -11.52 -0.05
CA GLN A 52 -4.61 -11.23 0.94
C GLN A 52 -4.04 -10.42 2.10
N LYS A 53 -2.99 -9.64 1.80
CA LYS A 53 -2.35 -8.81 2.81
C LYS A 53 -2.73 -7.35 2.63
N MET A 54 -2.98 -6.95 1.38
CA MET A 54 -3.37 -5.58 1.07
C MET A 54 -4.62 -5.54 0.22
N ARG A 55 -5.43 -4.49 0.40
CA ARG A 55 -6.66 -4.34 -0.36
C ARG A 55 -6.95 -2.87 -0.63
N THR A 56 -8.00 -2.60 -1.40
CA THR A 56 -8.39 -1.24 -1.74
C THR A 56 -8.54 -0.39 -0.49
N GLY A 57 -7.74 0.67 -0.38
CA GLY A 57 -7.80 1.55 0.77
C GLY A 57 -6.45 1.74 1.42
N ASP A 58 -5.60 0.74 1.31
CA ASP A 58 -4.26 0.80 1.90
C ASP A 58 -3.45 1.93 1.30
N GLU A 59 -2.61 2.56 2.11
CA GLU A 59 -1.77 3.67 1.65
C GLU A 59 -0.34 3.20 1.42
N LEU A 60 -0.02 2.92 0.16
CA LEU A 60 1.33 2.47 -0.21
C LEU A 60 2.29 3.66 -0.32
N VAL A 61 3.35 3.62 0.48
CA VAL A 61 4.35 4.69 0.46
C VAL A 61 5.72 4.14 0.09
N ASN A 62 5.94 2.86 0.35
CA ASN A 62 7.21 2.23 0.04
C ASN A 62 7.03 1.15 -1.03
N ILE A 63 7.66 1.37 -2.18
CA ILE A 63 7.57 0.42 -3.28
C ILE A 63 8.95 -0.16 -3.63
N ASN A 64 9.08 -1.47 -3.52
CA ASN A 64 10.33 -2.14 -3.83
C ASN A 64 11.46 -1.59 -2.96
N GLY A 65 11.11 -1.16 -1.75
CA GLY A 65 12.11 -0.62 -0.84
C GLY A 65 12.46 0.83 -1.17
N THR A 66 11.61 1.48 -1.95
CA THR A 66 11.85 2.87 -2.33
C THR A 66 10.81 3.80 -1.69
N PRO A 67 11.28 4.67 -0.80
CA PRO A 67 10.41 5.63 -0.11
C PRO A 67 9.87 6.71 -1.04
N LEU A 68 8.54 6.79 -1.14
CA LEU A 68 7.90 7.78 -2.00
C LEU A 68 7.51 9.01 -1.20
N TYR A 69 6.82 9.94 -1.86
CA TYR A 69 6.37 11.17 -1.21
C TYR A 69 4.90 11.44 -1.52
N GLY A 70 4.48 11.12 -2.73
CA GLY A 70 3.10 11.33 -3.13
C GLY A 70 2.89 11.15 -4.62
N SER A 71 3.90 11.51 -5.40
CA SER A 71 3.82 11.39 -6.85
C SER A 71 3.11 10.11 -7.26
N ARG A 72 2.34 10.18 -8.34
CA ARG A 72 1.59 9.03 -8.83
C ARG A 72 2.40 8.27 -9.89
N GLN A 73 2.98 9.02 -10.82
CA GLN A 73 3.77 8.42 -11.89
C GLN A 73 4.94 7.62 -11.31
N GLU A 74 5.88 8.32 -10.71
CA GLU A 74 7.05 7.68 -10.12
C GLU A 74 6.69 6.33 -9.53
N ALA A 75 5.71 6.31 -8.63
CA ALA A 75 5.27 5.08 -8.00
C ALA A 75 5.10 3.97 -9.03
N LEU A 76 4.05 4.08 -9.84
CA LEU A 76 3.77 3.08 -10.86
C LEU A 76 5.02 2.76 -11.67
N ILE A 77 5.74 3.80 -12.08
CA ILE A 77 6.96 3.63 -12.86
C ILE A 77 7.93 2.69 -12.16
N LEU A 78 7.97 2.76 -10.83
CA LEU A 78 8.86 1.91 -10.04
C LEU A 78 8.50 0.44 -10.24
N ILE A 79 7.21 0.13 -10.14
CA ILE A 79 6.75 -1.24 -10.30
C ILE A 79 7.31 -1.86 -11.58
N LYS A 80 7.29 -1.09 -12.65
CA LYS A 80 7.79 -1.57 -13.94
C LYS A 80 9.11 -2.32 -13.76
N GLY A 81 9.93 -1.86 -12.83
CA GLY A 81 11.20 -2.51 -12.57
C GLY A 81 11.05 -3.89 -11.98
N SER A 82 10.02 -4.08 -11.16
CA SER A 82 9.75 -5.36 -10.53
C SER A 82 10.19 -6.51 -11.44
N PHE A 83 10.71 -7.57 -10.83
CA PHE A 83 11.18 -8.73 -11.58
C PHE A 83 10.36 -9.97 -11.24
N ARG A 84 10.61 -10.52 -10.05
CA ARG A 84 9.89 -11.71 -9.60
C ARG A 84 9.28 -11.48 -8.22
N ILE A 85 10.00 -10.77 -7.36
CA ILE A 85 9.54 -10.48 -6.01
C ILE A 85 9.32 -8.98 -5.83
N LEU A 86 8.23 -8.62 -5.16
CA LEU A 86 7.91 -7.21 -4.90
C LEU A 86 7.75 -6.96 -3.40
N LYS A 87 8.15 -5.77 -2.97
CA LYS A 87 8.06 -5.39 -1.56
C LYS A 87 7.36 -4.06 -1.41
N LEU A 88 6.17 -4.08 -0.81
CA LEU A 88 5.40 -2.86 -0.59
C LEU A 88 4.95 -2.74 0.87
N ILE A 89 5.18 -1.57 1.45
CA ILE A 89 4.81 -1.32 2.83
C ILE A 89 3.68 -0.30 2.93
N VAL A 90 2.47 -0.78 3.20
CA VAL A 90 1.31 0.08 3.32
C VAL A 90 0.98 0.38 4.79
N ARG A 91 0.49 1.58 5.05
CA ARG A 91 0.14 1.98 6.41
C ARG A 91 -1.37 2.14 6.56
N ARG A 92 -1.95 1.41 7.50
CA ARG A 92 -3.39 1.48 7.74
C ARG A 92 -3.68 1.68 9.23
N ARG A 93 -3.69 2.94 9.65
CA ARG A 93 -3.95 3.27 11.05
C ARG A 93 -5.02 2.35 11.63
N ASN A 94 -4.74 1.78 12.80
CA ASN A 94 -5.69 0.88 13.45
C ASN A 94 -6.49 1.63 14.52
N SER A 95 -7.81 1.57 14.41
CA SER A 95 -8.69 2.24 15.35
C SER A 95 -8.30 1.90 16.79
N GLY A 96 -8.46 2.86 17.68
CA GLY A 96 -8.12 2.65 19.09
C GLY A 96 -8.83 3.62 20.01
N PRO A 97 -8.25 3.84 21.20
CA PRO A 97 -8.81 4.74 22.21
C PRO A 97 -8.71 6.20 21.78
N SER A 98 -9.72 6.99 22.15
CA SER A 98 -9.75 8.40 21.81
C SER A 98 -8.72 9.18 22.64
N SER A 99 -8.24 10.28 22.08
CA SER A 99 -7.25 11.12 22.76
C SER A 99 -7.55 12.59 22.54
N GLY A 100 -7.11 13.43 23.48
CA GLY A 100 -7.33 14.86 23.36
C GLY A 100 -6.81 15.62 24.57
N GLY A 1 5.60 14.15 31.00
CA GLY A 1 4.15 14.23 31.09
C GLY A 1 3.48 14.01 29.76
N SER A 2 2.26 13.49 29.78
CA SER A 2 1.51 13.22 28.57
C SER A 2 1.10 14.52 27.89
N SER A 3 1.91 14.96 26.93
CA SER A 3 1.64 16.19 26.20
C SER A 3 0.45 16.02 25.26
N GLY A 4 0.58 15.08 24.33
CA GLY A 4 -0.49 14.83 23.38
C GLY A 4 0.02 14.59 21.98
N SER A 5 -0.01 13.34 21.54
CA SER A 5 0.46 12.98 20.20
C SER A 5 -0.71 12.92 19.21
N SER A 6 -0.51 13.54 18.05
CA SER A 6 -1.54 13.56 17.02
C SER A 6 -1.70 12.19 16.39
N GLY A 7 -2.81 11.53 16.73
CA GLY A 7 -3.07 10.20 16.19
C GLY A 7 -2.52 9.09 17.07
N GLY A 8 -2.90 7.85 16.77
CA GLY A 8 -2.43 6.72 17.54
C GLY A 8 -1.18 6.09 16.96
N SER A 9 -1.29 4.83 16.55
CA SER A 9 -0.16 4.12 15.98
C SER A 9 -0.54 3.47 14.65
N PHE A 10 0.32 3.62 13.65
CA PHE A 10 0.08 3.05 12.34
C PHE A 10 0.84 1.74 12.15
N GLN A 11 0.22 0.80 11.44
CA GLN A 11 0.85 -0.50 11.21
C GLN A 11 1.34 -0.61 9.76
N TYR A 12 2.58 -1.03 9.59
CA TYR A 12 3.17 -1.18 8.27
C TYR A 12 3.15 -2.64 7.82
N VAL A 13 2.40 -2.90 6.74
CA VAL A 13 2.30 -4.25 6.20
C VAL A 13 3.14 -4.42 4.95
N PRO A 14 4.38 -4.90 5.12
CA PRO A 14 5.31 -5.12 4.02
C PRO A 14 4.88 -6.26 3.10
N VAL A 15 3.98 -5.97 2.18
CA VAL A 15 3.48 -6.99 1.25
C VAL A 15 4.61 -7.54 0.39
N GLN A 16 4.93 -8.81 0.60
CA GLN A 16 5.99 -9.46 -0.15
C GLN A 16 5.43 -10.37 -1.23
N LEU A 17 5.43 -9.89 -2.47
CA LEU A 17 4.90 -10.67 -3.59
C LEU A 17 5.95 -11.63 -4.14
N GLN A 18 5.50 -12.73 -4.71
CA GLN A 18 6.41 -13.73 -5.27
C GLN A 18 5.86 -14.29 -6.58
N GLY A 19 6.69 -14.30 -7.62
CA GLY A 19 6.27 -14.82 -8.90
C GLY A 19 6.59 -13.86 -10.04
N GLY A 20 6.35 -12.58 -9.81
CA GLY A 20 6.61 -11.58 -10.84
C GLY A 20 5.35 -10.99 -11.42
N ALA A 21 5.45 -9.78 -11.95
CA ALA A 21 4.31 -9.09 -12.55
C ALA A 21 3.75 -9.89 -13.73
N PRO A 22 2.50 -9.60 -14.09
CA PRO A 22 1.69 -8.59 -13.41
C PRO A 22 1.27 -9.02 -12.01
N TRP A 23 1.19 -8.05 -11.10
CA TRP A 23 0.81 -8.33 -9.72
C TRP A 23 -0.70 -8.29 -9.54
N GLY A 24 -1.32 -7.25 -10.10
CA GLY A 24 -2.77 -7.12 -9.99
C GLY A 24 -3.18 -6.09 -8.95
N PHE A 25 -2.48 -4.97 -8.91
CA PHE A 25 -2.77 -3.92 -7.94
C PHE A 25 -2.51 -2.54 -8.55
N THR A 26 -3.34 -1.57 -8.16
CA THR A 26 -3.20 -0.20 -8.67
C THR A 26 -3.41 0.82 -7.56
N LEU A 27 -3.16 2.09 -7.88
CA LEU A 27 -3.31 3.16 -6.90
C LEU A 27 -4.10 4.32 -7.50
N LYS A 28 -4.48 5.27 -6.66
CA LYS A 28 -5.23 6.45 -7.11
C LYS A 28 -4.86 7.68 -6.29
N GLY A 29 -5.24 8.85 -6.78
CA GLY A 29 -4.93 10.08 -6.09
C GLY A 29 -3.51 10.54 -6.29
N GLY A 30 -2.86 10.97 -5.21
CA GLY A 30 -1.49 11.43 -5.30
C GLY A 30 -1.36 12.92 -5.07
N LEU A 31 -0.19 13.35 -4.62
CA LEU A 31 0.06 14.76 -4.35
C LEU A 31 -0.57 15.64 -5.43
N GLU A 32 -0.48 15.19 -6.68
CA GLU A 32 -1.04 15.94 -7.79
C GLU A 32 -2.41 16.51 -7.43
N HIS A 33 -3.32 15.63 -7.02
CA HIS A 33 -4.67 16.05 -6.65
C HIS A 33 -4.82 16.10 -5.13
N CYS A 34 -3.75 16.49 -4.44
CA CYS A 34 -3.76 16.58 -2.99
C CYS A 34 -4.55 15.42 -2.38
N GLU A 35 -4.29 14.21 -2.88
CA GLU A 35 -4.98 13.03 -2.38
C GLU A 35 -3.98 11.96 -1.95
N PRO A 36 -4.32 11.22 -0.88
CA PRO A 36 -3.46 10.14 -0.35
C PRO A 36 -3.38 8.95 -1.29
N LEU A 37 -2.20 8.70 -1.82
CA LEU A 37 -1.99 7.57 -2.73
C LEU A 37 -2.35 6.25 -2.06
N THR A 38 -3.57 5.79 -2.28
CA THR A 38 -4.04 4.54 -1.70
C THR A 38 -4.57 3.60 -2.77
N VAL A 39 -4.32 2.30 -2.61
CA VAL A 39 -4.78 1.30 -3.55
C VAL A 39 -6.15 1.66 -4.11
N SER A 40 -6.29 1.56 -5.42
CA SER A 40 -7.55 1.88 -6.09
C SER A 40 -8.26 0.61 -6.52
N LYS A 41 -7.51 -0.35 -7.05
CA LYS A 41 -8.06 -1.61 -7.50
C LYS A 41 -7.02 -2.73 -7.44
N ILE A 42 -7.48 -3.96 -7.20
CA ILE A 42 -6.58 -5.10 -7.13
C ILE A 42 -7.23 -6.34 -7.74
N GLU A 43 -6.57 -6.89 -8.75
CA GLU A 43 -7.08 -8.09 -9.43
C GLU A 43 -7.50 -9.15 -8.41
N ASP A 44 -8.77 -9.53 -8.46
CA ASP A 44 -9.29 -10.54 -7.55
C ASP A 44 -8.46 -11.82 -7.59
N GLY A 45 -7.82 -12.04 -8.74
CA GLY A 45 -7.00 -13.23 -8.89
C GLY A 45 -5.53 -12.90 -9.11
N GLY A 46 -5.13 -11.69 -8.72
CA GLY A 46 -3.76 -11.26 -8.89
C GLY A 46 -2.93 -11.52 -7.65
N LYS A 47 -1.61 -11.58 -7.82
CA LYS A 47 -0.69 -11.80 -6.71
C LYS A 47 -1.13 -11.02 -5.48
N ALA A 48 -1.31 -9.71 -5.65
CA ALA A 48 -1.72 -8.84 -4.56
C ALA A 48 -2.90 -9.42 -3.81
N ALA A 49 -3.87 -9.97 -4.56
CA ALA A 49 -5.06 -10.56 -3.96
C ALA A 49 -4.72 -11.89 -3.29
N LEU A 50 -3.90 -12.70 -3.96
CA LEU A 50 -3.52 -14.00 -3.44
C LEU A 50 -2.80 -13.86 -2.10
N SER A 51 -1.91 -12.88 -2.01
CA SER A 51 -1.15 -12.63 -0.78
C SER A 51 -2.10 -12.29 0.37
N GLN A 52 -3.19 -11.62 0.04
CA GLN A 52 -4.17 -11.23 1.04
C GLN A 52 -3.54 -10.35 2.11
N LYS A 53 -2.48 -9.63 1.73
CA LYS A 53 -1.79 -8.75 2.65
C LYS A 53 -2.29 -7.31 2.53
N MET A 54 -2.70 -6.95 1.33
CA MET A 54 -3.21 -5.60 1.08
C MET A 54 -4.57 -5.65 0.39
N ARG A 55 -5.22 -4.50 0.27
CA ARG A 55 -6.54 -4.41 -0.36
C ARG A 55 -6.95 -2.96 -0.58
N THR A 56 -7.77 -2.73 -1.60
CA THR A 56 -8.23 -1.39 -1.92
C THR A 56 -8.55 -0.61 -0.65
N GLY A 57 -7.66 0.31 -0.28
CA GLY A 57 -7.87 1.12 0.91
C GLY A 57 -6.59 1.41 1.65
N ASP A 58 -5.53 0.67 1.32
CA ASP A 58 -4.23 0.86 1.95
C ASP A 58 -3.47 2.00 1.28
N GLU A 59 -2.40 2.45 1.94
CA GLU A 59 -1.59 3.54 1.41
C GLU A 59 -0.17 3.05 1.11
N LEU A 60 0.10 2.84 -0.18
CA LEU A 60 1.41 2.37 -0.61
C LEU A 60 2.39 3.54 -0.75
N VAL A 61 3.36 3.58 0.16
CA VAL A 61 4.37 4.64 0.14
C VAL A 61 5.75 4.09 -0.19
N ASN A 62 5.88 2.77 -0.15
CA ASN A 62 7.14 2.11 -0.43
C ASN A 62 6.98 1.04 -1.49
N ILE A 63 7.71 1.17 -2.59
CA ILE A 63 7.64 0.20 -3.68
C ILE A 63 9.02 -0.37 -3.99
N ASN A 64 9.18 -1.67 -3.74
CA ASN A 64 10.45 -2.34 -3.99
C ASN A 64 11.57 -1.74 -3.15
N GLY A 65 11.19 -1.16 -2.00
CA GLY A 65 12.17 -0.55 -1.12
C GLY A 65 12.46 0.89 -1.48
N THR A 66 11.60 1.47 -2.31
CA THR A 66 11.77 2.86 -2.73
C THR A 66 10.72 3.76 -2.08
N PRO A 67 11.18 4.62 -1.16
CA PRO A 67 10.30 5.55 -0.45
C PRO A 67 9.76 6.66 -1.36
N LEU A 68 8.47 6.57 -1.68
CA LEU A 68 7.83 7.56 -2.54
C LEU A 68 7.56 8.86 -1.78
N TYR A 69 7.04 9.85 -2.49
CA TYR A 69 6.73 11.14 -1.88
C TYR A 69 5.33 11.60 -2.25
N GLY A 70 4.43 10.63 -2.46
CA GLY A 70 3.06 10.96 -2.82
C GLY A 70 2.82 10.90 -4.32
N SER A 71 3.88 11.17 -5.08
CA SER A 71 3.79 11.16 -6.54
C SER A 71 3.01 9.94 -7.02
N ARG A 72 2.36 10.07 -8.18
CA ARG A 72 1.57 8.98 -8.75
C ARG A 72 2.38 8.24 -9.81
N GLN A 73 2.77 8.96 -10.85
CA GLN A 73 3.55 8.36 -11.94
C GLN A 73 4.74 7.58 -11.40
N GLU A 74 5.66 8.28 -10.74
CA GLU A 74 6.84 7.64 -10.18
C GLU A 74 6.52 6.24 -9.67
N ALA A 75 5.47 6.13 -8.86
CA ALA A 75 5.05 4.85 -8.32
C ALA A 75 4.87 3.82 -9.43
N LEU A 76 3.78 3.94 -10.17
CA LEU A 76 3.48 3.01 -11.25
C LEU A 76 4.73 2.74 -12.09
N ILE A 77 5.50 3.79 -12.34
CA ILE A 77 6.73 3.66 -13.12
C ILE A 77 7.73 2.73 -12.44
N LEU A 78 7.79 2.82 -11.12
CA LEU A 78 8.71 1.98 -10.34
C LEU A 78 8.36 0.50 -10.52
N ILE A 79 7.08 0.18 -10.41
CA ILE A 79 6.62 -1.20 -10.56
C ILE A 79 6.95 -1.74 -11.94
N LYS A 80 6.68 -0.94 -12.97
CA LYS A 80 6.96 -1.34 -14.34
C LYS A 80 8.20 -2.21 -14.43
N GLY A 81 9.22 -1.87 -13.63
CA GLY A 81 10.45 -2.63 -13.62
C GLY A 81 10.61 -3.46 -12.36
N SER A 82 9.54 -4.14 -11.95
CA SER A 82 9.57 -4.96 -10.76
C SER A 82 10.47 -6.18 -10.96
N PHE A 83 10.52 -7.05 -9.95
CA PHE A 83 11.33 -8.25 -10.01
C PHE A 83 10.54 -9.48 -9.60
N ARG A 84 11.17 -10.64 -9.66
CA ARG A 84 10.52 -11.89 -9.29
C ARG A 84 9.77 -11.74 -7.98
N ILE A 85 10.14 -10.74 -7.19
CA ILE A 85 9.50 -10.49 -5.91
C ILE A 85 9.32 -8.99 -5.66
N LEU A 86 8.14 -8.61 -5.18
CA LEU A 86 7.84 -7.22 -4.90
C LEU A 86 7.71 -6.98 -3.41
N LYS A 87 8.22 -5.83 -2.95
CA LYS A 87 8.16 -5.48 -1.54
C LYS A 87 7.51 -4.11 -1.34
N LEU A 88 6.27 -4.12 -0.85
CA LEU A 88 5.54 -2.88 -0.62
C LEU A 88 5.16 -2.74 0.85
N ILE A 89 5.44 -1.58 1.42
CA ILE A 89 5.12 -1.31 2.82
C ILE A 89 3.92 -0.37 2.94
N VAL A 90 2.73 -0.96 3.04
CA VAL A 90 1.51 -0.16 3.16
C VAL A 90 1.20 0.15 4.63
N ARG A 91 0.49 1.24 4.85
CA ARG A 91 0.13 1.65 6.21
C ARG A 91 -1.38 1.75 6.36
N ARG A 92 -1.91 1.10 7.40
CA ARG A 92 -3.35 1.12 7.65
C ARG A 92 -3.64 1.66 9.06
N ARG A 93 -3.84 2.97 9.15
CA ARG A 93 -4.12 3.61 10.42
C ARG A 93 -5.05 2.74 11.28
N ASN A 94 -4.55 2.30 12.42
CA ASN A 94 -5.33 1.46 13.32
C ASN A 94 -6.69 2.09 13.61
N SER A 95 -6.69 3.39 13.85
CA SER A 95 -7.93 4.13 14.14
C SER A 95 -8.80 4.22 12.90
N GLY A 96 -9.95 3.56 12.94
CA GLY A 96 -10.87 3.59 11.81
C GLY A 96 -12.32 3.41 12.23
N PRO A 97 -13.14 2.90 11.32
CA PRO A 97 -14.57 2.68 11.57
C PRO A 97 -14.81 1.55 12.55
N SER A 98 -13.72 0.97 13.06
CA SER A 98 -13.82 -0.13 14.01
C SER A 98 -12.84 0.08 15.18
N SER A 99 -13.20 0.99 16.08
CA SER A 99 -12.35 1.28 17.23
C SER A 99 -12.31 0.10 18.18
N GLY A 100 -11.13 -0.14 18.76
CA GLY A 100 -10.97 -1.25 19.69
C GLY A 100 -9.58 -1.84 19.67
N GLY A 1 -8.58 -1.82 31.45
CA GLY A 1 -9.55 -0.74 31.28
C GLY A 1 -9.27 0.10 30.06
N SER A 2 -9.14 1.42 30.25
CA SER A 2 -8.88 2.33 29.15
C SER A 2 -7.55 3.05 29.33
N SER A 3 -6.63 2.85 28.39
CA SER A 3 -5.32 3.47 28.46
C SER A 3 -5.42 4.98 28.16
N GLY A 4 -5.92 5.30 26.98
CA GLY A 4 -6.06 6.70 26.59
C GLY A 4 -5.49 6.97 25.21
N SER A 5 -6.32 7.56 24.35
CA SER A 5 -5.89 7.86 22.99
C SER A 5 -4.89 9.01 22.97
N SER A 6 -3.64 8.69 22.68
CA SER A 6 -2.58 9.68 22.63
C SER A 6 -2.15 9.96 21.20
N GLY A 7 -1.95 8.89 20.43
CA GLY A 7 -1.54 9.04 19.05
C GLY A 7 -1.86 7.82 18.21
N GLY A 8 -2.87 7.93 17.36
CA GLY A 8 -3.26 6.81 16.52
C GLY A 8 -2.07 6.12 15.88
N SER A 9 -1.66 4.99 16.45
CA SER A 9 -0.53 4.23 15.93
C SER A 9 -0.84 3.67 14.54
N PHE A 10 0.21 3.42 13.78
CA PHE A 10 0.05 2.89 12.43
C PHE A 10 0.79 1.55 12.29
N GLN A 11 0.26 0.68 11.43
CA GLN A 11 0.87 -0.63 11.21
C GLN A 11 1.38 -0.75 9.77
N TYR A 12 2.66 -1.07 9.63
CA TYR A 12 3.27 -1.23 8.32
C TYR A 12 3.25 -2.68 7.87
N VAL A 13 2.48 -2.95 6.82
CA VAL A 13 2.37 -4.31 6.29
C VAL A 13 3.21 -4.47 5.02
N PRO A 14 4.43 -4.99 5.17
CA PRO A 14 5.35 -5.21 4.05
C PRO A 14 4.88 -6.33 3.13
N VAL A 15 3.99 -6.00 2.19
CA VAL A 15 3.48 -6.98 1.25
C VAL A 15 4.55 -7.42 0.27
N GLN A 16 5.31 -8.45 0.67
CA GLN A 16 6.37 -8.97 -0.18
C GLN A 16 5.83 -10.03 -1.14
N LEU A 17 5.57 -9.60 -2.38
CA LEU A 17 5.06 -10.51 -3.40
C LEU A 17 6.13 -11.47 -3.88
N GLN A 18 5.72 -12.65 -4.34
CA GLN A 18 6.65 -13.65 -4.82
C GLN A 18 6.10 -14.36 -6.06
N GLY A 19 6.90 -14.39 -7.12
CA GLY A 19 6.47 -15.04 -8.35
C GLY A 19 6.66 -14.15 -9.56
N GLY A 20 6.30 -12.88 -9.43
CA GLY A 20 6.44 -11.95 -10.53
C GLY A 20 5.10 -11.52 -11.09
N ALA A 21 5.06 -10.30 -11.63
CA ALA A 21 3.82 -9.78 -12.21
C ALA A 21 3.18 -10.78 -13.15
N PRO A 22 1.92 -10.53 -13.54
CA PRO A 22 1.19 -9.34 -13.08
C PRO A 22 0.83 -9.41 -11.60
N TRP A 23 1.09 -8.34 -10.87
CA TRP A 23 0.79 -8.28 -9.44
C TRP A 23 -0.69 -8.09 -9.20
N GLY A 24 -1.30 -7.17 -9.95
CA GLY A 24 -2.72 -6.90 -9.80
C GLY A 24 -3.02 -5.93 -8.66
N PHE A 25 -2.53 -4.70 -8.80
CA PHE A 25 -2.74 -3.68 -7.78
C PHE A 25 -2.46 -2.29 -8.34
N THR A 26 -3.35 -1.35 -8.02
CA THR A 26 -3.19 0.02 -8.50
C THR A 26 -3.36 1.02 -7.36
N LEU A 27 -3.27 2.30 -7.67
CA LEU A 27 -3.40 3.36 -6.67
C LEU A 27 -4.17 4.55 -7.24
N LYS A 28 -4.73 5.35 -6.34
CA LYS A 28 -5.50 6.54 -6.76
C LYS A 28 -4.93 7.79 -6.11
N GLY A 29 -5.55 8.93 -6.40
CA GLY A 29 -5.10 10.19 -5.84
C GLY A 29 -3.67 10.53 -6.24
N GLY A 30 -2.83 10.80 -5.26
CA GLY A 30 -1.45 11.14 -5.54
C GLY A 30 -1.15 12.61 -5.33
N LEU A 31 0.11 12.93 -5.08
CA LEU A 31 0.52 14.31 -4.86
C LEU A 31 -0.09 15.24 -5.90
N GLU A 32 -0.35 14.69 -7.09
CA GLU A 32 -0.93 15.48 -8.18
C GLU A 32 -2.17 16.23 -7.70
N HIS A 33 -3.07 15.52 -7.02
CA HIS A 33 -4.30 16.11 -6.51
C HIS A 33 -4.28 16.15 -4.98
N CYS A 34 -3.09 16.15 -4.41
CA CYS A 34 -2.94 16.19 -2.95
C CYS A 34 -3.82 15.12 -2.29
N GLU A 35 -3.82 13.93 -2.87
CA GLU A 35 -4.61 12.83 -2.35
C GLU A 35 -3.72 11.71 -1.82
N PRO A 36 -4.20 11.00 -0.79
CA PRO A 36 -3.46 9.89 -0.18
C PRO A 36 -3.34 8.68 -1.10
N LEU A 37 -2.16 8.48 -1.66
CA LEU A 37 -1.92 7.35 -2.56
C LEU A 37 -2.26 6.04 -1.88
N THR A 38 -3.52 5.61 -2.02
CA THR A 38 -3.97 4.36 -1.43
C THR A 38 -4.53 3.41 -2.48
N VAL A 39 -4.33 2.12 -2.27
CA VAL A 39 -4.81 1.11 -3.20
C VAL A 39 -6.15 1.51 -3.81
N SER A 40 -6.19 1.62 -5.14
CA SER A 40 -7.40 2.01 -5.84
C SER A 40 -8.16 0.78 -6.34
N LYS A 41 -7.41 -0.21 -6.85
CA LYS A 41 -8.00 -1.44 -7.35
C LYS A 41 -6.99 -2.58 -7.33
N ILE A 42 -7.48 -3.79 -7.07
CA ILE A 42 -6.61 -4.96 -7.02
C ILE A 42 -7.21 -6.12 -7.82
N GLU A 43 -6.64 -6.37 -9.01
CA GLU A 43 -7.12 -7.44 -9.87
C GLU A 43 -7.24 -8.75 -9.09
N ASP A 44 -8.46 -9.29 -9.04
CA ASP A 44 -8.71 -10.54 -8.33
C ASP A 44 -7.94 -11.69 -8.97
N GLY A 45 -7.13 -12.38 -8.16
CA GLY A 45 -6.36 -13.49 -8.66
C GLY A 45 -4.88 -13.19 -8.72
N GLY A 46 -4.54 -11.96 -9.11
CA GLY A 46 -3.15 -11.57 -9.20
C GLY A 46 -2.38 -11.86 -7.93
N LYS A 47 -1.13 -11.42 -7.88
CA LYS A 47 -0.28 -11.63 -6.72
C LYS A 47 -0.77 -10.81 -5.52
N ALA A 48 -1.03 -9.53 -5.76
CA ALA A 48 -1.50 -8.64 -4.71
C ALA A 48 -2.72 -9.22 -4.01
N ALA A 49 -3.66 -9.75 -4.79
CA ALA A 49 -4.87 -10.34 -4.24
C ALA A 49 -4.57 -11.68 -3.56
N LEU A 50 -3.90 -12.57 -4.29
CA LEU A 50 -3.55 -13.88 -3.76
C LEU A 50 -2.83 -13.76 -2.42
N SER A 51 -1.95 -12.77 -2.32
CA SER A 51 -1.19 -12.55 -1.09
C SER A 51 -2.13 -12.34 0.08
N GLN A 52 -3.23 -11.63 -0.15
CA GLN A 52 -4.21 -11.35 0.89
C GLN A 52 -3.57 -10.56 2.03
N LYS A 53 -2.61 -9.70 1.69
CA LYS A 53 -1.93 -8.88 2.69
C LYS A 53 -2.43 -7.43 2.63
N MET A 54 -2.79 -6.98 1.44
CA MET A 54 -3.27 -5.62 1.25
C MET A 54 -4.54 -5.61 0.40
N ARG A 55 -5.38 -4.60 0.61
CA ARG A 55 -6.62 -4.48 -0.14
C ARG A 55 -6.94 -3.01 -0.43
N THR A 56 -7.97 -2.78 -1.24
CA THR A 56 -8.37 -1.43 -1.59
C THR A 56 -8.58 -0.57 -0.35
N GLY A 57 -7.82 0.53 -0.27
CA GLY A 57 -7.94 1.42 0.87
C GLY A 57 -6.61 1.65 1.55
N ASP A 58 -5.75 0.63 1.55
CA ASP A 58 -4.43 0.74 2.17
C ASP A 58 -3.63 1.88 1.56
N GLU A 59 -2.76 2.47 2.36
CA GLU A 59 -1.92 3.58 1.89
C GLU A 59 -0.52 3.09 1.53
N LEU A 60 -0.23 3.06 0.23
CA LEU A 60 1.06 2.61 -0.25
C LEU A 60 2.02 3.79 -0.41
N VAL A 61 3.13 3.73 0.32
CA VAL A 61 4.13 4.79 0.27
C VAL A 61 5.50 4.24 -0.12
N ASN A 62 5.66 2.93 -0.02
CA ASN A 62 6.91 2.27 -0.35
C ASN A 62 6.70 1.19 -1.41
N ILE A 63 7.47 1.27 -2.48
CA ILE A 63 7.37 0.29 -3.57
C ILE A 63 8.74 -0.22 -3.98
N ASN A 64 8.85 -1.54 -4.13
CA ASN A 64 10.12 -2.16 -4.52
C ASN A 64 11.25 -1.69 -3.62
N GLY A 65 10.91 -1.27 -2.41
CA GLY A 65 11.92 -0.81 -1.47
C GLY A 65 12.32 0.64 -1.73
N THR A 66 11.41 1.41 -2.29
CA THR A 66 11.68 2.81 -2.59
C THR A 66 10.61 3.73 -2.00
N PRO A 67 11.04 4.65 -1.12
CA PRO A 67 10.15 5.59 -0.46
C PRO A 67 9.59 6.63 -1.43
N LEU A 68 8.38 6.40 -1.92
CA LEU A 68 7.74 7.31 -2.86
C LEU A 68 7.68 8.72 -2.28
N TYR A 69 7.22 9.67 -3.10
CA TYR A 69 7.12 11.06 -2.67
C TYR A 69 5.76 11.65 -3.04
N GLY A 70 4.72 10.82 -2.93
CA GLY A 70 3.39 11.27 -3.27
C GLY A 70 3.05 11.07 -4.73
N SER A 71 3.82 11.69 -5.61
CA SER A 71 3.59 11.58 -7.05
C SER A 71 3.17 10.16 -7.42
N ARG A 72 2.12 10.05 -8.23
CA ARG A 72 1.62 8.76 -8.66
C ARG A 72 2.56 8.11 -9.67
N GLN A 73 2.84 8.82 -10.76
CA GLN A 73 3.72 8.31 -11.79
C GLN A 73 4.84 7.47 -11.19
N GLU A 74 5.76 8.12 -10.50
CA GLU A 74 6.88 7.42 -9.86
C GLU A 74 6.45 6.03 -9.39
N ALA A 75 5.35 5.98 -8.65
CA ALA A 75 4.83 4.71 -8.13
C ALA A 75 4.62 3.70 -9.25
N LEU A 76 3.57 3.90 -10.04
CA LEU A 76 3.25 3.01 -11.14
C LEU A 76 4.51 2.67 -11.94
N ILE A 77 5.25 3.71 -12.33
CA ILE A 77 6.48 3.52 -13.10
C ILE A 77 7.43 2.56 -12.39
N LEU A 78 7.56 2.72 -11.07
CA LEU A 78 8.43 1.86 -10.28
C LEU A 78 8.07 0.40 -10.47
N ILE A 79 6.80 0.08 -10.34
CA ILE A 79 6.32 -1.29 -10.50
C ILE A 79 6.90 -1.93 -11.76
N LYS A 80 6.75 -1.24 -12.89
CA LYS A 80 7.27 -1.75 -14.16
C LYS A 80 8.65 -2.37 -13.98
N GLY A 81 9.37 -1.92 -12.96
CA GLY A 81 10.69 -2.46 -12.69
C GLY A 81 10.65 -3.84 -12.08
N SER A 82 9.69 -4.06 -11.18
CA SER A 82 9.56 -5.35 -10.51
C SER A 82 9.97 -6.49 -11.44
N PHE A 83 10.65 -7.48 -10.88
CA PHE A 83 11.11 -8.63 -11.65
C PHE A 83 10.32 -9.88 -11.28
N ARG A 84 10.61 -10.44 -10.12
CA ARG A 84 9.92 -11.64 -9.66
C ARG A 84 9.35 -11.45 -8.26
N ILE A 85 10.03 -10.63 -7.46
CA ILE A 85 9.59 -10.36 -6.10
C ILE A 85 9.38 -8.85 -5.89
N LEU A 86 8.22 -8.49 -5.35
CA LEU A 86 7.89 -7.10 -5.10
C LEU A 86 7.87 -6.81 -3.59
N LYS A 87 8.11 -5.56 -3.23
CA LYS A 87 8.12 -5.16 -1.83
C LYS A 87 7.37 -3.85 -1.64
N LEU A 88 6.26 -3.90 -0.91
CA LEU A 88 5.45 -2.72 -0.65
C LEU A 88 5.08 -2.62 0.82
N ILE A 89 5.28 -1.44 1.41
CA ILE A 89 4.95 -1.22 2.81
C ILE A 89 3.77 -0.26 2.97
N VAL A 90 2.60 -0.83 3.21
CA VAL A 90 1.39 -0.03 3.38
C VAL A 90 1.15 0.31 4.85
N ARG A 91 0.44 1.41 5.09
CA ARG A 91 0.15 1.83 6.45
C ARG A 91 -1.36 1.93 6.67
N ARG A 92 -1.86 1.16 7.64
CA ARG A 92 -3.28 1.15 7.94
C ARG A 92 -3.53 1.63 9.38
N ARG A 93 -4.26 2.72 9.51
CA ARG A 93 -4.57 3.28 10.83
C ARG A 93 -5.03 2.18 11.79
N ASN A 94 -4.42 2.14 12.97
CA ASN A 94 -4.76 1.14 13.97
C ASN A 94 -6.27 1.09 14.19
N SER A 95 -6.87 2.24 14.47
CA SER A 95 -8.30 2.32 14.70
C SER A 95 -8.99 3.10 13.58
N GLY A 96 -9.82 2.40 12.80
CA GLY A 96 -10.52 3.04 11.71
C GLY A 96 -10.88 2.06 10.60
N PRO A 97 -12.01 1.36 10.76
CA PRO A 97 -12.48 0.39 9.78
C PRO A 97 -12.95 1.04 8.48
N SER A 98 -13.69 2.14 8.61
CA SER A 98 -14.21 2.86 7.45
C SER A 98 -14.80 4.19 7.86
N SER A 99 -14.85 5.13 6.92
CA SER A 99 -15.40 6.45 7.19
C SER A 99 -16.92 6.46 7.06
N GLY A 100 -17.60 6.39 8.20
CA GLY A 100 -19.05 6.38 8.19
C GLY A 100 -19.62 5.19 8.93
N GLY A 1 10.86 0.42 31.72
CA GLY A 1 11.65 0.81 30.56
C GLY A 1 11.07 2.01 29.83
N SER A 2 11.04 1.94 28.51
CA SER A 2 10.50 3.03 27.70
C SER A 2 9.04 3.31 28.06
N SER A 3 8.84 4.29 28.94
CA SER A 3 7.50 4.66 29.36
C SER A 3 6.87 5.65 28.39
N GLY A 4 5.96 5.16 27.55
CA GLY A 4 5.30 6.02 26.59
C GLY A 4 3.80 5.83 26.58
N SER A 5 3.06 6.92 26.35
CA SER A 5 1.62 6.88 26.32
C SER A 5 1.12 5.90 25.26
N SER A 6 -0.16 5.55 25.34
CA SER A 6 -0.76 4.62 24.38
C SER A 6 -2.16 5.06 24.00
N GLY A 7 -2.48 4.91 22.71
CA GLY A 7 -3.79 5.31 22.23
C GLY A 7 -3.72 6.01 20.89
N GLY A 8 -3.41 5.26 19.83
CA GLY A 8 -3.31 5.83 18.51
C GLY A 8 -1.96 5.61 17.87
N SER A 9 -1.87 4.59 17.01
CA SER A 9 -0.62 4.26 16.34
C SER A 9 -0.89 3.74 14.93
N PHE A 10 0.18 3.67 14.13
CA PHE A 10 0.06 3.17 12.76
C PHE A 10 0.70 1.80 12.62
N GLN A 11 0.30 1.07 11.58
CA GLN A 11 0.83 -0.26 11.33
C GLN A 11 1.30 -0.40 9.88
N TYR A 12 2.56 -0.78 9.71
CA TYR A 12 3.14 -0.94 8.38
C TYR A 12 3.08 -2.41 7.94
N VAL A 13 2.34 -2.68 6.88
CA VAL A 13 2.21 -4.04 6.37
C VAL A 13 3.03 -4.22 5.10
N PRO A 14 4.28 -4.71 5.27
CA PRO A 14 5.19 -4.95 4.14
C PRO A 14 4.75 -6.11 3.26
N VAL A 15 4.01 -5.80 2.20
CA VAL A 15 3.52 -6.82 1.28
C VAL A 15 4.63 -7.30 0.35
N GLN A 16 5.12 -8.51 0.61
CA GLN A 16 6.19 -9.10 -0.20
C GLN A 16 5.63 -10.15 -1.16
N LEU A 17 5.72 -9.87 -2.45
CA LEU A 17 5.23 -10.79 -3.46
C LEU A 17 6.35 -11.71 -3.96
N GLN A 18 5.96 -12.86 -4.50
CA GLN A 18 6.93 -13.82 -5.00
C GLN A 18 6.39 -14.53 -6.24
N GLY A 19 7.14 -14.45 -7.33
CA GLY A 19 6.72 -15.09 -8.57
C GLY A 19 6.95 -14.20 -9.78
N GLY A 20 6.69 -12.91 -9.63
CA GLY A 20 6.87 -11.98 -10.73
C GLY A 20 5.56 -11.41 -11.24
N ALA A 21 5.63 -10.24 -11.85
CA ALA A 21 4.43 -9.58 -12.37
C ALA A 21 3.84 -10.39 -13.53
N PRO A 22 2.57 -10.09 -13.87
CA PRO A 22 1.79 -9.06 -13.17
C PRO A 22 1.42 -9.47 -11.75
N TRP A 23 0.80 -8.56 -11.01
CA TRP A 23 0.39 -8.84 -9.64
C TRP A 23 -1.11 -8.69 -9.47
N GLY A 24 -1.66 -7.60 -9.99
CA GLY A 24 -3.08 -7.35 -9.89
C GLY A 24 -3.42 -6.30 -8.87
N PHE A 25 -2.82 -5.12 -9.00
CA PHE A 25 -3.06 -4.02 -8.08
C PHE A 25 -2.75 -2.68 -8.72
N THR A 26 -3.53 -1.67 -8.37
CA THR A 26 -3.34 -0.33 -8.93
C THR A 26 -3.41 0.74 -7.83
N LEU A 27 -3.20 1.99 -8.22
CA LEU A 27 -3.24 3.09 -7.28
C LEU A 27 -3.99 4.29 -7.86
N LYS A 28 -4.45 5.18 -6.99
CA LYS A 28 -5.18 6.37 -7.43
C LYS A 28 -4.85 7.56 -6.54
N GLY A 29 -5.18 8.75 -7.01
CA GLY A 29 -4.92 9.96 -6.25
C GLY A 29 -3.48 10.42 -6.37
N GLY A 30 -2.87 10.77 -5.24
CA GLY A 30 -1.49 11.23 -5.26
C GLY A 30 -1.37 12.71 -4.95
N LEU A 31 -0.19 13.14 -4.52
CA LEU A 31 0.05 14.54 -4.20
C LEU A 31 -0.45 15.46 -5.31
N GLU A 32 -0.22 15.05 -6.55
CA GLU A 32 -0.66 15.83 -7.69
C GLU A 32 -2.11 16.29 -7.53
N HIS A 33 -2.95 15.40 -7.00
CA HIS A 33 -4.35 15.72 -6.79
C HIS A 33 -4.66 15.85 -5.30
N CYS A 34 -3.69 16.34 -4.54
CA CYS A 34 -3.85 16.52 -3.10
C CYS A 34 -4.63 15.36 -2.50
N GLU A 35 -4.26 14.14 -2.88
CA GLU A 35 -4.93 12.94 -2.39
C GLU A 35 -3.92 11.90 -1.95
N PRO A 36 -4.24 11.15 -0.88
CA PRO A 36 -3.38 10.10 -0.35
C PRO A 36 -3.29 8.89 -1.28
N LEU A 37 -2.10 8.67 -1.83
CA LEU A 37 -1.89 7.55 -2.75
C LEU A 37 -2.23 6.23 -2.07
N THR A 38 -3.36 5.65 -2.45
CA THR A 38 -3.81 4.39 -1.89
C THR A 38 -4.32 3.44 -2.97
N VAL A 39 -4.33 2.15 -2.67
CA VAL A 39 -4.80 1.15 -3.63
C VAL A 39 -6.13 1.54 -4.23
N SER A 40 -6.18 1.63 -5.55
CA SER A 40 -7.40 2.00 -6.26
C SER A 40 -8.23 0.76 -6.60
N LYS A 41 -7.55 -0.28 -7.08
CA LYS A 41 -8.21 -1.52 -7.44
C LYS A 41 -7.24 -2.69 -7.41
N ILE A 42 -7.76 -3.88 -7.14
CA ILE A 42 -6.94 -5.08 -7.07
C ILE A 42 -7.60 -6.24 -7.82
N GLU A 43 -6.91 -6.73 -8.85
CA GLU A 43 -7.43 -7.84 -9.65
C GLU A 43 -7.80 -9.02 -8.75
N ASP A 44 -9.09 -9.36 -8.72
CA ASP A 44 -9.57 -10.47 -7.92
C ASP A 44 -9.04 -11.80 -8.45
N GLY A 45 -7.88 -12.21 -7.95
CA GLY A 45 -7.29 -13.46 -8.39
C GLY A 45 -5.80 -13.34 -8.64
N GLY A 46 -5.33 -12.10 -8.83
CA GLY A 46 -3.92 -11.88 -9.09
C GLY A 46 -3.06 -12.12 -7.86
N LYS A 47 -1.77 -11.87 -7.99
CA LYS A 47 -0.84 -12.06 -6.88
C LYS A 47 -1.19 -11.16 -5.71
N ALA A 48 -1.33 -9.86 -5.97
CA ALA A 48 -1.67 -8.90 -4.95
C ALA A 48 -2.86 -9.38 -4.12
N ALA A 49 -3.85 -9.97 -4.79
CA ALA A 49 -5.04 -10.47 -4.13
C ALA A 49 -4.74 -11.76 -3.38
N LEU A 50 -4.10 -12.70 -4.07
CA LEU A 50 -3.75 -13.99 -3.47
C LEU A 50 -2.97 -13.79 -2.18
N SER A 51 -2.14 -12.76 -2.15
CA SER A 51 -1.33 -12.46 -0.98
C SER A 51 -2.20 -12.17 0.24
N GLN A 52 -3.32 -11.49 0.00
CA GLN A 52 -4.24 -11.14 1.08
C GLN A 52 -3.55 -10.30 2.14
N LYS A 53 -2.61 -9.47 1.71
CA LYS A 53 -1.87 -8.60 2.62
C LYS A 53 -2.31 -7.15 2.47
N MET A 54 -2.76 -6.80 1.27
CA MET A 54 -3.21 -5.43 1.00
C MET A 54 -4.59 -5.45 0.36
N ARG A 55 -5.35 -4.38 0.59
CA ARG A 55 -6.70 -4.27 0.03
C ARG A 55 -7.02 -2.82 -0.32
N THR A 56 -7.94 -2.64 -1.27
CA THR A 56 -8.34 -1.30 -1.69
C THR A 56 -8.61 -0.39 -0.50
N GLY A 57 -7.66 0.48 -0.20
CA GLY A 57 -7.81 1.40 0.93
C GLY A 57 -6.52 1.61 1.68
N ASP A 58 -5.48 0.87 1.30
CA ASP A 58 -4.18 0.98 1.95
C ASP A 58 -3.35 2.09 1.30
N GLU A 59 -2.45 2.68 2.09
CA GLU A 59 -1.59 3.75 1.59
C GLU A 59 -0.18 3.23 1.32
N LEU A 60 0.18 3.17 0.04
CA LEU A 60 1.51 2.69 -0.35
C LEU A 60 2.48 3.86 -0.52
N VAL A 61 3.57 3.82 0.23
CA VAL A 61 4.58 4.88 0.17
C VAL A 61 5.94 4.31 -0.22
N ASN A 62 6.11 3.00 -0.01
CA ASN A 62 7.36 2.34 -0.34
C ASN A 62 7.16 1.26 -1.40
N ILE A 63 7.84 1.42 -2.53
CA ILE A 63 7.73 0.45 -3.63
C ILE A 63 9.10 -0.02 -4.08
N ASN A 64 9.34 -1.33 -3.97
CA ASN A 64 10.61 -1.90 -4.37
C ASN A 64 11.76 -1.35 -3.53
N GLY A 65 11.45 -0.99 -2.29
CA GLY A 65 12.47 -0.45 -1.40
C GLY A 65 12.76 1.01 -1.69
N THR A 66 11.98 1.60 -2.59
CA THR A 66 12.17 3.00 -2.96
C THR A 66 11.10 3.88 -2.31
N PRO A 67 11.53 4.75 -1.39
CA PRO A 67 10.63 5.67 -0.68
C PRO A 67 10.07 6.76 -1.60
N LEU A 68 8.85 6.56 -2.07
CA LEU A 68 8.21 7.52 -2.95
C LEU A 68 8.07 8.88 -2.28
N TYR A 69 7.45 9.82 -2.97
CA TYR A 69 7.26 11.16 -2.44
C TYR A 69 5.81 11.62 -2.61
N GLY A 70 4.89 10.66 -2.60
CA GLY A 70 3.48 10.97 -2.75
C GLY A 70 3.03 10.91 -4.20
N SER A 71 3.91 11.33 -5.11
CA SER A 71 3.59 11.31 -6.53
C SER A 71 2.95 10.00 -6.94
N ARG A 72 2.36 9.97 -8.13
CA ARG A 72 1.69 8.79 -8.63
C ARG A 72 2.53 8.12 -9.73
N GLN A 73 2.94 8.92 -10.70
CA GLN A 73 3.75 8.42 -11.82
C GLN A 73 4.87 7.51 -11.31
N GLU A 74 5.84 8.12 -10.64
CA GLU A 74 6.97 7.37 -10.11
C GLU A 74 6.53 5.98 -9.64
N ALA A 75 5.49 5.95 -8.82
CA ALA A 75 4.97 4.68 -8.30
C ALA A 75 4.72 3.69 -9.43
N LEU A 76 3.64 3.91 -10.18
CA LEU A 76 3.28 3.03 -11.28
C LEU A 76 4.51 2.72 -12.14
N ILE A 77 5.23 3.76 -12.54
CA ILE A 77 6.42 3.60 -13.36
C ILE A 77 7.38 2.57 -12.74
N LEU A 78 7.51 2.62 -11.42
CA LEU A 78 8.39 1.69 -10.70
C LEU A 78 7.94 0.25 -10.90
N ILE A 79 6.65 0.01 -10.63
CA ILE A 79 6.10 -1.33 -10.78
C ILE A 79 6.31 -1.87 -12.18
N LYS A 80 6.00 -1.05 -13.18
CA LYS A 80 6.17 -1.44 -14.57
C LYS A 80 7.38 -2.35 -14.75
N GLY A 81 8.51 -1.93 -14.21
CA GLY A 81 9.73 -2.72 -14.31
C GLY A 81 10.01 -3.51 -13.04
N SER A 82 8.97 -4.14 -12.50
CA SER A 82 9.11 -4.93 -11.28
C SER A 82 10.02 -6.13 -11.52
N PHE A 83 10.20 -6.95 -10.48
CA PHE A 83 11.05 -8.12 -10.57
C PHE A 83 10.33 -9.36 -10.05
N ARG A 84 11.03 -10.48 -10.00
CA ARG A 84 10.45 -11.73 -9.53
C ARG A 84 9.74 -11.53 -8.20
N ILE A 85 10.31 -10.71 -7.34
CA ILE A 85 9.72 -10.43 -6.03
C ILE A 85 9.47 -8.93 -5.85
N LEU A 86 8.29 -8.58 -5.35
CA LEU A 86 7.93 -7.20 -5.12
C LEU A 86 7.85 -6.89 -3.64
N LYS A 87 8.32 -5.70 -3.25
CA LYS A 87 8.30 -5.28 -1.86
C LYS A 87 7.60 -3.93 -1.70
N LEU A 88 6.50 -3.93 -0.95
CA LEU A 88 5.74 -2.70 -0.73
C LEU A 88 5.33 -2.59 0.73
N ILE A 89 5.47 -1.38 1.29
CA ILE A 89 5.12 -1.14 2.68
C ILE A 89 3.95 -0.15 2.79
N VAL A 90 2.77 -0.67 3.10
CA VAL A 90 1.58 0.18 3.23
C VAL A 90 1.25 0.43 4.69
N ARG A 91 0.79 1.64 4.99
CA ARG A 91 0.43 2.00 6.35
C ARG A 91 -1.09 2.13 6.50
N ARG A 92 -1.62 1.47 7.54
CA ARG A 92 -3.06 1.51 7.79
C ARG A 92 -3.34 1.82 9.26
N ARG A 93 -3.97 2.97 9.50
CA ARG A 93 -4.30 3.38 10.86
C ARG A 93 -4.94 2.24 11.64
N ASN A 94 -4.72 2.22 12.94
CA ASN A 94 -5.28 1.17 13.80
C ASN A 94 -6.80 1.30 13.90
N SER A 95 -7.27 2.54 14.01
CA SER A 95 -8.71 2.79 14.11
C SER A 95 -9.40 2.56 12.77
N GLY A 96 -10.53 1.86 12.80
CA GLY A 96 -11.26 1.58 11.57
C GLY A 96 -12.44 2.52 11.37
N PRO A 97 -13.02 2.49 10.16
CA PRO A 97 -14.16 3.34 9.82
C PRO A 97 -15.43 2.93 10.56
N SER A 98 -15.62 1.63 10.69
CA SER A 98 -16.81 1.09 11.37
C SER A 98 -17.13 1.92 12.61
N SER A 99 -18.17 2.73 12.52
CA SER A 99 -18.58 3.57 13.64
C SER A 99 -19.66 2.89 14.47
N GLY A 100 -20.02 3.50 15.59
CA GLY A 100 -21.03 2.93 16.46
C GLY A 100 -22.36 3.65 16.34
N GLY A 1 9.57 0.55 26.05
CA GLY A 1 8.13 0.44 25.91
C GLY A 1 7.43 1.79 26.01
N SER A 2 6.32 1.93 25.29
CA SER A 2 5.56 3.18 25.30
C SER A 2 4.76 3.31 26.59
N SER A 3 5.00 4.39 27.33
CA SER A 3 4.30 4.63 28.58
C SER A 3 3.56 5.97 28.53
N GLY A 4 2.23 5.90 28.38
CA GLY A 4 1.43 7.11 28.32
C GLY A 4 0.24 6.97 27.40
N SER A 5 -0.37 8.09 27.04
CA SER A 5 -1.53 8.09 26.15
C SER A 5 -1.10 8.27 24.71
N SER A 6 -1.34 7.24 23.89
CA SER A 6 -0.99 7.27 22.47
C SER A 6 -2.14 7.80 21.64
N GLY A 7 -1.81 8.45 20.53
CA GLY A 7 -2.84 8.99 19.65
C GLY A 7 -2.39 9.04 18.20
N GLY A 8 -2.26 7.87 17.59
CA GLY A 8 -1.84 7.81 16.20
C GLY A 8 -0.91 6.64 15.93
N SER A 9 -1.49 5.50 15.54
CA SER A 9 -0.71 4.31 15.26
C SER A 9 -0.94 3.83 13.82
N PHE A 10 -0.02 3.01 13.32
CA PHE A 10 -0.13 2.49 11.96
C PHE A 10 0.53 1.11 11.86
N GLN A 11 -0.06 0.24 11.04
CA GLN A 11 0.47 -1.10 10.86
C GLN A 11 1.19 -1.23 9.51
N TYR A 12 2.50 -1.32 9.56
CA TYR A 12 3.31 -1.44 8.35
C TYR A 12 3.49 -2.91 7.96
N VAL A 13 2.71 -3.34 6.97
CA VAL A 13 2.79 -4.72 6.50
C VAL A 13 3.45 -4.80 5.13
N PRO A 14 4.73 -5.21 5.11
CA PRO A 14 5.51 -5.33 3.88
C PRO A 14 5.03 -6.49 3.01
N VAL A 15 4.03 -6.22 2.17
CA VAL A 15 3.48 -7.24 1.29
C VAL A 15 4.54 -7.78 0.34
N GLN A 16 5.20 -8.85 0.76
CA GLN A 16 6.25 -9.47 -0.05
C GLN A 16 5.66 -10.43 -1.06
N LEU A 17 5.56 -9.99 -2.31
CA LEU A 17 5.01 -10.81 -3.38
C LEU A 17 6.03 -11.83 -3.87
N GLN A 18 5.61 -12.71 -4.77
CA GLN A 18 6.50 -13.73 -5.32
C GLN A 18 5.99 -14.21 -6.68
N GLY A 19 6.92 -14.45 -7.60
CA GLY A 19 6.55 -14.91 -8.93
C GLY A 19 6.92 -13.92 -10.01
N GLY A 20 6.61 -12.64 -9.78
CA GLY A 20 6.92 -11.61 -10.75
C GLY A 20 5.67 -10.98 -11.34
N ALA A 21 5.84 -9.78 -11.90
CA ALA A 21 4.71 -9.07 -12.51
C ALA A 21 4.09 -9.89 -13.64
N PRO A 22 2.81 -9.62 -13.92
CA PRO A 22 2.03 -8.60 -13.20
C PRO A 22 1.73 -9.02 -11.77
N TRP A 23 1.04 -8.15 -11.03
CA TRP A 23 0.68 -8.43 -9.65
C TRP A 23 -0.83 -8.38 -9.46
N GLY A 24 -1.45 -7.31 -9.95
CA GLY A 24 -2.89 -7.15 -9.82
C GLY A 24 -3.27 -6.14 -8.75
N PHE A 25 -2.68 -4.96 -8.82
CA PHE A 25 -2.96 -3.91 -7.86
C PHE A 25 -2.72 -2.52 -8.47
N THR A 26 -3.70 -1.64 -8.32
CA THR A 26 -3.61 -0.29 -8.85
C THR A 26 -3.67 0.75 -7.73
N LEU A 27 -3.50 2.01 -8.10
CA LEU A 27 -3.55 3.10 -7.13
C LEU A 27 -4.32 4.30 -7.68
N LYS A 28 -4.54 5.30 -6.84
CA LYS A 28 -5.26 6.50 -7.24
C LYS A 28 -4.93 7.67 -6.32
N GLY A 29 -5.33 8.87 -6.72
CA GLY A 29 -5.07 10.05 -5.92
C GLY A 29 -3.64 10.54 -6.07
N GLY A 30 -3.05 10.98 -4.97
CA GLY A 30 -1.68 11.48 -5.00
C GLY A 30 -1.61 12.98 -4.81
N LEU A 31 -0.42 13.47 -4.48
CA LEU A 31 -0.21 14.90 -4.27
C LEU A 31 -0.84 15.71 -5.38
N GLU A 32 -0.73 15.21 -6.62
CA GLU A 32 -1.29 15.90 -7.78
C GLU A 32 -2.71 16.38 -7.48
N HIS A 33 -3.55 15.48 -7.01
CA HIS A 33 -4.94 15.81 -6.69
C HIS A 33 -5.12 16.00 -5.20
N CYS A 34 -4.00 16.18 -4.49
CA CYS A 34 -4.04 16.36 -3.04
C CYS A 34 -4.73 15.19 -2.36
N GLU A 35 -4.54 13.99 -2.90
CA GLU A 35 -5.14 12.78 -2.35
C GLU A 35 -4.07 11.81 -1.87
N PRO A 36 -4.37 11.09 -0.79
CA PRO A 36 -3.44 10.10 -0.22
C PRO A 36 -3.26 8.88 -1.11
N LEU A 37 -2.24 8.90 -1.94
CA LEU A 37 -1.96 7.79 -2.84
C LEU A 37 -2.25 6.45 -2.17
N THR A 38 -3.40 5.88 -2.50
CA THR A 38 -3.81 4.60 -1.92
C THR A 38 -4.37 3.67 -2.99
N VAL A 39 -4.31 2.37 -2.74
CA VAL A 39 -4.81 1.38 -3.67
C VAL A 39 -6.18 1.78 -4.22
N SER A 40 -6.36 1.63 -5.53
CA SER A 40 -7.62 1.97 -6.17
C SER A 40 -8.41 0.73 -6.53
N LYS A 41 -7.70 -0.32 -6.94
CA LYS A 41 -8.34 -1.58 -7.31
C LYS A 41 -7.32 -2.70 -7.40
N ILE A 42 -7.68 -3.88 -6.90
CA ILE A 42 -6.79 -5.03 -6.93
C ILE A 42 -7.43 -6.21 -7.67
N GLU A 43 -6.86 -6.57 -8.80
CA GLU A 43 -7.38 -7.68 -9.60
C GLU A 43 -7.62 -8.91 -8.73
N ASP A 44 -8.89 -9.19 -8.46
CA ASP A 44 -9.26 -10.34 -7.63
C ASP A 44 -8.77 -11.64 -8.27
N GLY A 45 -7.62 -12.13 -7.80
CA GLY A 45 -7.07 -13.36 -8.33
C GLY A 45 -5.58 -13.26 -8.60
N GLY A 46 -5.11 -12.03 -8.86
CA GLY A 46 -3.70 -11.83 -9.13
C GLY A 46 -2.84 -12.05 -7.90
N LYS A 47 -1.58 -11.62 -7.98
CA LYS A 47 -0.66 -11.76 -6.86
C LYS A 47 -1.11 -10.93 -5.67
N ALA A 48 -1.20 -9.62 -5.86
CA ALA A 48 -1.62 -8.72 -4.80
C ALA A 48 -2.78 -9.31 -4.00
N ALA A 49 -3.79 -9.79 -4.71
CA ALA A 49 -4.96 -10.39 -4.08
C ALA A 49 -4.61 -11.73 -3.43
N LEU A 50 -4.09 -12.65 -4.24
CA LEU A 50 -3.72 -13.97 -3.75
C LEU A 50 -2.90 -13.86 -2.46
N SER A 51 -2.10 -12.81 -2.35
CA SER A 51 -1.28 -12.60 -1.17
C SER A 51 -2.15 -12.30 0.05
N GLN A 52 -3.20 -11.52 -0.16
CA GLN A 52 -4.11 -11.16 0.92
C GLN A 52 -3.39 -10.36 2.00
N LYS A 53 -2.34 -9.64 1.60
CA LYS A 53 -1.57 -8.83 2.52
C LYS A 53 -2.06 -7.39 2.53
N MET A 54 -2.54 -6.93 1.38
CA MET A 54 -3.05 -5.57 1.26
C MET A 54 -4.43 -5.56 0.60
N ARG A 55 -5.16 -4.46 0.77
CA ARG A 55 -6.49 -4.33 0.20
C ARG A 55 -6.76 -2.88 -0.19
N THR A 56 -7.73 -2.70 -1.11
CA THR A 56 -8.08 -1.36 -1.57
C THR A 56 -8.31 -0.41 -0.40
N GLY A 57 -7.59 0.69 -0.39
CA GLY A 57 -7.74 1.67 0.67
C GLY A 57 -6.46 1.85 1.46
N ASP A 58 -5.42 1.08 1.12
CA ASP A 58 -4.15 1.17 1.81
C ASP A 58 -3.26 2.23 1.18
N GLU A 59 -2.32 2.76 1.96
CA GLU A 59 -1.42 3.79 1.48
C GLU A 59 -0.04 3.21 1.20
N LEU A 60 0.30 3.10 -0.09
CA LEU A 60 1.60 2.57 -0.49
C LEU A 60 2.63 3.68 -0.63
N VAL A 61 3.56 3.75 0.34
CA VAL A 61 4.60 4.76 0.32
C VAL A 61 5.96 4.15 -0.02
N ASN A 62 5.99 2.83 -0.08
CA ASN A 62 7.23 2.11 -0.40
C ASN A 62 6.98 1.01 -1.42
N ILE A 63 7.65 1.09 -2.55
CA ILE A 63 7.51 0.09 -3.61
C ILE A 63 8.86 -0.52 -3.98
N ASN A 64 8.99 -1.83 -3.75
CA ASN A 64 10.21 -2.54 -4.06
C ASN A 64 11.38 -1.97 -3.27
N GLY A 65 11.09 -1.40 -2.10
CA GLY A 65 12.12 -0.83 -1.26
C GLY A 65 12.43 0.61 -1.62
N THR A 66 11.55 1.21 -2.43
CA THR A 66 11.74 2.60 -2.85
C THR A 66 10.77 3.52 -2.12
N PRO A 67 11.30 4.31 -1.18
CA PRO A 67 10.50 5.25 -0.39
C PRO A 67 10.01 6.43 -1.23
N LEU A 68 8.73 6.39 -1.60
CA LEU A 68 8.13 7.44 -2.41
C LEU A 68 7.87 8.69 -1.56
N TYR A 69 7.43 9.76 -2.22
CA TYR A 69 7.14 11.01 -1.52
C TYR A 69 5.65 11.34 -1.60
N GLY A 70 5.07 11.17 -2.78
CA GLY A 70 3.66 11.44 -2.96
C GLY A 70 3.22 11.29 -4.40
N SER A 71 4.08 11.69 -5.32
CA SER A 71 3.76 11.59 -6.75
C SER A 71 3.12 10.24 -7.07
N ARG A 72 2.45 10.18 -8.22
CA ARG A 72 1.79 8.95 -8.64
C ARG A 72 2.67 8.17 -9.61
N GLN A 73 3.09 8.82 -10.70
CA GLN A 73 3.93 8.18 -11.70
C GLN A 73 5.06 7.40 -11.03
N GLU A 74 5.94 8.11 -10.34
CA GLU A 74 7.06 7.47 -9.67
C GLU A 74 6.67 6.10 -9.14
N ALA A 75 5.54 6.02 -8.45
CA ALA A 75 5.05 4.77 -7.89
C ALA A 75 4.82 3.73 -8.99
N LEU A 76 3.74 3.91 -9.74
CA LEU A 76 3.41 2.99 -10.83
C LEU A 76 4.64 2.68 -11.67
N ILE A 77 5.25 3.73 -12.21
CA ILE A 77 6.44 3.57 -13.04
C ILE A 77 7.43 2.58 -12.41
N LEU A 78 7.54 2.62 -11.09
CA LEU A 78 8.44 1.73 -10.36
C LEU A 78 8.03 0.27 -10.56
N ILE A 79 6.72 0.03 -10.58
CA ILE A 79 6.21 -1.32 -10.76
C ILE A 79 6.50 -1.84 -12.17
N LYS A 80 6.21 -1.02 -13.17
CA LYS A 80 6.45 -1.39 -14.56
C LYS A 80 7.69 -2.26 -14.69
N GLY A 81 8.68 -1.99 -13.83
CA GLY A 81 9.91 -2.75 -13.87
C GLY A 81 10.18 -3.49 -12.57
N SER A 82 9.15 -4.17 -12.06
CA SER A 82 9.29 -4.92 -10.81
C SER A 82 10.23 -6.11 -10.98
N PHE A 83 10.35 -6.91 -9.93
CA PHE A 83 11.22 -8.08 -9.95
C PHE A 83 10.45 -9.33 -9.57
N ARG A 84 11.14 -10.46 -9.52
CA ARG A 84 10.52 -11.73 -9.18
C ARG A 84 9.75 -11.61 -7.87
N ILE A 85 10.17 -10.69 -7.02
CA ILE A 85 9.51 -10.47 -5.74
C ILE A 85 9.31 -8.98 -5.47
N LEU A 86 8.08 -8.61 -5.15
CA LEU A 86 7.74 -7.21 -4.87
C LEU A 86 7.65 -6.97 -3.36
N LYS A 87 8.16 -5.82 -2.92
CA LYS A 87 8.12 -5.48 -1.50
C LYS A 87 7.45 -4.12 -1.30
N LEU A 88 6.18 -4.15 -0.93
CA LEU A 88 5.42 -2.92 -0.69
C LEU A 88 5.06 -2.76 0.78
N ILE A 89 5.27 -1.57 1.32
CA ILE A 89 4.96 -1.31 2.73
C ILE A 89 3.80 -0.32 2.84
N VAL A 90 2.60 -0.86 3.02
CA VAL A 90 1.40 -0.05 3.16
C VAL A 90 1.05 0.17 4.63
N ARG A 91 0.64 1.40 4.97
CA ARG A 91 0.27 1.73 6.33
C ARG A 91 -1.23 1.96 6.45
N ARG A 92 -1.84 1.34 7.46
CA ARG A 92 -3.27 1.48 7.67
C ARG A 92 -3.56 1.82 9.13
N ARG A 93 -4.15 3.00 9.35
CA ARG A 93 -4.48 3.44 10.70
C ARG A 93 -5.67 2.66 11.26
N ASN A 94 -5.49 2.08 12.44
CA ASN A 94 -6.54 1.30 13.08
C ASN A 94 -7.23 2.11 14.18
N SER A 95 -8.56 2.25 14.06
CA SER A 95 -9.32 3.00 15.05
C SER A 95 -10.69 2.35 15.28
N GLY A 96 -11.34 2.74 16.36
CA GLY A 96 -12.65 2.20 16.68
C GLY A 96 -13.12 2.58 18.07
N PRO A 97 -12.37 2.15 19.09
CA PRO A 97 -12.70 2.44 20.49
C PRO A 97 -12.50 3.92 20.84
N SER A 98 -12.09 4.70 19.84
CA SER A 98 -11.87 6.13 20.05
C SER A 98 -12.87 6.70 21.06
N SER A 99 -14.11 6.22 20.99
CA SER A 99 -15.16 6.68 21.89
C SER A 99 -15.45 5.64 22.96
N GLY A 100 -15.29 6.03 24.22
CA GLY A 100 -15.54 5.11 25.32
C GLY A 100 -16.89 5.37 25.99
N GLY A 1 -11.24 5.21 32.76
CA GLY A 1 -11.74 4.00 32.14
C GLY A 1 -10.91 2.78 32.48
N SER A 2 -11.57 1.72 32.94
CA SER A 2 -10.89 0.48 33.30
C SER A 2 -10.39 -0.26 32.06
N SER A 3 -11.32 -0.54 31.15
CA SER A 3 -10.98 -1.25 29.92
C SER A 3 -10.88 -0.28 28.75
N GLY A 4 -9.68 -0.13 28.21
CA GLY A 4 -9.46 0.77 27.09
C GLY A 4 -8.11 0.58 26.44
N SER A 5 -7.05 0.86 27.19
CA SER A 5 -5.69 0.72 26.68
C SER A 5 -5.58 1.31 25.27
N SER A 6 -6.20 2.46 25.06
CA SER A 6 -6.18 3.12 23.77
C SER A 6 -4.77 3.61 23.43
N GLY A 7 -4.40 3.52 22.17
CA GLY A 7 -3.08 3.96 21.73
C GLY A 7 -3.05 4.36 20.27
N GLY A 8 -3.06 5.67 20.02
CA GLY A 8 -3.04 6.17 18.67
C GLY A 8 -1.72 5.89 17.97
N SER A 9 -1.70 4.83 17.16
CA SER A 9 -0.49 4.45 16.43
C SER A 9 -0.83 3.93 15.04
N PHE A 10 0.20 3.66 14.25
CA PHE A 10 0.01 3.17 12.90
C PHE A 10 0.67 1.80 12.72
N GLN A 11 0.17 1.03 11.76
CA GLN A 11 0.71 -0.30 11.49
C GLN A 11 1.17 -0.43 10.04
N TYR A 12 2.37 -0.93 9.84
CA TYR A 12 2.93 -1.10 8.50
C TYR A 12 2.89 -2.56 8.08
N VAL A 13 2.11 -2.85 7.04
CA VAL A 13 1.98 -4.21 6.53
C VAL A 13 2.78 -4.40 5.25
N PRO A 14 4.02 -4.90 5.39
CA PRO A 14 4.92 -5.13 4.25
C PRO A 14 4.45 -6.28 3.38
N VAL A 15 3.93 -5.96 2.20
CA VAL A 15 3.45 -6.97 1.26
C VAL A 15 4.55 -7.42 0.33
N GLN A 16 5.00 -8.66 0.49
CA GLN A 16 6.06 -9.22 -0.34
C GLN A 16 5.49 -10.21 -1.35
N LEU A 17 5.52 -9.83 -2.62
CA LEU A 17 5.02 -10.69 -3.68
C LEU A 17 6.12 -11.60 -4.23
N GLN A 18 5.71 -12.60 -5.01
CA GLN A 18 6.67 -13.54 -5.58
C GLN A 18 6.14 -14.10 -6.90
N GLY A 19 7.02 -14.19 -7.90
CA GLY A 19 6.62 -14.71 -9.19
C GLY A 19 6.75 -13.68 -10.29
N GLY A 20 6.34 -12.46 -10.01
CA GLY A 20 6.42 -11.39 -10.99
C GLY A 20 5.05 -11.00 -11.53
N ALA A 21 4.94 -9.76 -11.99
CA ALA A 21 3.67 -9.26 -12.53
C ALA A 21 3.12 -10.21 -13.58
N PRO A 22 1.84 -9.99 -13.96
CA PRO A 22 1.02 -8.91 -13.38
C PRO A 22 0.66 -9.17 -11.92
N TRP A 23 0.95 -8.19 -11.08
CA TRP A 23 0.65 -8.31 -9.65
C TRP A 23 -0.85 -8.28 -9.40
N GLY A 24 -1.54 -7.37 -10.09
CA GLY A 24 -2.98 -7.24 -9.92
C GLY A 24 -3.36 -6.19 -8.91
N PHE A 25 -2.63 -5.08 -8.91
CA PHE A 25 -2.91 -4.00 -7.97
C PHE A 25 -2.65 -2.64 -8.63
N THR A 26 -3.41 -1.63 -8.20
CA THR A 26 -3.26 -0.28 -8.74
C THR A 26 -3.40 0.77 -7.65
N LEU A 27 -3.23 2.03 -8.02
CA LEU A 27 -3.33 3.13 -7.08
C LEU A 27 -4.09 4.31 -7.69
N LYS A 28 -4.68 5.14 -6.83
CA LYS A 28 -5.44 6.30 -7.28
C LYS A 28 -4.93 7.58 -6.62
N GLY A 29 -5.61 8.69 -6.88
CA GLY A 29 -5.22 9.96 -6.29
C GLY A 29 -3.77 10.30 -6.58
N GLY A 30 -3.00 10.56 -5.52
CA GLY A 30 -1.60 10.90 -5.68
C GLY A 30 -1.34 12.37 -5.48
N LEU A 31 -0.07 12.73 -5.25
CA LEU A 31 0.31 14.12 -5.04
C LEU A 31 -0.27 15.02 -6.13
N GLU A 32 -0.36 14.47 -7.34
CA GLU A 32 -0.90 15.22 -8.47
C GLU A 32 -2.18 15.95 -8.09
N HIS A 33 -3.05 15.25 -7.37
CA HIS A 33 -4.33 15.83 -6.94
C HIS A 33 -4.40 15.89 -5.42
N CYS A 34 -3.26 16.15 -4.78
CA CYS A 34 -3.20 16.24 -3.32
C CYS A 34 -4.07 15.17 -2.68
N GLU A 35 -3.95 13.93 -3.16
CA GLU A 35 -4.72 12.82 -2.62
C GLU A 35 -3.81 11.75 -2.04
N PRO A 36 -4.31 11.05 -1.01
CA PRO A 36 -3.56 9.99 -0.33
C PRO A 36 -3.38 8.75 -1.21
N LEU A 37 -2.21 8.64 -1.84
CA LEU A 37 -1.91 7.52 -2.71
C LEU A 37 -2.24 6.20 -2.03
N THR A 38 -3.45 5.69 -2.27
CA THR A 38 -3.89 4.44 -1.68
C THR A 38 -4.43 3.48 -2.74
N VAL A 39 -4.22 2.19 -2.52
CA VAL A 39 -4.68 1.17 -3.46
C VAL A 39 -6.04 1.55 -4.05
N SER A 40 -6.10 1.61 -5.37
CA SER A 40 -7.34 1.96 -6.06
C SER A 40 -8.16 0.70 -6.39
N LYS A 41 -7.49 -0.29 -6.95
CA LYS A 41 -8.16 -1.54 -7.30
C LYS A 41 -7.14 -2.69 -7.37
N ILE A 42 -7.57 -3.87 -6.92
CA ILE A 42 -6.71 -5.05 -6.93
C ILE A 42 -7.39 -6.22 -7.61
N GLU A 43 -6.88 -6.60 -8.78
CA GLU A 43 -7.45 -7.71 -9.54
C GLU A 43 -7.65 -8.92 -8.63
N ASP A 44 -8.83 -9.54 -8.74
CA ASP A 44 -9.15 -10.71 -7.93
C ASP A 44 -8.47 -11.96 -8.49
N GLY A 45 -7.51 -12.49 -7.74
CA GLY A 45 -6.80 -13.67 -8.17
C GLY A 45 -5.32 -13.41 -8.40
N GLY A 46 -5.00 -12.19 -8.83
CA GLY A 46 -3.62 -11.83 -9.09
C GLY A 46 -2.73 -12.06 -7.88
N LYS A 47 -1.48 -11.63 -7.99
CA LYS A 47 -0.52 -11.78 -6.90
C LYS A 47 -0.96 -10.98 -5.67
N ALA A 48 -1.13 -9.68 -5.86
CA ALA A 48 -1.54 -8.80 -4.77
C ALA A 48 -2.69 -9.43 -3.97
N ALA A 49 -3.67 -9.98 -4.68
CA ALA A 49 -4.82 -10.60 -4.03
C ALA A 49 -4.41 -11.89 -3.33
N LEU A 50 -3.58 -12.69 -3.98
CA LEU A 50 -3.12 -13.95 -3.42
C LEU A 50 -2.43 -13.71 -2.07
N SER A 51 -1.68 -12.63 -1.98
CA SER A 51 -0.97 -12.29 -0.75
C SER A 51 -1.94 -12.07 0.40
N GLN A 52 -3.06 -11.41 0.10
CA GLN A 52 -4.07 -11.12 1.11
C GLN A 52 -3.49 -10.29 2.24
N LYS A 53 -2.58 -9.38 1.91
CA LYS A 53 -1.95 -8.52 2.88
C LYS A 53 -2.36 -7.06 2.67
N MET A 54 -2.79 -6.74 1.46
CA MET A 54 -3.20 -5.39 1.12
C MET A 54 -4.54 -5.40 0.38
N ARG A 55 -5.35 -4.37 0.59
CA ARG A 55 -6.64 -4.26 -0.06
C ARG A 55 -6.96 -2.81 -0.41
N THR A 56 -7.81 -2.62 -1.41
CA THR A 56 -8.19 -1.28 -1.84
C THR A 56 -8.50 -0.39 -0.65
N GLY A 57 -7.67 0.64 -0.45
CA GLY A 57 -7.88 1.55 0.66
C GLY A 57 -6.60 1.82 1.42
N ASP A 58 -5.69 0.85 1.42
CA ASP A 58 -4.42 1.00 2.11
C ASP A 58 -3.56 2.08 1.48
N GLU A 59 -2.65 2.65 2.26
CA GLU A 59 -1.76 3.70 1.77
C GLU A 59 -0.38 3.15 1.48
N LEU A 60 0.03 3.22 0.21
CA LEU A 60 1.33 2.73 -0.21
C LEU A 60 2.33 3.88 -0.31
N VAL A 61 3.43 3.78 0.45
CA VAL A 61 4.46 4.81 0.44
C VAL A 61 5.82 4.21 0.09
N ASN A 62 5.93 2.89 0.21
CA ASN A 62 7.17 2.20 -0.09
C ASN A 62 6.96 1.14 -1.17
N ILE A 63 7.68 1.28 -2.28
CA ILE A 63 7.58 0.32 -3.38
C ILE A 63 8.94 -0.21 -3.78
N ASN A 64 9.07 -1.54 -3.81
CA ASN A 64 10.32 -2.18 -4.17
C ASN A 64 11.49 -1.62 -3.35
N GLY A 65 11.17 -1.16 -2.14
CA GLY A 65 12.20 -0.61 -1.27
C GLY A 65 12.52 0.83 -1.60
N THR A 66 11.58 1.52 -2.22
CA THR A 66 11.77 2.92 -2.59
C THR A 66 10.75 3.81 -1.91
N PRO A 67 11.24 4.68 -1.00
CA PRO A 67 10.38 5.61 -0.26
C PRO A 67 9.81 6.71 -1.15
N LEU A 68 8.53 6.59 -1.50
CA LEU A 68 7.87 7.57 -2.35
C LEU A 68 7.70 8.90 -1.62
N TYR A 69 7.05 9.85 -2.27
CA TYR A 69 6.83 11.17 -1.69
C TYR A 69 5.37 11.59 -1.85
N GLY A 70 4.76 11.17 -2.95
CA GLY A 70 3.38 11.52 -3.21
C GLY A 70 2.99 11.32 -4.66
N SER A 71 3.85 11.76 -5.56
CA SER A 71 3.59 11.64 -7.00
C SER A 71 3.14 10.23 -7.34
N ARG A 72 2.32 10.11 -8.38
CA ARG A 72 1.81 8.81 -8.82
C ARG A 72 2.80 8.13 -9.77
N GLN A 73 3.08 8.79 -10.88
CA GLN A 73 4.01 8.25 -11.88
C GLN A 73 5.14 7.48 -11.20
N GLU A 74 5.97 8.21 -10.46
CA GLU A 74 7.10 7.59 -9.76
C GLU A 74 6.72 6.22 -9.21
N ALA A 75 5.58 6.17 -8.53
CA ALA A 75 5.09 4.92 -7.95
C ALA A 75 4.93 3.84 -9.03
N LEU A 76 3.86 3.97 -9.81
CA LEU A 76 3.58 3.01 -10.87
C LEU A 76 4.84 2.68 -11.66
N ILE A 77 5.48 3.72 -12.19
CA ILE A 77 6.71 3.55 -12.97
C ILE A 77 7.69 2.63 -12.25
N LEU A 78 7.71 2.72 -10.92
CA LEU A 78 8.61 1.90 -10.12
C LEU A 78 8.26 0.42 -10.27
N ILE A 79 6.97 0.12 -10.30
CA ILE A 79 6.51 -1.26 -10.44
C ILE A 79 6.96 -1.85 -11.77
N LYS A 80 6.93 -1.04 -12.82
CA LYS A 80 7.33 -1.49 -14.15
C LYS A 80 8.67 -2.22 -14.09
N GLY A 81 9.57 -1.74 -13.24
CA GLY A 81 10.87 -2.37 -13.10
C GLY A 81 10.79 -3.73 -12.45
N SER A 82 9.74 -3.96 -11.68
CA SER A 82 9.56 -5.24 -10.99
C SER A 82 10.11 -6.38 -11.83
N PHE A 83 10.63 -7.40 -11.16
CA PHE A 83 11.19 -8.57 -11.83
C PHE A 83 10.39 -9.82 -11.52
N ARG A 84 10.58 -10.34 -10.31
CA ARG A 84 9.87 -11.55 -9.88
C ARG A 84 9.28 -11.36 -8.49
N ILE A 85 9.98 -10.62 -7.65
CA ILE A 85 9.53 -10.36 -6.28
C ILE A 85 9.36 -8.86 -6.03
N LEU A 86 8.23 -8.50 -5.45
CA LEU A 86 7.94 -7.10 -5.14
C LEU A 86 7.86 -6.87 -3.64
N LYS A 87 8.30 -5.69 -3.20
CA LYS A 87 8.28 -5.36 -1.78
C LYS A 87 7.61 -4.00 -1.56
N LEU A 88 6.47 -4.01 -0.87
CA LEU A 88 5.73 -2.78 -0.59
C LEU A 88 5.32 -2.71 0.87
N ILE A 89 5.26 -1.51 1.41
CA ILE A 89 4.89 -1.31 2.80
C ILE A 89 3.72 -0.32 2.92
N VAL A 90 2.54 -0.85 3.24
CA VAL A 90 1.35 -0.03 3.38
C VAL A 90 1.05 0.24 4.86
N ARG A 91 0.54 1.44 5.14
CA ARG A 91 0.20 1.81 6.51
C ARG A 91 -1.31 1.94 6.69
N ARG A 92 -1.82 1.38 7.77
CA ARG A 92 -3.26 1.42 8.06
C ARG A 92 -3.51 1.74 9.52
N ARG A 93 -4.18 2.86 9.77
CA ARG A 93 -4.49 3.28 11.13
C ARG A 93 -4.81 2.07 12.02
N ASN A 94 -4.19 2.03 13.19
CA ASN A 94 -4.41 0.95 14.13
C ASN A 94 -5.72 1.12 14.88
N SER A 95 -5.86 2.25 15.56
CA SER A 95 -7.07 2.55 16.33
C SER A 95 -8.16 3.12 15.43
N GLY A 96 -9.41 2.93 15.83
CA GLY A 96 -10.53 3.44 15.04
C GLY A 96 -11.71 3.83 15.91
N PRO A 97 -11.66 5.05 16.45
CA PRO A 97 -12.73 5.58 17.31
C PRO A 97 -14.00 5.87 16.53
N SER A 98 -13.86 6.22 15.26
CA SER A 98 -15.00 6.53 14.41
C SER A 98 -16.14 5.56 14.68
N SER A 99 -17.23 6.08 15.26
CA SER A 99 -18.39 5.26 15.57
C SER A 99 -19.46 5.38 14.48
N GLY A 100 -20.55 4.65 14.65
CA GLY A 100 -21.63 4.70 13.67
C GLY A 100 -22.92 5.20 14.26
N GLY A 1 -9.22 17.86 19.10
CA GLY A 1 -9.45 18.74 20.23
C GLY A 1 -8.36 18.67 21.27
N SER A 2 -8.74 18.78 22.55
CA SER A 2 -7.77 18.73 23.64
C SER A 2 -8.02 17.51 24.52
N SER A 3 -6.96 16.77 24.82
CA SER A 3 -7.06 15.58 25.65
C SER A 3 -8.33 14.80 25.33
N GLY A 4 -8.64 14.69 24.05
CA GLY A 4 -9.83 13.97 23.62
C GLY A 4 -9.50 12.66 22.92
N SER A 5 -9.26 12.74 21.62
CA SER A 5 -8.94 11.56 20.83
C SER A 5 -7.62 10.94 21.28
N SER A 6 -7.66 9.68 21.69
CA SER A 6 -6.47 8.97 22.15
C SER A 6 -5.78 8.28 20.99
N GLY A 7 -6.55 7.52 20.21
CA GLY A 7 -5.98 6.81 19.08
C GLY A 7 -4.92 7.61 18.36
N GLY A 8 -3.95 6.91 17.76
CA GLY A 8 -2.89 7.59 17.04
C GLY A 8 -1.76 6.65 16.67
N SER A 9 -2.10 5.43 16.30
CA SER A 9 -1.10 4.44 15.93
C SER A 9 -1.43 3.81 14.57
N PHE A 10 -0.40 3.35 13.87
CA PHE A 10 -0.58 2.74 12.56
C PHE A 10 0.30 1.49 12.43
N GLN A 11 -0.15 0.56 11.60
CA GLN A 11 0.58 -0.68 11.39
C GLN A 11 1.01 -0.81 9.93
N TYR A 12 2.22 -1.32 9.71
CA TYR A 12 2.74 -1.49 8.37
C TYR A 12 2.89 -2.97 8.02
N VAL A 13 2.49 -3.34 6.81
CA VAL A 13 2.57 -4.72 6.35
C VAL A 13 3.34 -4.81 5.04
N PRO A 14 4.59 -5.31 5.11
CA PRO A 14 5.44 -5.47 3.94
C PRO A 14 4.95 -6.58 3.00
N VAL A 15 4.05 -6.22 2.11
CA VAL A 15 3.50 -7.19 1.15
C VAL A 15 4.58 -7.68 0.20
N GLN A 16 5.16 -8.84 0.50
CA GLN A 16 6.20 -9.42 -0.33
C GLN A 16 5.60 -10.33 -1.39
N LEU A 17 5.63 -9.89 -2.64
CA LEU A 17 5.09 -10.67 -3.74
C LEU A 17 6.14 -11.62 -4.31
N GLN A 18 5.69 -12.62 -5.05
CA GLN A 18 6.60 -13.60 -5.64
C GLN A 18 6.07 -14.07 -6.99
N GLY A 19 6.96 -14.22 -7.97
CA GLY A 19 6.57 -14.67 -9.28
C GLY A 19 6.84 -13.63 -10.36
N GLY A 20 6.55 -12.37 -10.06
CA GLY A 20 6.78 -11.31 -11.01
C GLY A 20 5.49 -10.81 -11.64
N ALA A 21 5.47 -9.52 -12.00
CA ALA A 21 4.29 -8.92 -12.61
C ALA A 21 3.78 -9.78 -13.77
N PRO A 22 2.52 -9.56 -14.15
CA PRO A 22 1.65 -8.56 -13.51
C PRO A 22 1.26 -8.96 -12.09
N TRP A 23 0.95 -7.96 -11.27
CA TRP A 23 0.55 -8.21 -9.89
C TRP A 23 -0.95 -8.08 -9.72
N GLY A 24 -1.51 -6.98 -10.24
CA GLY A 24 -2.93 -6.75 -10.15
C GLY A 24 -3.27 -5.49 -9.38
N PHE A 25 -2.55 -5.26 -8.28
CA PHE A 25 -2.78 -4.08 -7.46
C PHE A 25 -2.47 -2.81 -8.24
N THR A 26 -3.18 -1.73 -7.92
CA THR A 26 -2.99 -0.45 -8.59
C THR A 26 -3.06 0.70 -7.60
N LEU A 27 -2.90 1.92 -8.11
CA LEU A 27 -2.94 3.12 -7.27
C LEU A 27 -3.71 4.23 -7.97
N LYS A 28 -4.06 5.26 -7.20
CA LYS A 28 -4.78 6.41 -7.74
C LYS A 28 -4.55 7.66 -6.90
N GLY A 29 -4.98 8.80 -7.42
CA GLY A 29 -4.79 10.05 -6.70
C GLY A 29 -3.37 10.55 -6.75
N GLY A 30 -2.78 10.79 -5.58
CA GLY A 30 -1.41 11.28 -5.51
C GLY A 30 -1.32 12.72 -5.06
N LEU A 31 -0.11 13.24 -4.97
CA LEU A 31 0.11 14.62 -4.55
C LEU A 31 -0.44 15.60 -5.57
N GLU A 32 -0.39 15.22 -6.84
CA GLU A 32 -0.90 16.07 -7.91
C GLU A 32 -2.30 16.56 -7.61
N HIS A 33 -2.97 15.88 -6.68
CA HIS A 33 -4.32 16.25 -6.29
C HIS A 33 -4.45 16.34 -4.77
N CYS A 34 -3.32 16.22 -4.08
CA CYS A 34 -3.31 16.27 -2.62
C CYS A 34 -4.07 15.10 -2.02
N GLU A 35 -4.08 13.98 -2.73
CA GLU A 35 -4.78 12.79 -2.27
C GLU A 35 -3.79 11.75 -1.75
N PRO A 36 -4.18 11.03 -0.70
CA PRO A 36 -3.35 10.00 -0.07
C PRO A 36 -3.19 8.77 -0.97
N LEU A 37 -2.17 8.78 -1.81
CA LEU A 37 -1.90 7.67 -2.72
C LEU A 37 -2.19 6.33 -2.04
N THR A 38 -3.31 5.73 -2.40
CA THR A 38 -3.70 4.44 -1.83
C THR A 38 -4.22 3.50 -2.90
N VAL A 39 -4.15 2.20 -2.63
CA VAL A 39 -4.62 1.19 -3.57
C VAL A 39 -5.93 1.60 -4.21
N SER A 40 -5.97 1.58 -5.54
CA SER A 40 -7.17 1.96 -6.28
C SER A 40 -7.96 0.72 -6.71
N LYS A 41 -7.24 -0.34 -7.04
CA LYS A 41 -7.87 -1.59 -7.46
C LYS A 41 -6.89 -2.75 -7.36
N ILE A 42 -7.41 -3.91 -6.97
CA ILE A 42 -6.58 -5.11 -6.84
C ILE A 42 -7.25 -6.33 -7.47
N GLU A 43 -6.85 -6.65 -8.68
CA GLU A 43 -7.43 -7.79 -9.40
C GLU A 43 -7.62 -8.97 -8.45
N ASP A 44 -8.88 -9.35 -8.24
CA ASP A 44 -9.20 -10.47 -7.37
C ASP A 44 -8.53 -11.76 -7.85
N GLY A 45 -7.68 -12.32 -7.01
CA GLY A 45 -6.99 -13.54 -7.36
C GLY A 45 -5.58 -13.29 -7.85
N GLY A 46 -5.30 -12.06 -8.29
CA GLY A 46 -3.99 -11.71 -8.77
C GLY A 46 -2.90 -12.00 -7.74
N LYS A 47 -1.66 -11.65 -8.08
CA LYS A 47 -0.53 -11.86 -7.20
C LYS A 47 -0.68 -11.04 -5.92
N ALA A 48 -1.22 -9.84 -6.06
CA ALA A 48 -1.42 -8.95 -4.91
C ALA A 48 -2.53 -9.47 -4.01
N ALA A 49 -3.61 -9.95 -4.62
CA ALA A 49 -4.75 -10.48 -3.87
C ALA A 49 -4.38 -11.77 -3.16
N LEU A 50 -3.60 -12.62 -3.82
CA LEU A 50 -3.18 -13.89 -3.25
C LEU A 50 -2.40 -13.67 -1.95
N SER A 51 -1.78 -12.50 -1.84
CA SER A 51 -1.01 -12.17 -0.64
C SER A 51 -1.92 -11.91 0.55
N GLN A 52 -3.08 -11.32 0.28
CA GLN A 52 -4.05 -11.02 1.34
C GLN A 52 -3.42 -10.14 2.41
N LYS A 53 -2.41 -9.36 2.02
CA LYS A 53 -1.73 -8.47 2.95
C LYS A 53 -2.14 -7.02 2.70
N MET A 54 -2.61 -6.73 1.50
CA MET A 54 -3.03 -5.39 1.14
C MET A 54 -4.35 -5.42 0.38
N ARG A 55 -5.07 -4.30 0.41
CA ARG A 55 -6.36 -4.20 -0.28
C ARG A 55 -6.66 -2.76 -0.66
N THR A 56 -7.79 -2.55 -1.33
CA THR A 56 -8.20 -1.21 -1.75
C THR A 56 -8.41 -0.29 -0.55
N GLY A 57 -7.62 0.78 -0.49
CA GLY A 57 -7.73 1.71 0.61
C GLY A 57 -6.44 1.88 1.36
N ASP A 58 -5.50 0.95 1.17
CA ASP A 58 -4.22 1.01 1.84
C ASP A 58 -3.34 2.10 1.24
N GLU A 59 -2.52 2.73 2.08
CA GLU A 59 -1.63 3.79 1.64
C GLU A 59 -0.24 3.24 1.33
N LEU A 60 0.06 3.07 0.04
CA LEU A 60 1.35 2.56 -0.38
C LEU A 60 2.35 3.69 -0.59
N VAL A 61 3.38 3.72 0.25
CA VAL A 61 4.41 4.75 0.16
C VAL A 61 5.75 4.16 -0.28
N ASN A 62 5.91 2.86 -0.07
CA ASN A 62 7.14 2.17 -0.44
C ASN A 62 6.85 1.08 -1.47
N ILE A 63 7.43 1.23 -2.66
CA ILE A 63 7.25 0.26 -3.73
C ILE A 63 8.57 -0.40 -4.12
N ASN A 64 8.63 -1.72 -3.97
CA ASN A 64 9.84 -2.46 -4.30
C ASN A 64 11.03 -1.98 -3.48
N GLY A 65 10.74 -1.44 -2.29
CA GLY A 65 11.79 -0.94 -1.43
C GLY A 65 12.19 0.48 -1.75
N THR A 66 11.39 1.14 -2.59
CA THR A 66 11.66 2.52 -2.99
C THR A 66 10.71 3.49 -2.29
N PRO A 67 11.28 4.33 -1.41
CA PRO A 67 10.51 5.33 -0.67
C PRO A 67 9.99 6.45 -1.56
N LEU A 68 8.67 6.59 -1.63
CA LEU A 68 8.05 7.62 -2.45
C LEU A 68 7.70 8.84 -1.62
N TYR A 69 7.19 9.88 -2.27
CA TYR A 69 6.83 11.11 -1.58
C TYR A 69 5.38 11.50 -1.90
N GLY A 70 4.61 10.53 -2.41
CA GLY A 70 3.22 10.78 -2.73
C GLY A 70 3.02 11.05 -4.21
N SER A 71 3.90 10.50 -5.04
CA SER A 71 3.81 10.69 -6.48
C SER A 71 3.06 9.53 -7.14
N ARG A 72 2.23 9.86 -8.13
CA ARG A 72 1.44 8.85 -8.83
C ARG A 72 2.31 8.07 -9.80
N GLN A 73 2.76 8.73 -10.86
CA GLN A 73 3.61 8.09 -11.87
C GLN A 73 4.76 7.34 -11.21
N GLU A 74 5.65 8.08 -10.55
CA GLU A 74 6.80 7.47 -9.89
C GLU A 74 6.43 6.12 -9.29
N ALA A 75 5.25 6.05 -8.67
CA ALA A 75 4.79 4.81 -8.06
C ALA A 75 4.52 3.74 -9.12
N LEU A 76 3.40 3.89 -9.83
CA LEU A 76 3.02 2.95 -10.87
C LEU A 76 4.22 2.59 -11.75
N ILE A 77 4.87 3.62 -12.28
CA ILE A 77 6.04 3.41 -13.14
C ILE A 77 7.02 2.45 -12.50
N LEU A 78 7.21 2.58 -11.19
CA LEU A 78 8.13 1.72 -10.46
C LEU A 78 7.74 0.25 -10.61
N ILE A 79 6.45 0.00 -10.81
CA ILE A 79 5.95 -1.35 -10.98
C ILE A 79 6.21 -1.87 -12.38
N LYS A 80 5.89 -1.04 -13.38
CA LYS A 80 6.09 -1.42 -14.77
C LYS A 80 7.34 -2.28 -14.93
N GLY A 81 8.39 -1.94 -14.19
CA GLY A 81 9.62 -2.71 -14.27
C GLY A 81 9.94 -3.41 -12.97
N SER A 82 8.96 -4.15 -12.43
CA SER A 82 9.14 -4.87 -11.18
C SER A 82 10.00 -6.10 -11.39
N PHE A 83 10.39 -6.75 -10.27
CA PHE A 83 11.22 -7.94 -10.34
C PHE A 83 10.42 -9.17 -9.90
N ARG A 84 11.04 -10.34 -10.03
CA ARG A 84 10.39 -11.59 -9.65
C ARG A 84 9.69 -11.45 -8.31
N ILE A 85 10.25 -10.62 -7.44
CA ILE A 85 9.68 -10.40 -6.12
C ILE A 85 9.45 -8.91 -5.86
N LEU A 86 8.24 -8.58 -5.40
CA LEU A 86 7.90 -7.19 -5.11
C LEU A 86 7.79 -6.95 -3.61
N LYS A 87 8.15 -5.76 -3.17
CA LYS A 87 8.10 -5.40 -1.76
C LYS A 87 7.38 -4.07 -1.55
N LEU A 88 6.18 -4.13 -0.97
CA LEU A 88 5.40 -2.93 -0.72
C LEU A 88 5.08 -2.79 0.77
N ILE A 89 5.22 -1.57 1.29
CA ILE A 89 4.95 -1.31 2.69
C ILE A 89 3.83 -0.27 2.84
N VAL A 90 2.63 -0.75 3.16
CA VAL A 90 1.48 0.12 3.35
C VAL A 90 1.14 0.28 4.82
N ARG A 91 0.59 1.44 5.17
CA ARG A 91 0.21 1.72 6.56
C ARG A 91 -1.30 1.68 6.73
N ARG A 92 -1.75 1.00 7.79
CA ARG A 92 -3.18 0.87 8.06
C ARG A 92 -3.47 1.15 9.53
N ARG A 93 -4.60 1.79 9.80
CA ARG A 93 -4.99 2.11 11.16
C ARG A 93 -4.92 0.88 12.06
N ASN A 94 -3.99 0.90 13.01
CA ASN A 94 -3.81 -0.21 13.93
C ASN A 94 -5.03 -0.37 14.83
N SER A 95 -5.48 0.74 15.42
CA SER A 95 -6.63 0.73 16.31
C SER A 95 -7.71 1.69 15.82
N GLY A 96 -8.96 1.39 16.17
CA GLY A 96 -10.06 2.24 15.75
C GLY A 96 -11.29 1.45 15.35
N PRO A 97 -11.45 1.21 14.04
CA PRO A 97 -12.59 0.45 13.51
C PRO A 97 -12.53 -1.02 13.87
N SER A 98 -11.37 -1.64 13.61
CA SER A 98 -11.19 -3.06 13.90
C SER A 98 -10.95 -3.28 15.39
N SER A 99 -10.83 -4.54 15.79
CA SER A 99 -10.61 -4.89 17.19
C SER A 99 -9.20 -5.44 17.39
N GLY A 100 -8.83 -5.66 18.65
CA GLY A 100 -7.52 -6.20 18.96
C GLY A 100 -6.41 -5.43 18.26
N GLY A 1 -10.96 -2.61 37.01
CA GLY A 1 -9.55 -2.70 36.71
C GLY A 1 -9.09 -1.61 35.76
N SER A 2 -7.78 -1.52 35.55
CA SER A 2 -7.22 -0.51 34.66
C SER A 2 -7.17 -1.02 33.22
N SER A 3 -7.62 -0.19 32.29
CA SER A 3 -7.65 -0.56 30.89
C SER A 3 -7.83 0.67 30.00
N GLY A 4 -7.12 0.71 28.88
CA GLY A 4 -7.22 1.84 27.98
C GLY A 4 -7.88 1.46 26.66
N SER A 5 -8.12 2.47 25.82
CA SER A 5 -8.76 2.24 24.53
C SER A 5 -8.03 2.98 23.43
N SER A 6 -7.93 4.31 23.59
CA SER A 6 -7.25 5.14 22.60
C SER A 6 -5.85 4.61 22.29
N GLY A 7 -5.45 4.68 21.02
CA GLY A 7 -4.14 4.21 20.63
C GLY A 7 -3.41 5.19 19.74
N GLY A 8 -3.97 5.47 18.57
CA GLY A 8 -3.34 6.40 17.65
C GLY A 8 -2.04 5.86 17.08
N SER A 9 -2.07 4.63 16.59
CA SER A 9 -0.87 4.00 16.03
C SER A 9 -1.23 3.22 14.77
N PHE A 10 -0.38 3.33 13.76
CA PHE A 10 -0.59 2.64 12.49
C PHE A 10 0.26 1.38 12.41
N GLN A 11 -0.07 0.49 11.48
CA GLN A 11 0.66 -0.75 11.30
C GLN A 11 1.13 -0.90 9.86
N TYR A 12 2.39 -1.27 9.68
CA TYR A 12 2.96 -1.46 8.34
C TYR A 12 3.19 -2.94 8.06
N VAL A 13 2.76 -3.37 6.87
CA VAL A 13 2.92 -4.77 6.46
C VAL A 13 3.61 -4.86 5.11
N PRO A 14 4.84 -5.40 5.11
CA PRO A 14 5.62 -5.57 3.87
C PRO A 14 5.04 -6.63 2.96
N VAL A 15 4.14 -6.21 2.07
CA VAL A 15 3.51 -7.13 1.12
C VAL A 15 4.53 -7.68 0.14
N GLN A 16 5.18 -8.78 0.51
CA GLN A 16 6.18 -9.40 -0.35
C GLN A 16 5.52 -10.31 -1.38
N LEU A 17 5.43 -9.82 -2.62
CA LEU A 17 4.82 -10.59 -3.70
C LEU A 17 5.81 -11.60 -4.27
N GLN A 18 5.29 -12.64 -4.92
CA GLN A 18 6.12 -13.68 -5.52
C GLN A 18 5.50 -14.19 -6.81
N GLY A 19 6.36 -14.48 -7.79
CA GLY A 19 5.88 -14.98 -9.07
C GLY A 19 6.16 -14.01 -10.21
N GLY A 20 6.05 -12.71 -9.93
CA GLY A 20 6.30 -11.71 -10.94
C GLY A 20 5.03 -11.20 -11.58
N ALA A 21 5.02 -9.92 -11.94
CA ALA A 21 3.85 -9.31 -12.56
C ALA A 21 3.28 -10.21 -13.66
N PRO A 22 2.02 -9.96 -14.03
CA PRO A 22 1.21 -8.89 -13.44
C PRO A 22 0.83 -9.18 -12.00
N TRP A 23 1.08 -8.21 -11.11
CA TRP A 23 0.75 -8.37 -9.70
C TRP A 23 -0.75 -8.25 -9.48
N GLY A 24 -1.36 -7.24 -10.07
CA GLY A 24 -2.79 -7.04 -9.92
C GLY A 24 -3.12 -6.01 -8.86
N PHE A 25 -2.44 -4.87 -8.91
CA PHE A 25 -2.66 -3.81 -7.93
C PHE A 25 -2.38 -2.44 -8.54
N THR A 26 -3.24 -1.47 -8.25
CA THR A 26 -3.08 -0.12 -8.77
C THR A 26 -3.26 0.92 -7.66
N LEU A 27 -3.00 2.18 -8.00
CA LEU A 27 -3.13 3.26 -7.04
C LEU A 27 -3.97 4.40 -7.62
N LYS A 28 -4.36 5.33 -6.75
CA LYS A 28 -5.16 6.48 -7.18
C LYS A 28 -4.73 7.74 -6.45
N GLY A 29 -5.36 8.87 -6.78
CA GLY A 29 -5.03 10.12 -6.15
C GLY A 29 -3.60 10.56 -6.44
N GLY A 30 -2.92 11.05 -5.42
CA GLY A 30 -1.55 11.50 -5.59
C GLY A 30 -1.37 12.98 -5.27
N LEU A 31 -0.19 13.34 -4.79
CA LEU A 31 0.10 14.72 -4.43
C LEU A 31 -0.35 15.67 -5.53
N GLU A 32 -0.20 15.23 -6.78
CA GLU A 32 -0.60 16.03 -7.93
C GLU A 32 -2.04 16.51 -7.79
N HIS A 33 -2.88 15.66 -7.22
CA HIS A 33 -4.29 16.00 -7.02
C HIS A 33 -4.61 16.16 -5.54
N CYS A 34 -3.58 16.46 -4.75
CA CYS A 34 -3.76 16.64 -3.32
C CYS A 34 -4.58 15.50 -2.72
N GLU A 35 -4.32 14.28 -3.19
CA GLU A 35 -5.04 13.11 -2.71
C GLU A 35 -4.07 12.05 -2.19
N PRO A 36 -4.47 11.33 -1.13
CA PRO A 36 -3.65 10.29 -0.53
C PRO A 36 -3.51 9.06 -1.43
N LEU A 37 -2.31 8.82 -1.92
CA LEU A 37 -2.05 7.68 -2.79
C LEU A 37 -2.41 6.37 -2.09
N THR A 38 -3.61 5.86 -2.37
CA THR A 38 -4.08 4.62 -1.77
C THR A 38 -4.57 3.65 -2.83
N VAL A 39 -4.38 2.35 -2.59
CA VAL A 39 -4.82 1.33 -3.53
C VAL A 39 -6.13 1.71 -4.19
N SER A 40 -6.15 1.68 -5.51
CA SER A 40 -7.35 2.02 -6.27
C SER A 40 -8.08 0.77 -6.74
N LYS A 41 -7.31 -0.24 -7.13
CA LYS A 41 -7.88 -1.51 -7.59
C LYS A 41 -6.88 -2.64 -7.45
N ILE A 42 -7.39 -3.82 -7.09
CA ILE A 42 -6.53 -5.00 -6.92
C ILE A 42 -7.19 -6.25 -7.50
N GLU A 43 -6.69 -6.69 -8.64
CA GLU A 43 -7.24 -7.87 -9.30
C GLU A 43 -7.39 -9.03 -8.31
N ASP A 44 -8.58 -9.59 -8.24
CA ASP A 44 -8.86 -10.70 -7.33
C ASP A 44 -8.33 -12.01 -7.89
N GLY A 45 -7.13 -12.39 -7.48
CA GLY A 45 -6.52 -13.62 -7.96
C GLY A 45 -5.04 -13.47 -8.24
N GLY A 46 -4.63 -12.26 -8.59
CA GLY A 46 -3.22 -12.01 -8.88
C GLY A 46 -2.34 -12.18 -7.67
N LYS A 47 -1.13 -11.61 -7.73
CA LYS A 47 -0.19 -11.69 -6.62
C LYS A 47 -0.65 -10.84 -5.45
N ALA A 48 -0.97 -9.58 -5.74
CA ALA A 48 -1.42 -8.65 -4.71
C ALA A 48 -2.51 -9.29 -3.84
N ALA A 49 -3.58 -9.73 -4.49
CA ALA A 49 -4.70 -10.35 -3.79
C ALA A 49 -4.25 -11.61 -3.05
N LEU A 50 -3.58 -12.51 -3.78
CA LEU A 50 -3.10 -13.76 -3.20
C LEU A 50 -2.37 -13.51 -1.89
N SER A 51 -1.66 -12.39 -1.82
CA SER A 51 -0.92 -12.04 -0.62
C SER A 51 -1.86 -11.86 0.57
N GLN A 52 -3.03 -11.30 0.31
CA GLN A 52 -4.02 -11.09 1.36
C GLN A 52 -3.46 -10.20 2.46
N LYS A 53 -2.52 -9.32 2.09
CA LYS A 53 -1.91 -8.41 3.04
C LYS A 53 -2.34 -6.97 2.78
N MET A 54 -2.74 -6.70 1.55
CA MET A 54 -3.18 -5.36 1.17
C MET A 54 -4.55 -5.40 0.51
N ARG A 55 -5.25 -4.28 0.52
CA ARG A 55 -6.58 -4.20 -0.09
C ARG A 55 -6.95 -2.75 -0.39
N THR A 56 -7.89 -2.56 -1.30
CA THR A 56 -8.33 -1.23 -1.69
C THR A 56 -8.64 -0.38 -0.46
N GLY A 57 -7.73 0.52 -0.11
CA GLY A 57 -7.93 1.38 1.05
C GLY A 57 -6.64 1.67 1.78
N ASP A 58 -5.63 0.85 1.54
CA ASP A 58 -4.33 1.01 2.19
C ASP A 58 -3.48 2.04 1.45
N GLU A 59 -2.55 2.66 2.16
CA GLU A 59 -1.67 3.66 1.57
C GLU A 59 -0.31 3.07 1.23
N LEU A 60 0.17 3.34 0.03
CA LEU A 60 1.46 2.82 -0.43
C LEU A 60 2.51 3.93 -0.42
N VAL A 61 3.52 3.78 0.44
CA VAL A 61 4.58 4.76 0.54
C VAL A 61 5.95 4.11 0.30
N ASN A 62 5.93 2.86 -0.13
CA ASN A 62 7.17 2.13 -0.39
C ASN A 62 6.96 1.07 -1.48
N ILE A 63 7.66 1.24 -2.60
CA ILE A 63 7.54 0.31 -3.71
C ILE A 63 8.92 -0.22 -4.13
N ASN A 64 9.13 -1.51 -3.94
CA ASN A 64 10.39 -2.14 -4.30
C ASN A 64 11.54 -1.56 -3.47
N GLY A 65 11.26 -1.27 -2.20
CA GLY A 65 12.27 -0.72 -1.32
C GLY A 65 12.56 0.74 -1.62
N THR A 66 11.77 1.33 -2.51
CA THR A 66 11.94 2.73 -2.88
C THR A 66 10.91 3.61 -2.18
N PRO A 67 11.38 4.42 -1.23
CA PRO A 67 10.51 5.34 -0.47
C PRO A 67 9.98 6.48 -1.32
N LEU A 68 8.68 6.46 -1.61
CA LEU A 68 8.05 7.49 -2.42
C LEU A 68 7.74 8.72 -1.58
N TYR A 69 7.30 9.79 -2.24
CA TYR A 69 6.96 11.02 -1.55
C TYR A 69 5.47 11.31 -1.63
N GLY A 70 4.82 10.71 -2.62
CA GLY A 70 3.38 10.91 -2.78
C GLY A 70 2.97 10.94 -4.25
N SER A 71 3.95 11.09 -5.13
CA SER A 71 3.68 11.15 -6.57
C SER A 71 2.93 9.90 -7.03
N ARG A 72 2.32 9.99 -8.20
CA ARG A 72 1.57 8.87 -8.75
C ARG A 72 2.33 8.23 -9.91
N GLN A 73 3.01 9.06 -10.70
CA GLN A 73 3.78 8.57 -11.84
C GLN A 73 4.89 7.62 -11.39
N GLU A 74 5.93 8.19 -10.79
CA GLU A 74 7.06 7.40 -10.32
C GLU A 74 6.59 6.04 -9.80
N ALA A 75 5.57 6.06 -8.94
CA ALA A 75 5.04 4.83 -8.38
C ALA A 75 4.72 3.81 -9.47
N LEU A 76 3.64 4.04 -10.19
CA LEU A 76 3.23 3.14 -11.27
C LEU A 76 4.42 2.81 -12.18
N ILE A 77 5.24 3.81 -12.46
CA ILE A 77 6.40 3.62 -13.32
C ILE A 77 7.35 2.58 -12.73
N LEU A 78 7.53 2.63 -11.41
CA LEU A 78 8.41 1.70 -10.73
C LEU A 78 7.97 0.26 -10.98
N ILE A 79 6.67 0.01 -10.90
CA ILE A 79 6.13 -1.33 -11.12
C ILE A 79 6.46 -1.83 -12.52
N LYS A 80 6.32 -0.94 -13.51
CA LYS A 80 6.61 -1.29 -14.89
C LYS A 80 7.76 -2.29 -14.98
N GLY A 81 8.85 -2.01 -14.25
CA GLY A 81 10.00 -2.89 -14.26
C GLY A 81 10.23 -3.54 -12.91
N SER A 82 9.29 -4.40 -12.49
CA SER A 82 9.39 -5.08 -11.21
C SER A 82 10.21 -6.36 -11.34
N PHE A 83 10.47 -7.02 -10.22
CA PHE A 83 11.24 -8.26 -10.21
C PHE A 83 10.34 -9.45 -9.86
N ARG A 84 10.93 -10.64 -9.87
CA ARG A 84 10.19 -11.85 -9.55
C ARG A 84 9.48 -11.72 -8.21
N ILE A 85 9.91 -10.75 -7.40
CA ILE A 85 9.31 -10.52 -6.09
C ILE A 85 9.17 -9.04 -5.81
N LEU A 86 7.96 -8.61 -5.47
CA LEU A 86 7.69 -7.21 -5.17
C LEU A 86 7.64 -6.97 -3.67
N LYS A 87 8.10 -5.80 -3.25
CA LYS A 87 8.10 -5.45 -1.83
C LYS A 87 7.44 -4.08 -1.61
N LEU A 88 6.25 -4.10 -1.00
CA LEU A 88 5.52 -2.87 -0.73
C LEU A 88 5.15 -2.77 0.75
N ILE A 89 5.34 -1.59 1.32
CA ILE A 89 5.02 -1.36 2.73
C ILE A 89 3.85 -0.39 2.88
N VAL A 90 2.68 -0.94 3.15
CA VAL A 90 1.48 -0.13 3.32
C VAL A 90 1.14 0.05 4.79
N ARG A 91 0.64 1.24 5.14
CA ARG A 91 0.27 1.54 6.53
C ARG A 91 -1.23 1.62 6.68
N ARG A 92 -1.75 0.96 7.72
CA ARG A 92 -3.19 0.96 7.98
C ARG A 92 -3.47 1.43 9.41
N ARG A 93 -4.75 1.46 9.77
CA ARG A 93 -5.17 1.89 11.10
C ARG A 93 -5.36 0.69 12.03
N ASN A 94 -4.81 0.78 13.23
CA ASN A 94 -4.93 -0.29 14.21
C ASN A 94 -6.38 -0.80 14.29
N SER A 95 -6.54 -2.10 14.45
CA SER A 95 -7.86 -2.71 14.54
C SER A 95 -8.56 -2.29 15.83
N GLY A 96 -9.88 -2.16 15.76
CA GLY A 96 -10.65 -1.76 16.93
C GLY A 96 -11.97 -2.49 17.03
N PRO A 97 -12.69 -2.27 18.14
CA PRO A 97 -13.98 -2.91 18.38
C PRO A 97 -15.07 -2.39 17.45
N SER A 98 -15.32 -3.11 16.36
CA SER A 98 -16.33 -2.71 15.39
C SER A 98 -17.71 -3.23 15.80
N SER A 99 -18.74 -2.50 15.40
CA SER A 99 -20.11 -2.88 15.73
C SER A 99 -20.27 -4.39 15.73
N GLY A 100 -20.49 -4.96 16.91
CA GLY A 100 -20.66 -6.40 17.02
C GLY A 100 -22.00 -6.78 17.61
N GLY A 1 -10.03 -11.43 29.14
CA GLY A 1 -9.86 -10.09 28.64
C GLY A 1 -8.50 -9.86 28.01
N SER A 2 -8.37 -8.78 27.25
CA SER A 2 -7.11 -8.46 26.58
C SER A 2 -6.61 -7.07 27.01
N SER A 3 -5.34 -6.82 26.78
CA SER A 3 -4.74 -5.53 27.13
C SER A 3 -5.08 -4.47 26.09
N GLY A 4 -5.59 -3.33 26.56
CA GLY A 4 -5.95 -2.26 25.67
C GLY A 4 -5.98 -0.91 26.36
N SER A 5 -4.82 -0.28 26.46
CA SER A 5 -4.72 1.03 27.12
C SER A 5 -4.70 2.16 26.09
N SER A 6 -4.85 3.39 26.56
CA SER A 6 -4.85 4.55 25.68
C SER A 6 -3.58 4.61 24.85
N GLY A 7 -3.73 4.96 23.57
CA GLY A 7 -2.58 5.04 22.68
C GLY A 7 -2.76 4.21 21.43
N GLY A 8 -1.81 4.34 20.50
CA GLY A 8 -1.89 3.58 19.26
C GLY A 8 -1.14 4.26 18.13
N SER A 9 -0.27 3.51 17.46
CA SER A 9 0.51 4.05 16.36
C SER A 9 0.23 3.29 15.07
N PHE A 10 0.17 4.01 13.96
CA PHE A 10 -0.10 3.41 12.67
C PHE A 10 0.67 2.11 12.50
N GLN A 11 0.12 1.18 11.74
CA GLN A 11 0.76 -0.11 11.49
C GLN A 11 1.24 -0.21 10.06
N TYR A 12 2.41 -0.82 9.87
CA TYR A 12 2.99 -0.99 8.54
C TYR A 12 2.94 -2.45 8.11
N VAL A 13 2.19 -2.73 7.03
CA VAL A 13 2.06 -4.08 6.52
C VAL A 13 2.90 -4.27 5.26
N PRO A 14 4.13 -4.77 5.43
CA PRO A 14 5.05 -5.01 4.33
C PRO A 14 4.60 -6.17 3.44
N VAL A 15 3.88 -5.84 2.36
CA VAL A 15 3.39 -6.84 1.44
C VAL A 15 4.50 -7.32 0.50
N GLN A 16 4.96 -8.54 0.72
CA GLN A 16 6.03 -9.12 -0.11
C GLN A 16 5.45 -10.11 -1.12
N LEU A 17 5.37 -9.69 -2.37
CA LEU A 17 4.84 -10.53 -3.44
C LEU A 17 5.90 -11.52 -3.92
N GLN A 18 5.49 -12.47 -4.75
CA GLN A 18 6.40 -13.48 -5.28
C GLN A 18 5.88 -14.04 -6.60
N GLY A 19 6.73 -14.04 -7.61
CA GLY A 19 6.35 -14.56 -8.91
C GLY A 19 6.67 -13.61 -10.04
N GLY A 20 6.40 -12.32 -9.82
CA GLY A 20 6.67 -11.32 -10.83
C GLY A 20 5.40 -10.85 -11.54
N ALA A 21 5.37 -9.56 -11.87
CA ALA A 21 4.21 -8.98 -12.55
C ALA A 21 3.66 -9.95 -13.60
N PRO A 22 2.37 -9.77 -13.94
CA PRO A 22 1.53 -8.72 -13.35
C PRO A 22 1.21 -9.00 -11.89
N TRP A 23 0.86 -7.95 -11.16
CA TRP A 23 0.53 -8.07 -9.73
C TRP A 23 -0.98 -8.01 -9.53
N GLY A 24 -1.62 -7.03 -10.15
CA GLY A 24 -3.06 -6.87 -10.02
C GLY A 24 -3.43 -5.62 -9.24
N PHE A 25 -2.58 -5.22 -8.31
CA PHE A 25 -2.83 -4.04 -7.50
C PHE A 25 -2.57 -2.77 -8.30
N THR A 26 -3.35 -1.72 -8.01
CA THR A 26 -3.22 -0.45 -8.70
C THR A 26 -3.26 0.72 -7.71
N LEU A 27 -3.17 1.93 -8.24
CA LEU A 27 -3.19 3.13 -7.41
C LEU A 27 -3.94 4.26 -8.10
N LYS A 28 -4.47 5.19 -7.31
CA LYS A 28 -5.20 6.32 -7.85
C LYS A 28 -4.84 7.61 -7.12
N GLY A 29 -5.43 8.72 -7.54
CA GLY A 29 -5.16 10.00 -6.92
C GLY A 29 -3.69 10.37 -6.98
N GLY A 30 -3.06 10.52 -5.81
CA GLY A 30 -1.66 10.87 -5.76
C GLY A 30 -1.45 12.33 -5.43
N LEU A 31 -0.19 12.73 -5.28
CA LEU A 31 0.15 14.11 -4.96
C LEU A 31 -0.34 15.05 -6.06
N GLU A 32 -0.37 14.55 -7.29
CA GLU A 32 -0.82 15.36 -8.43
C GLU A 32 -2.10 16.11 -8.08
N HIS A 33 -3.04 15.43 -7.44
CA HIS A 33 -4.30 16.04 -7.06
C HIS A 33 -4.43 16.11 -5.53
N CYS A 34 -3.30 16.22 -4.86
CA CYS A 34 -3.27 16.30 -3.40
C CYS A 34 -4.08 15.16 -2.79
N GLU A 35 -4.11 14.03 -3.48
CA GLU A 35 -4.85 12.86 -3.01
C GLU A 35 -3.90 11.83 -2.41
N PRO A 36 -4.37 11.13 -1.36
CA PRO A 36 -3.59 10.10 -0.67
C PRO A 36 -3.38 8.86 -1.53
N LEU A 37 -2.22 8.78 -2.18
CA LEU A 37 -1.88 7.64 -3.03
C LEU A 37 -2.29 6.34 -2.36
N THR A 38 -3.49 5.87 -2.64
CA THR A 38 -3.99 4.62 -2.07
C THR A 38 -4.42 3.65 -3.17
N VAL A 39 -4.54 2.37 -2.80
CA VAL A 39 -4.95 1.34 -3.76
C VAL A 39 -6.29 1.68 -4.39
N SER A 40 -6.38 1.51 -5.70
CA SER A 40 -7.61 1.80 -6.43
C SER A 40 -8.32 0.51 -6.81
N LYS A 41 -7.55 -0.52 -7.15
CA LYS A 41 -8.11 -1.81 -7.54
C LYS A 41 -7.06 -2.91 -7.39
N ILE A 42 -7.52 -4.08 -6.96
CA ILE A 42 -6.62 -5.22 -6.78
C ILE A 42 -7.24 -6.50 -7.36
N GLU A 43 -6.78 -6.88 -8.54
CA GLU A 43 -7.28 -8.08 -9.20
C GLU A 43 -7.29 -9.27 -8.25
N ASP A 44 -8.49 -9.73 -7.90
CA ASP A 44 -8.64 -10.86 -6.99
C ASP A 44 -7.70 -12.00 -7.38
N GLY A 45 -7.46 -12.14 -8.68
CA GLY A 45 -6.58 -13.20 -9.15
C GLY A 45 -5.12 -12.78 -9.16
N GLY A 46 -4.89 -11.47 -9.14
CA GLY A 46 -3.53 -10.96 -9.15
C GLY A 46 -2.76 -11.34 -7.90
N LYS A 47 -1.45 -11.42 -8.01
CA LYS A 47 -0.60 -11.77 -6.88
C LYS A 47 -0.96 -10.95 -5.65
N ALA A 48 -1.28 -9.68 -5.86
CA ALA A 48 -1.65 -8.79 -4.77
C ALA A 48 -2.84 -9.34 -3.99
N ALA A 49 -3.78 -9.95 -4.71
CA ALA A 49 -4.97 -10.51 -4.08
C ALA A 49 -4.63 -11.80 -3.33
N LEU A 50 -3.78 -12.62 -3.93
CA LEU A 50 -3.37 -13.88 -3.32
C LEU A 50 -2.69 -13.65 -1.98
N SER A 51 -1.85 -12.62 -1.92
CA SER A 51 -1.13 -12.29 -0.69
C SER A 51 -2.11 -12.08 0.46
N GLN A 52 -3.23 -11.42 0.16
CA GLN A 52 -4.25 -11.15 1.18
C GLN A 52 -3.69 -10.27 2.28
N LYS A 53 -2.68 -9.47 1.95
CA LYS A 53 -2.06 -8.58 2.93
C LYS A 53 -2.54 -7.14 2.73
N MET A 54 -2.89 -6.81 1.50
CA MET A 54 -3.37 -5.47 1.18
C MET A 54 -4.73 -5.52 0.48
N ARG A 55 -5.44 -4.40 0.49
CA ARG A 55 -6.75 -4.32 -0.15
C ARG A 55 -7.16 -2.87 -0.36
N THR A 56 -7.99 -2.64 -1.38
CA THR A 56 -8.46 -1.29 -1.69
C THR A 56 -8.74 -0.50 -0.41
N GLY A 57 -7.86 0.42 -0.07
CA GLY A 57 -8.04 1.23 1.11
C GLY A 57 -6.73 1.46 1.86
N ASP A 58 -5.69 0.77 1.43
CA ASP A 58 -4.37 0.91 2.06
C ASP A 58 -3.56 2.03 1.41
N GLU A 59 -2.61 2.57 2.16
CA GLU A 59 -1.77 3.65 1.66
C GLU A 59 -0.37 3.15 1.34
N LEU A 60 -0.05 3.04 0.05
CA LEU A 60 1.26 2.57 -0.38
C LEU A 60 2.23 3.73 -0.53
N VAL A 61 3.25 3.75 0.33
CA VAL A 61 4.25 4.81 0.30
C VAL A 61 5.63 4.25 -0.06
N ASN A 62 5.77 2.93 0.05
CA ASN A 62 7.03 2.27 -0.25
C ASN A 62 6.83 1.18 -1.31
N ILE A 63 7.46 1.37 -2.47
CA ILE A 63 7.37 0.40 -3.56
C ILE A 63 8.73 -0.20 -3.89
N ASN A 64 8.82 -1.52 -3.78
CA ASN A 64 10.07 -2.22 -4.06
C ASN A 64 11.20 -1.69 -3.20
N GLY A 65 10.87 -1.22 -2.00
CA GLY A 65 11.87 -0.69 -1.11
C GLY A 65 12.22 0.75 -1.41
N THR A 66 11.42 1.39 -2.26
CA THR A 66 11.65 2.78 -2.64
C THR A 66 10.66 3.70 -1.96
N PRO A 67 11.16 4.53 -1.03
CA PRO A 67 10.32 5.48 -0.28
C PRO A 67 9.82 6.62 -1.16
N LEU A 68 8.51 6.63 -1.44
CA LEU A 68 7.91 7.66 -2.27
C LEU A 68 7.54 8.89 -1.43
N TYR A 69 6.91 9.86 -2.07
CA TYR A 69 6.50 11.08 -1.39
C TYR A 69 5.01 11.33 -1.56
N GLY A 70 4.49 11.01 -2.74
CA GLY A 70 3.08 11.21 -3.01
C GLY A 70 2.75 11.12 -4.48
N SER A 71 3.69 11.52 -5.33
CA SER A 71 3.50 11.49 -6.77
C SER A 71 2.97 10.12 -7.22
N ARG A 72 2.38 10.09 -8.41
CA ARG A 72 1.81 8.86 -8.95
C ARG A 72 2.81 8.16 -9.88
N GLN A 73 3.14 8.83 -10.98
CA GLN A 73 4.08 8.27 -11.94
C GLN A 73 5.19 7.50 -11.24
N GLU A 74 6.04 8.21 -10.50
CA GLU A 74 7.14 7.59 -9.78
C GLU A 74 6.74 6.22 -9.25
N ALA A 75 5.68 6.19 -8.45
CA ALA A 75 5.19 4.94 -7.88
C ALA A 75 4.98 3.88 -8.95
N LEU A 76 3.92 4.03 -9.73
CA LEU A 76 3.61 3.09 -10.80
C LEU A 76 4.86 2.76 -11.61
N ILE A 77 5.43 3.78 -12.25
CA ILE A 77 6.63 3.59 -13.05
C ILE A 77 7.62 2.66 -12.36
N LEU A 78 7.67 2.73 -11.03
CA LEU A 78 8.58 1.89 -10.26
C LEU A 78 8.23 0.41 -10.43
N ILE A 79 6.93 0.10 -10.34
CA ILE A 79 6.46 -1.27 -10.48
C ILE A 79 6.95 -1.87 -11.79
N LYS A 80 6.92 -1.07 -12.86
CA LYS A 80 7.35 -1.53 -14.17
C LYS A 80 8.71 -2.24 -14.08
N GLY A 81 9.53 -1.81 -13.12
CA GLY A 81 10.84 -2.41 -12.95
C GLY A 81 10.76 -3.77 -12.30
N SER A 82 9.71 -4.00 -11.52
CA SER A 82 9.53 -5.27 -10.82
C SER A 82 10.09 -6.43 -11.64
N PHE A 83 10.70 -7.38 -10.96
CA PHE A 83 11.28 -8.55 -11.62
C PHE A 83 10.51 -9.81 -11.29
N ARG A 84 10.70 -10.31 -10.07
CA ARG A 84 10.02 -11.52 -9.63
C ARG A 84 9.36 -11.31 -8.26
N ILE A 85 10.10 -10.69 -7.34
CA ILE A 85 9.60 -10.42 -6.01
C ILE A 85 9.36 -8.92 -5.80
N LEU A 86 8.21 -8.59 -5.25
CA LEU A 86 7.86 -7.19 -4.98
C LEU A 86 7.75 -6.93 -3.48
N LYS A 87 8.21 -5.75 -3.06
CA LYS A 87 8.16 -5.37 -1.66
C LYS A 87 7.47 -4.02 -1.48
N LEU A 88 6.33 -4.03 -0.78
CA LEU A 88 5.57 -2.82 -0.53
C LEU A 88 5.20 -2.69 0.94
N ILE A 89 5.27 -1.47 1.46
CA ILE A 89 4.94 -1.21 2.85
C ILE A 89 3.79 -0.22 2.97
N VAL A 90 2.59 -0.74 3.22
CA VAL A 90 1.40 0.10 3.35
C VAL A 90 1.09 0.37 4.82
N ARG A 91 0.61 1.58 5.11
CA ARG A 91 0.27 1.96 6.48
C ARG A 91 -1.25 2.03 6.65
N ARG A 92 -1.73 1.47 7.76
CA ARG A 92 -3.17 1.47 8.05
C ARG A 92 -3.42 1.90 9.49
N ARG A 93 -4.36 2.83 9.67
CA ARG A 93 -4.70 3.32 11.00
C ARG A 93 -4.67 2.19 12.02
N ASN A 94 -4.14 2.49 13.20
CA ASN A 94 -4.05 1.50 14.27
C ASN A 94 -5.05 1.80 15.39
N SER A 95 -5.64 0.76 15.96
CA SER A 95 -6.60 0.92 17.04
C SER A 95 -6.10 1.91 18.08
N GLY A 96 -7.03 2.60 18.74
CA GLY A 96 -6.67 3.57 19.75
C GLY A 96 -7.76 4.59 20.00
N PRO A 97 -8.79 4.17 20.76
CA PRO A 97 -9.92 5.04 21.08
C PRO A 97 -9.54 6.16 22.06
N SER A 98 -10.52 6.95 22.46
CA SER A 98 -10.28 8.05 23.38
C SER A 98 -11.15 7.92 24.63
N SER A 99 -10.80 8.68 25.66
CA SER A 99 -11.55 8.64 26.92
C SER A 99 -12.04 7.22 27.22
N GLY A 100 -11.17 6.25 26.98
CA GLY A 100 -11.54 4.85 27.22
C GLY A 100 -10.32 3.98 27.43
N GLY A 1 -7.76 16.12 29.20
CA GLY A 1 -8.19 16.14 27.80
C GLY A 1 -9.58 15.57 27.62
N SER A 2 -9.98 15.39 26.36
CA SER A 2 -11.30 14.85 26.05
C SER A 2 -11.24 13.34 25.86
N SER A 3 -12.17 12.64 26.50
CA SER A 3 -12.22 11.18 26.40
C SER A 3 -12.24 10.72 24.95
N GLY A 4 -11.26 9.92 24.57
CA GLY A 4 -11.19 9.42 23.21
C GLY A 4 -9.79 8.98 22.83
N SER A 5 -9.58 8.77 21.53
CA SER A 5 -8.28 8.34 21.03
C SER A 5 -7.33 9.52 20.89
N SER A 6 -7.75 10.54 20.16
CA SER A 6 -6.95 11.73 19.95
C SER A 6 -5.56 11.36 19.43
N GLY A 7 -5.51 10.43 18.49
CA GLY A 7 -4.24 10.01 17.92
C GLY A 7 -3.78 8.68 18.50
N GLY A 8 -2.95 7.97 17.74
CA GLY A 8 -2.44 6.69 18.19
C GLY A 8 -1.23 6.24 17.41
N SER A 9 -1.46 5.37 16.43
CA SER A 9 -0.38 4.85 15.60
C SER A 9 -0.93 4.15 14.35
N PHE A 10 -0.02 3.65 13.51
CA PHE A 10 -0.42 2.96 12.29
C PHE A 10 0.36 1.66 12.12
N GLN A 11 -0.29 0.65 11.56
CA GLN A 11 0.35 -0.64 11.34
C GLN A 11 0.88 -0.75 9.91
N TYR A 12 2.08 -1.29 9.78
CA TYR A 12 2.70 -1.45 8.47
C TYR A 12 2.96 -2.93 8.17
N VAL A 13 2.65 -3.34 6.94
CA VAL A 13 2.83 -4.72 6.53
C VAL A 13 3.53 -4.79 5.16
N PRO A 14 4.77 -5.29 5.15
CA PRO A 14 5.56 -5.42 3.93
C PRO A 14 5.01 -6.50 3.00
N VAL A 15 4.14 -6.11 2.09
CA VAL A 15 3.54 -7.04 1.14
C VAL A 15 4.59 -7.59 0.18
N GLN A 16 5.20 -8.71 0.56
CA GLN A 16 6.22 -9.33 -0.28
C GLN A 16 5.59 -10.25 -1.32
N LEU A 17 5.56 -9.79 -2.56
CA LEU A 17 4.99 -10.58 -3.65
C LEU A 17 6.01 -11.56 -4.22
N GLN A 18 5.52 -12.56 -4.95
CA GLN A 18 6.39 -13.56 -5.55
C GLN A 18 5.80 -14.09 -6.85
N GLY A 19 6.67 -14.40 -7.80
CA GLY A 19 6.22 -14.92 -9.08
C GLY A 19 6.48 -13.94 -10.22
N GLY A 20 6.07 -12.70 -10.03
CA GLY A 20 6.27 -11.68 -11.06
C GLY A 20 4.96 -11.22 -11.67
N ALA A 21 4.93 -9.96 -12.11
CA ALA A 21 3.75 -9.40 -12.73
C ALA A 21 3.16 -10.34 -13.77
N PRO A 22 1.88 -10.11 -14.12
CA PRO A 22 1.09 -9.02 -13.55
C PRO A 22 0.74 -9.25 -12.09
N TRP A 23 0.97 -8.24 -11.26
CA TRP A 23 0.68 -8.35 -9.84
C TRP A 23 -0.83 -8.29 -9.58
N GLY A 24 -1.48 -7.29 -10.16
CA GLY A 24 -2.92 -7.14 -9.98
C GLY A 24 -3.27 -6.11 -8.93
N PHE A 25 -2.61 -4.95 -8.99
CA PHE A 25 -2.87 -3.88 -8.04
C PHE A 25 -2.61 -2.51 -8.67
N THR A 26 -3.49 -1.56 -8.39
CA THR A 26 -3.35 -0.21 -8.93
C THR A 26 -3.52 0.84 -7.83
N LEU A 27 -3.29 2.10 -8.20
CA LEU A 27 -3.41 3.20 -7.25
C LEU A 27 -4.17 4.37 -7.87
N LYS A 28 -4.46 5.38 -7.05
CA LYS A 28 -5.16 6.56 -7.52
C LYS A 28 -4.77 7.80 -6.71
N GLY A 29 -5.33 8.94 -7.06
CA GLY A 29 -5.02 10.18 -6.36
C GLY A 29 -3.57 10.59 -6.51
N GLY A 30 -2.94 10.92 -5.40
CA GLY A 30 -1.55 11.34 -5.45
C GLY A 30 -1.33 12.73 -4.87
N LEU A 31 -0.12 13.25 -5.03
CA LEU A 31 0.20 14.58 -4.51
C LEU A 31 -0.37 15.66 -5.40
N GLU A 32 -0.34 15.43 -6.71
CA GLU A 32 -0.87 16.39 -7.67
C GLU A 32 -2.31 16.77 -7.33
N HIS A 33 -3.00 15.88 -6.65
CA HIS A 33 -4.39 16.12 -6.25
C HIS A 33 -4.51 16.24 -4.74
N CYS A 34 -3.38 16.15 -4.04
CA CYS A 34 -3.36 16.25 -2.60
C CYS A 34 -4.14 15.11 -1.96
N GLU A 35 -4.21 13.99 -2.67
CA GLU A 35 -4.94 12.82 -2.19
C GLU A 35 -3.97 11.73 -1.74
N PRO A 36 -4.35 10.97 -0.70
CA PRO A 36 -3.53 9.88 -0.17
C PRO A 36 -3.45 8.69 -1.12
N LEU A 37 -2.37 8.63 -1.88
CA LEU A 37 -2.16 7.54 -2.83
C LEU A 37 -2.45 6.19 -2.18
N THR A 38 -3.63 5.65 -2.45
CA THR A 38 -4.02 4.36 -1.90
C THR A 38 -4.50 3.41 -2.99
N VAL A 39 -4.51 2.12 -2.68
CA VAL A 39 -4.95 1.10 -3.63
C VAL A 39 -6.31 1.47 -4.22
N SER A 40 -6.37 1.51 -5.55
CA SER A 40 -7.61 1.84 -6.25
C SER A 40 -8.33 0.57 -6.72
N LYS A 41 -7.55 -0.40 -7.17
CA LYS A 41 -8.10 -1.66 -7.65
C LYS A 41 -7.07 -2.78 -7.54
N ILE A 42 -7.53 -3.98 -7.20
CA ILE A 42 -6.65 -5.14 -7.07
C ILE A 42 -7.28 -6.38 -7.70
N GLU A 43 -6.77 -6.75 -8.87
CA GLU A 43 -7.29 -7.92 -9.57
C GLU A 43 -7.45 -9.10 -8.62
N ASP A 44 -8.65 -9.65 -8.58
CA ASP A 44 -8.95 -10.79 -7.71
C ASP A 44 -8.25 -12.05 -8.21
N GLY A 45 -7.28 -12.54 -7.43
CA GLY A 45 -6.55 -13.73 -7.79
C GLY A 45 -5.09 -13.45 -8.07
N GLY A 46 -4.79 -12.21 -8.48
CA GLY A 46 -3.41 -11.85 -8.76
C GLY A 46 -2.51 -11.97 -7.55
N LYS A 47 -1.26 -11.57 -7.70
CA LYS A 47 -0.29 -11.64 -6.62
C LYS A 47 -0.72 -10.77 -5.44
N ALA A 48 -1.10 -9.53 -5.74
CA ALA A 48 -1.55 -8.61 -4.71
C ALA A 48 -2.65 -9.22 -3.86
N ALA A 49 -3.64 -9.82 -4.52
CA ALA A 49 -4.75 -10.44 -3.82
C ALA A 49 -4.32 -11.72 -3.12
N LEU A 50 -3.45 -12.49 -3.77
CA LEU A 50 -2.96 -13.74 -3.22
C LEU A 50 -2.35 -13.52 -1.84
N SER A 51 -1.48 -12.51 -1.74
CA SER A 51 -0.83 -12.20 -0.47
C SER A 51 -1.85 -11.91 0.62
N GLN A 52 -2.98 -11.34 0.21
CA GLN A 52 -4.05 -11.01 1.16
C GLN A 52 -3.52 -10.13 2.28
N LYS A 53 -2.61 -9.23 1.94
CA LYS A 53 -2.04 -8.31 2.93
C LYS A 53 -2.43 -6.87 2.63
N MET A 54 -2.83 -6.62 1.38
CA MET A 54 -3.24 -5.28 0.98
C MET A 54 -4.57 -5.32 0.25
N ARG A 55 -5.37 -4.27 0.41
CA ARG A 55 -6.67 -4.19 -0.24
C ARG A 55 -7.00 -2.74 -0.62
N THR A 56 -8.04 -2.57 -1.43
CA THR A 56 -8.45 -1.24 -1.87
C THR A 56 -8.72 -0.33 -0.68
N GLY A 57 -7.77 0.54 -0.37
CA GLY A 57 -7.92 1.46 0.75
C GLY A 57 -6.62 1.69 1.48
N ASP A 58 -5.64 0.84 1.25
CA ASP A 58 -4.34 0.96 1.90
C ASP A 58 -3.53 2.07 1.28
N GLU A 59 -2.61 2.65 2.06
CA GLU A 59 -1.76 3.74 1.58
C GLU A 59 -0.35 3.24 1.33
N LEU A 60 -0.01 3.06 0.05
CA LEU A 60 1.33 2.60 -0.32
C LEU A 60 2.30 3.78 -0.43
N VAL A 61 3.36 3.72 0.37
CA VAL A 61 4.38 4.77 0.36
C VAL A 61 5.73 4.22 -0.04
N ASN A 62 5.94 2.93 0.20
CA ASN A 62 7.21 2.28 -0.15
C ASN A 62 6.99 1.20 -1.20
N ILE A 63 7.56 1.41 -2.38
CA ILE A 63 7.43 0.45 -3.47
C ILE A 63 8.78 -0.19 -3.80
N ASN A 64 8.82 -1.50 -3.82
CA ASN A 64 10.04 -2.24 -4.12
C ASN A 64 11.19 -1.78 -3.23
N GLY A 65 10.84 -1.32 -2.02
CA GLY A 65 11.85 -0.86 -1.10
C GLY A 65 12.32 0.55 -1.39
N THR A 66 11.50 1.29 -2.13
CA THR A 66 11.83 2.67 -2.49
C THR A 66 10.78 3.65 -1.97
N PRO A 67 11.23 4.65 -1.20
CA PRO A 67 10.35 5.67 -0.62
C PRO A 67 9.77 6.60 -1.69
N LEU A 68 8.47 6.87 -1.59
CA LEU A 68 7.80 7.75 -2.55
C LEU A 68 7.48 9.09 -1.91
N TYR A 69 7.00 10.03 -2.73
CA TYR A 69 6.67 11.36 -2.24
C TYR A 69 5.20 11.70 -2.55
N GLY A 70 4.41 10.65 -2.78
CA GLY A 70 3.00 10.86 -3.08
C GLY A 70 2.75 11.03 -4.57
N SER A 71 3.77 10.76 -5.37
CA SER A 71 3.66 10.88 -6.82
C SER A 71 3.19 9.57 -7.45
N ARG A 72 2.06 9.62 -8.15
CA ARG A 72 1.51 8.44 -8.79
C ARG A 72 2.47 7.90 -9.85
N GLN A 73 2.96 8.80 -10.70
CA GLN A 73 3.88 8.40 -11.77
C GLN A 73 5.04 7.58 -11.21
N GLU A 74 5.97 8.25 -10.53
CA GLU A 74 7.12 7.57 -9.95
C GLU A 74 6.74 6.18 -9.45
N ALA A 75 5.66 6.11 -8.68
CA ALA A 75 5.20 4.83 -8.14
C ALA A 75 4.99 3.81 -9.25
N LEU A 76 3.90 3.97 -10.00
CA LEU A 76 3.58 3.07 -11.10
C LEU A 76 4.84 2.75 -11.92
N ILE A 77 5.66 3.76 -12.14
CA ILE A 77 6.88 3.59 -12.92
C ILE A 77 7.85 2.65 -12.21
N LEU A 78 7.96 2.79 -10.90
CA LEU A 78 8.84 1.94 -10.11
C LEU A 78 8.51 0.46 -10.32
N ILE A 79 7.22 0.13 -10.24
CA ILE A 79 6.77 -1.24 -10.42
C ILE A 79 7.32 -1.82 -11.72
N LYS A 80 7.38 -1.00 -12.75
CA LYS A 80 7.87 -1.43 -14.06
C LYS A 80 9.18 -2.20 -13.91
N GLY A 81 9.99 -1.79 -12.94
CA GLY A 81 11.27 -2.45 -12.71
C GLY A 81 11.10 -3.83 -12.11
N SER A 82 10.00 -4.03 -11.38
CA SER A 82 9.73 -5.31 -10.74
C SER A 82 10.27 -6.46 -11.57
N PHE A 83 10.84 -7.46 -10.90
CA PHE A 83 11.39 -8.62 -11.58
C PHE A 83 10.56 -9.88 -11.28
N ARG A 84 10.73 -10.40 -10.07
CA ARG A 84 10.00 -11.59 -9.67
C ARG A 84 9.37 -11.40 -8.29
N ILE A 85 10.09 -10.70 -7.41
CA ILE A 85 9.60 -10.44 -6.06
C ILE A 85 9.41 -8.95 -5.82
N LEU A 86 8.21 -8.56 -5.40
CA LEU A 86 7.90 -7.17 -5.13
C LEU A 86 7.81 -6.91 -3.63
N LYS A 87 8.29 -5.75 -3.20
CA LYS A 87 8.26 -5.38 -1.79
C LYS A 87 7.55 -4.05 -1.60
N LEU A 88 6.41 -4.07 -0.91
CA LEU A 88 5.65 -2.86 -0.65
C LEU A 88 5.23 -2.78 0.82
N ILE A 89 5.30 -1.58 1.38
CA ILE A 89 4.93 -1.37 2.78
C ILE A 89 3.72 -0.44 2.88
N VAL A 90 2.56 -1.02 3.17
CA VAL A 90 1.33 -0.24 3.31
C VAL A 90 1.00 0.00 4.78
N ARG A 91 0.57 1.22 5.09
CA ARG A 91 0.20 1.58 6.46
C ARG A 91 -1.30 1.75 6.60
N ARG A 92 -1.87 1.08 7.59
CA ARG A 92 -3.31 1.16 7.84
C ARG A 92 -3.59 1.65 9.25
N ARG A 93 -4.31 2.76 9.36
CA ARG A 93 -4.65 3.33 10.65
C ARG A 93 -5.19 2.27 11.59
N ASN A 94 -4.72 2.28 12.84
CA ASN A 94 -5.16 1.31 13.83
C ASN A 94 -6.47 1.75 14.48
N SER A 95 -7.39 0.82 14.64
CA SER A 95 -8.69 1.10 15.25
C SER A 95 -9.48 -0.17 15.47
N GLY A 96 -10.19 -0.23 16.60
CA GLY A 96 -10.98 -1.40 16.92
C GLY A 96 -11.04 -1.67 18.40
N PRO A 97 -10.16 -2.57 18.88
CA PRO A 97 -10.09 -2.94 20.30
C PRO A 97 -9.57 -1.80 21.18
N SER A 98 -8.46 -1.20 20.74
CA SER A 98 -7.85 -0.10 21.49
C SER A 98 -8.90 0.95 21.86
N SER A 99 -9.25 1.00 23.14
CA SER A 99 -10.24 1.96 23.63
C SER A 99 -9.79 3.39 23.35
N GLY A 100 -8.50 3.63 23.49
CA GLY A 100 -7.96 4.96 23.25
C GLY A 100 -7.55 5.66 24.53
N GLY A 1 -8.48 10.62 34.79
CA GLY A 1 -8.03 9.63 33.83
C GLY A 1 -7.22 8.52 34.48
N SER A 2 -7.86 7.38 34.70
CA SER A 2 -7.20 6.23 35.32
C SER A 2 -6.81 5.20 34.28
N SER A 3 -5.54 5.22 33.87
CA SER A 3 -5.04 4.28 32.88
C SER A 3 -6.08 4.03 31.79
N GLY A 4 -6.76 5.10 31.37
CA GLY A 4 -7.77 4.99 30.34
C GLY A 4 -7.57 5.98 29.20
N SER A 5 -6.68 5.63 28.28
CA SER A 5 -6.39 6.50 27.15
C SER A 5 -6.28 5.70 25.85
N SER A 6 -6.28 6.39 24.73
CA SER A 6 -6.19 5.74 23.42
C SER A 6 -5.01 6.30 22.62
N GLY A 7 -4.66 5.60 21.54
CA GLY A 7 -3.55 6.04 20.71
C GLY A 7 -3.86 5.89 19.23
N GLY A 8 -2.90 6.27 18.39
CA GLY A 8 -3.09 6.18 16.95
C GLY A 8 -1.85 5.67 16.24
N SER A 9 -1.28 4.58 16.75
CA SER A 9 -0.09 4.00 16.16
C SER A 9 -0.42 3.25 14.88
N PHE A 10 0.18 3.68 13.77
CA PHE A 10 -0.06 3.06 12.47
C PHE A 10 0.71 1.75 12.35
N GLN A 11 0.28 0.90 11.43
CA GLN A 11 0.93 -0.39 11.21
C GLN A 11 1.35 -0.55 9.75
N TYR A 12 2.63 -0.85 9.54
CA TYR A 12 3.15 -1.03 8.19
C TYR A 12 3.19 -2.51 7.81
N VAL A 13 2.41 -2.86 6.79
CA VAL A 13 2.36 -4.24 6.32
C VAL A 13 3.17 -4.42 5.03
N PRO A 14 4.42 -4.89 5.20
CA PRO A 14 5.33 -5.11 4.07
C PRO A 14 4.89 -6.30 3.21
N VAL A 15 4.06 -6.01 2.21
CA VAL A 15 3.57 -7.04 1.31
C VAL A 15 4.66 -7.52 0.36
N GLN A 16 5.28 -8.65 0.71
CA GLN A 16 6.35 -9.21 -0.10
C GLN A 16 5.79 -10.19 -1.14
N LEU A 17 5.60 -9.71 -2.36
CA LEU A 17 5.08 -10.55 -3.44
C LEU A 17 6.14 -11.52 -3.94
N GLN A 18 5.70 -12.52 -4.71
CA GLN A 18 6.62 -13.51 -5.25
C GLN A 18 6.08 -14.09 -6.56
N GLY A 19 6.98 -14.34 -7.51
CA GLY A 19 6.58 -14.88 -8.79
C GLY A 19 6.86 -13.94 -9.94
N GLY A 20 6.57 -12.66 -9.74
CA GLY A 20 6.80 -11.68 -10.78
C GLY A 20 5.52 -11.19 -11.42
N ALA A 21 5.49 -9.91 -11.79
CA ALA A 21 4.31 -9.33 -12.41
C ALA A 21 3.73 -10.25 -13.47
N PRO A 22 2.46 -10.03 -13.82
CA PRO A 22 1.65 -8.97 -13.22
C PRO A 22 1.30 -9.25 -11.77
N TRP A 23 0.91 -8.20 -11.04
CA TRP A 23 0.55 -8.34 -9.63
C TRP A 23 -0.96 -8.25 -9.45
N GLY A 24 -1.56 -7.25 -10.08
CA GLY A 24 -3.00 -7.07 -9.97
C GLY A 24 -3.38 -6.05 -8.90
N PHE A 25 -2.67 -4.93 -8.89
CA PHE A 25 -2.93 -3.87 -7.92
C PHE A 25 -2.66 -2.50 -8.52
N THR A 26 -3.49 -1.52 -8.17
CA THR A 26 -3.34 -0.17 -8.68
C THR A 26 -3.44 0.86 -7.55
N LEU A 27 -3.32 2.13 -7.90
CA LEU A 27 -3.40 3.20 -6.92
C LEU A 27 -4.21 4.38 -7.47
N LYS A 28 -4.52 5.32 -6.59
CA LYS A 28 -5.29 6.51 -6.98
C LYS A 28 -4.74 7.76 -6.30
N GLY A 29 -5.41 8.88 -6.53
CA GLY A 29 -4.97 10.14 -5.94
C GLY A 29 -3.50 10.39 -6.12
N GLY A 30 -2.79 10.65 -5.03
CA GLY A 30 -1.37 10.92 -5.10
C GLY A 30 -1.05 12.39 -5.06
N LEU A 31 0.23 12.71 -4.86
CA LEU A 31 0.67 14.10 -4.81
C LEU A 31 0.08 14.91 -5.96
N GLU A 32 -0.09 14.26 -7.10
CA GLU A 32 -0.65 14.92 -8.28
C GLU A 32 -1.87 15.76 -7.90
N HIS A 33 -2.70 15.22 -7.01
CA HIS A 33 -3.91 15.91 -6.57
C HIS A 33 -3.99 15.94 -5.04
N CYS A 34 -2.85 16.22 -4.41
CA CYS A 34 -2.80 16.26 -2.95
C CYS A 34 -3.70 15.19 -2.33
N GLU A 35 -3.79 14.05 -2.99
CA GLU A 35 -4.61 12.95 -2.51
C GLU A 35 -3.75 11.82 -1.94
N PRO A 36 -4.32 11.07 -0.98
CA PRO A 36 -3.62 9.96 -0.35
C PRO A 36 -3.42 8.77 -1.30
N LEU A 37 -2.20 8.61 -1.78
CA LEU A 37 -1.88 7.53 -2.70
C LEU A 37 -2.21 6.18 -2.08
N THR A 38 -3.42 5.69 -2.33
CA THR A 38 -3.85 4.41 -1.79
C THR A 38 -4.33 3.48 -2.90
N VAL A 39 -4.49 2.20 -2.58
CA VAL A 39 -4.93 1.21 -3.55
C VAL A 39 -6.27 1.60 -4.16
N SER A 40 -6.33 1.64 -5.48
CA SER A 40 -7.56 2.00 -6.18
C SER A 40 -8.34 0.76 -6.60
N LYS A 41 -7.61 -0.29 -6.98
CA LYS A 41 -8.23 -1.53 -7.41
C LYS A 41 -7.20 -2.66 -7.42
N ILE A 42 -7.64 -3.85 -7.02
CA ILE A 42 -6.76 -5.01 -6.99
C ILE A 42 -7.41 -6.22 -7.66
N GLU A 43 -6.89 -6.59 -8.83
CA GLU A 43 -7.43 -7.73 -9.57
C GLU A 43 -7.67 -8.92 -8.65
N ASP A 44 -8.91 -9.39 -8.62
CA ASP A 44 -9.27 -10.53 -7.78
C ASP A 44 -8.75 -11.83 -8.37
N GLY A 45 -7.61 -12.29 -7.86
CA GLY A 45 -7.02 -13.52 -8.35
C GLY A 45 -5.53 -13.39 -8.59
N GLY A 46 -5.08 -12.19 -8.91
CA GLY A 46 -3.67 -11.95 -9.16
C GLY A 46 -2.82 -12.17 -7.93
N LYS A 47 -1.59 -11.68 -7.97
CA LYS A 47 -0.67 -11.82 -6.85
C LYS A 47 -1.12 -10.97 -5.66
N ALA A 48 -1.22 -9.67 -5.89
CA ALA A 48 -1.64 -8.74 -4.85
C ALA A 48 -2.81 -9.32 -4.04
N ALA A 49 -3.75 -9.93 -4.74
CA ALA A 49 -4.91 -10.52 -4.10
C ALA A 49 -4.55 -11.83 -3.40
N LEU A 50 -3.90 -12.72 -4.12
CA LEU A 50 -3.49 -14.01 -3.57
C LEU A 50 -2.73 -13.83 -2.27
N SER A 51 -1.92 -12.78 -2.19
CA SER A 51 -1.14 -12.48 -1.00
C SER A 51 -2.04 -12.30 0.21
N GLN A 52 -3.17 -11.62 0.01
CA GLN A 52 -4.11 -11.36 1.08
C GLN A 52 -3.48 -10.54 2.20
N LYS A 53 -2.59 -9.62 1.81
CA LYS A 53 -1.90 -8.77 2.77
C LYS A 53 -2.36 -7.32 2.62
N MET A 54 -2.68 -6.92 1.39
CA MET A 54 -3.14 -5.57 1.12
C MET A 54 -4.39 -5.57 0.26
N ARG A 55 -5.22 -4.55 0.41
CA ARG A 55 -6.45 -4.43 -0.36
C ARG A 55 -6.76 -2.97 -0.68
N THR A 56 -7.92 -2.74 -1.29
CA THR A 56 -8.33 -1.39 -1.67
C THR A 56 -8.46 -0.51 -0.43
N GLY A 57 -7.74 0.60 -0.42
CA GLY A 57 -7.79 1.52 0.70
C GLY A 57 -6.44 1.71 1.37
N ASP A 58 -5.60 0.68 1.29
CA ASP A 58 -4.27 0.73 1.89
C ASP A 58 -3.45 1.85 1.28
N GLU A 59 -2.64 2.50 2.11
CA GLU A 59 -1.79 3.60 1.66
C GLU A 59 -0.36 3.12 1.42
N LEU A 60 -0.05 2.84 0.15
CA LEU A 60 1.28 2.38 -0.22
C LEU A 60 2.21 3.55 -0.48
N VAL A 61 3.24 3.69 0.37
CA VAL A 61 4.21 4.77 0.23
C VAL A 61 5.56 4.23 -0.21
N ASN A 62 5.87 3.00 0.21
CA ASN A 62 7.14 2.38 -0.14
C ASN A 62 6.94 1.29 -1.19
N ILE A 63 7.53 1.51 -2.36
CA ILE A 63 7.42 0.55 -3.45
C ILE A 63 8.80 0.04 -3.87
N ASN A 64 8.99 -1.28 -3.77
CA ASN A 64 10.25 -1.90 -4.12
C ASN A 64 11.39 -1.35 -3.28
N GLY A 65 11.08 -0.97 -2.04
CA GLY A 65 12.08 -0.43 -1.15
C GLY A 65 12.42 1.01 -1.46
N THR A 66 11.61 1.64 -2.30
CA THR A 66 11.83 3.03 -2.68
C THR A 66 10.76 3.94 -2.09
N PRO A 67 11.19 4.91 -1.27
CA PRO A 67 10.27 5.87 -0.64
C PRO A 67 9.68 6.85 -1.63
N LEU A 68 8.38 6.71 -1.90
CA LEU A 68 7.69 7.58 -2.84
C LEU A 68 7.46 8.96 -2.23
N TYR A 69 7.27 9.96 -3.09
CA TYR A 69 7.05 11.32 -2.63
C TYR A 69 5.63 11.77 -2.96
N GLY A 70 4.68 10.84 -2.86
CA GLY A 70 3.30 11.17 -3.15
C GLY A 70 2.96 11.01 -4.62
N SER A 71 3.77 11.62 -5.48
CA SER A 71 3.55 11.54 -6.93
C SER A 71 3.07 10.15 -7.33
N ARG A 72 2.10 10.11 -8.25
CA ARG A 72 1.56 8.84 -8.72
C ARG A 72 2.46 8.23 -9.78
N GLN A 73 2.74 9.00 -10.84
CA GLN A 73 3.58 8.53 -11.92
C GLN A 73 4.72 7.66 -11.40
N GLU A 74 5.69 8.30 -10.75
CA GLU A 74 6.84 7.59 -10.20
C GLU A 74 6.44 6.21 -9.70
N ALA A 75 5.43 6.17 -8.83
CA ALA A 75 4.94 4.92 -8.27
C ALA A 75 4.66 3.89 -9.37
N LEU A 76 3.57 4.09 -10.09
CA LEU A 76 3.20 3.18 -11.18
C LEU A 76 4.41 2.83 -12.04
N ILE A 77 5.19 3.85 -12.40
CA ILE A 77 6.37 3.66 -13.21
C ILE A 77 7.30 2.61 -12.59
N LEU A 78 7.50 2.71 -11.28
CA LEU A 78 8.36 1.77 -10.57
C LEU A 78 7.91 0.33 -10.82
N ILE A 79 6.62 0.08 -10.67
CA ILE A 79 6.07 -1.26 -10.88
C ILE A 79 6.39 -1.76 -12.28
N LYS A 80 6.09 -0.94 -13.28
CA LYS A 80 6.34 -1.30 -14.67
C LYS A 80 7.61 -2.15 -14.79
N GLY A 81 8.63 -1.79 -14.03
CA GLY A 81 9.88 -2.53 -14.07
C GLY A 81 10.13 -3.30 -12.79
N SER A 82 9.11 -4.00 -12.31
CA SER A 82 9.23 -4.79 -11.09
C SER A 82 10.13 -6.01 -11.30
N PHE A 83 10.25 -6.83 -10.26
CA PHE A 83 11.07 -8.02 -10.34
C PHE A 83 10.31 -9.25 -9.85
N ARG A 84 10.98 -10.40 -9.82
CA ARG A 84 10.36 -11.64 -9.38
C ARG A 84 9.66 -11.45 -8.05
N ILE A 85 10.21 -10.58 -7.21
CA ILE A 85 9.63 -10.31 -5.90
C ILE A 85 9.40 -8.82 -5.70
N LEU A 86 8.22 -8.47 -5.19
CA LEU A 86 7.88 -7.08 -4.94
C LEU A 86 7.75 -6.80 -3.45
N LYS A 87 8.17 -5.60 -3.04
CA LYS A 87 8.10 -5.22 -1.63
C LYS A 87 7.36 -3.89 -1.47
N LEU A 88 6.21 -3.95 -0.81
CA LEU A 88 5.40 -2.75 -0.59
C LEU A 88 5.02 -2.62 0.88
N ILE A 89 5.16 -1.42 1.42
CA ILE A 89 4.82 -1.16 2.81
C ILE A 89 3.62 -0.23 2.93
N VAL A 90 2.46 -0.80 3.25
CA VAL A 90 1.24 -0.02 3.39
C VAL A 90 0.92 0.24 4.85
N ARG A 91 0.39 1.42 5.14
CA ARG A 91 0.05 1.80 6.51
C ARG A 91 -1.47 1.87 6.68
N ARG A 92 -1.99 1.09 7.63
CA ARG A 92 -3.42 1.05 7.89
C ARG A 92 -3.72 1.49 9.33
N ARG A 93 -4.39 2.62 9.46
CA ARG A 93 -4.73 3.15 10.78
C ARG A 93 -5.22 2.04 11.70
N ASN A 94 -4.46 1.76 12.75
CA ASN A 94 -4.81 0.72 13.71
C ASN A 94 -5.45 1.32 14.95
N SER A 95 -6.78 1.40 14.95
CA SER A 95 -7.51 1.96 16.08
C SER A 95 -7.50 1.00 17.26
N GLY A 96 -8.10 1.42 18.37
CA GLY A 96 -8.15 0.59 19.55
C GLY A 96 -9.52 -0.07 19.74
N PRO A 97 -9.72 -0.69 20.91
CA PRO A 97 -10.98 -1.35 21.24
C PRO A 97 -12.13 -0.38 21.44
N SER A 98 -12.94 -0.21 20.39
CA SER A 98 -14.08 0.71 20.46
C SER A 98 -15.38 -0.02 20.12
N SER A 99 -16.47 0.42 20.74
CA SER A 99 -17.77 -0.19 20.51
C SER A 99 -18.68 0.76 19.72
N GLY A 100 -18.92 1.94 20.28
CA GLY A 100 -19.77 2.91 19.60
C GLY A 100 -19.72 4.27 20.26
N GLY A 1 -16.15 8.44 33.16
CA GLY A 1 -16.63 7.16 32.64
C GLY A 1 -16.61 7.11 31.13
N SER A 2 -15.52 6.60 30.56
CA SER A 2 -15.38 6.50 29.11
C SER A 2 -14.48 5.33 28.73
N SER A 3 -14.82 4.67 27.64
CA SER A 3 -14.03 3.53 27.16
C SER A 3 -12.54 3.78 27.33
N GLY A 4 -12.06 4.87 26.75
CA GLY A 4 -10.65 5.21 26.85
C GLY A 4 -10.10 5.76 25.55
N SER A 5 -8.87 6.27 25.60
CA SER A 5 -8.22 6.84 24.43
C SER A 5 -6.96 6.07 24.07
N SER A 6 -6.87 5.62 22.82
CA SER A 6 -5.71 4.87 22.36
C SER A 6 -4.60 5.80 21.91
N GLY A 7 -4.97 6.83 21.13
CA GLY A 7 -3.98 7.77 20.64
C GLY A 7 -4.00 7.91 19.13
N GLY A 8 -2.82 7.91 18.53
CA GLY A 8 -2.73 8.03 17.08
C GLY A 8 -1.52 7.33 16.51
N SER A 9 -1.75 6.17 15.90
CA SER A 9 -0.66 5.39 15.31
C SER A 9 -1.16 4.55 14.14
N PHE A 10 -0.24 4.12 13.29
CA PHE A 10 -0.59 3.32 12.12
C PHE A 10 0.33 2.11 12.00
N GLN A 11 -0.15 1.07 11.34
CA GLN A 11 0.62 -0.15 11.16
C GLN A 11 1.04 -0.32 9.70
N TYR A 12 2.30 -0.71 9.49
CA TYR A 12 2.83 -0.90 8.15
C TYR A 12 2.88 -2.38 7.79
N VAL A 13 2.09 -2.76 6.80
CA VAL A 13 2.05 -4.16 6.35
C VAL A 13 2.86 -4.35 5.07
N PRO A 14 4.09 -4.86 5.24
CA PRO A 14 5.00 -5.10 4.11
C PRO A 14 4.54 -6.27 3.23
N VAL A 15 3.86 -5.93 2.14
CA VAL A 15 3.35 -6.94 1.22
C VAL A 15 4.46 -7.45 0.30
N GLN A 16 4.96 -8.65 0.61
CA GLN A 16 6.03 -9.24 -0.19
C GLN A 16 5.45 -10.22 -1.22
N LEU A 17 5.46 -9.80 -2.48
CA LEU A 17 4.94 -10.63 -3.56
C LEU A 17 6.02 -11.57 -4.09
N GLN A 18 5.59 -12.57 -4.86
CA GLN A 18 6.52 -13.54 -5.43
C GLN A 18 5.98 -14.12 -6.72
N GLY A 19 6.82 -14.16 -7.76
CA GLY A 19 6.40 -14.70 -9.03
C GLY A 19 6.59 -13.71 -10.17
N GLY A 20 6.34 -12.44 -9.88
CA GLY A 20 6.49 -11.41 -10.90
C GLY A 20 5.16 -10.98 -11.49
N ALA A 21 5.08 -9.73 -11.92
CA ALA A 21 3.86 -9.19 -12.51
C ALA A 21 3.36 -10.08 -13.64
N PRO A 22 2.10 -9.86 -14.05
CA PRO A 22 1.24 -8.82 -13.47
C PRO A 22 0.82 -9.15 -12.05
N TRP A 23 1.05 -8.23 -11.13
CA TRP A 23 0.69 -8.41 -9.73
C TRP A 23 -0.82 -8.33 -9.54
N GLY A 24 -1.43 -7.28 -10.08
CA GLY A 24 -2.86 -7.11 -9.96
C GLY A 24 -3.24 -6.11 -8.89
N PHE A 25 -2.54 -4.99 -8.86
CA PHE A 25 -2.81 -3.94 -7.88
C PHE A 25 -2.55 -2.56 -8.47
N THR A 26 -3.47 -1.63 -8.22
CA THR A 26 -3.35 -0.27 -8.72
C THR A 26 -3.50 0.75 -7.61
N LEU A 27 -3.27 2.01 -7.92
CA LEU A 27 -3.38 3.09 -6.94
C LEU A 27 -4.20 4.25 -7.50
N LYS A 28 -4.60 5.15 -6.61
CA LYS A 28 -5.38 6.32 -7.02
C LYS A 28 -5.01 7.54 -6.18
N GLY A 29 -5.44 8.71 -6.63
CA GLY A 29 -5.15 9.94 -5.91
C GLY A 29 -3.70 10.38 -6.08
N GLY A 30 -3.07 10.74 -4.96
CA GLY A 30 -1.69 11.18 -5.02
C GLY A 30 -1.53 12.65 -4.67
N LEU A 31 -0.29 13.08 -4.48
CA LEU A 31 0.00 14.47 -4.15
C LEU A 31 -0.56 15.41 -5.21
N GLU A 32 -0.45 15.00 -6.47
CA GLU A 32 -0.94 15.80 -7.58
C GLU A 32 -2.32 16.37 -7.27
N HIS A 33 -3.20 15.54 -6.73
CA HIS A 33 -4.54 15.97 -6.38
C HIS A 33 -4.74 15.99 -4.87
N CYS A 34 -3.73 16.51 -4.17
CA CYS A 34 -3.79 16.59 -2.71
C CYS A 34 -4.54 15.40 -2.13
N GLU A 35 -4.27 14.22 -2.66
CA GLU A 35 -4.93 13.00 -2.19
C GLU A 35 -3.90 11.93 -1.85
N PRO A 36 -4.19 11.13 -0.81
CA PRO A 36 -3.30 10.06 -0.35
C PRO A 36 -3.24 8.90 -1.33
N LEU A 37 -2.04 8.60 -1.81
CA LEU A 37 -1.84 7.52 -2.77
C LEU A 37 -2.19 6.17 -2.13
N THR A 38 -3.45 5.76 -2.29
CA THR A 38 -3.90 4.49 -1.74
C THR A 38 -4.33 3.53 -2.84
N VAL A 39 -4.49 2.26 -2.49
CA VAL A 39 -4.89 1.24 -3.45
C VAL A 39 -6.24 1.58 -4.08
N SER A 40 -6.30 1.52 -5.40
CA SER A 40 -7.53 1.83 -6.13
C SER A 40 -8.28 0.55 -6.48
N LYS A 41 -7.54 -0.46 -6.93
CA LYS A 41 -8.13 -1.74 -7.30
C LYS A 41 -7.09 -2.85 -7.26
N ILE A 42 -7.54 -4.07 -6.95
CA ILE A 42 -6.65 -5.22 -6.89
C ILE A 42 -7.26 -6.42 -7.59
N GLU A 43 -6.73 -6.74 -8.77
CA GLU A 43 -7.22 -7.87 -9.54
C GLU A 43 -7.48 -9.07 -8.65
N ASP A 44 -8.75 -9.46 -8.54
CA ASP A 44 -9.14 -10.59 -7.70
C ASP A 44 -8.60 -11.89 -8.29
N GLY A 45 -7.44 -12.31 -7.80
CA GLY A 45 -6.83 -13.55 -8.28
C GLY A 45 -5.35 -13.39 -8.57
N GLY A 46 -4.95 -12.17 -8.89
CA GLY A 46 -3.54 -11.92 -9.19
C GLY A 46 -2.65 -12.10 -7.97
N LYS A 47 -1.40 -11.65 -8.09
CA LYS A 47 -0.44 -11.77 -7.00
C LYS A 47 -0.93 -11.01 -5.77
N ALA A 48 -1.07 -9.69 -5.91
CA ALA A 48 -1.53 -8.85 -4.81
C ALA A 48 -2.64 -9.54 -4.01
N ALA A 49 -3.68 -9.98 -4.71
CA ALA A 49 -4.80 -10.66 -4.07
C ALA A 49 -4.35 -11.95 -3.41
N LEU A 50 -3.81 -12.86 -4.22
CA LEU A 50 -3.34 -14.15 -3.72
C LEU A 50 -2.55 -13.98 -2.43
N SER A 51 -1.74 -12.93 -2.37
CA SER A 51 -0.93 -12.64 -1.20
C SER A 51 -1.80 -12.41 0.03
N GLN A 52 -2.89 -11.67 -0.16
CA GLN A 52 -3.81 -11.37 0.93
C GLN A 52 -3.12 -10.55 2.02
N LYS A 53 -2.21 -9.67 1.61
CA LYS A 53 -1.48 -8.83 2.55
C LYS A 53 -2.05 -7.42 2.57
N MET A 54 -2.52 -6.96 1.41
CA MET A 54 -3.09 -5.62 1.30
C MET A 54 -4.44 -5.66 0.58
N ARG A 55 -5.19 -4.56 0.66
CA ARG A 55 -6.49 -4.48 0.03
C ARG A 55 -6.84 -3.03 -0.31
N THR A 56 -7.84 -2.85 -1.17
CA THR A 56 -8.27 -1.52 -1.58
C THR A 56 -8.61 -0.66 -0.37
N GLY A 57 -7.73 0.28 -0.06
CA GLY A 57 -7.95 1.17 1.08
C GLY A 57 -6.68 1.53 1.80
N ASP A 58 -5.62 0.75 1.55
CA ASP A 58 -4.33 0.98 2.19
C ASP A 58 -3.55 2.06 1.45
N GLU A 59 -2.57 2.64 2.14
CA GLU A 59 -1.75 3.70 1.54
C GLU A 59 -0.33 3.20 1.27
N LEU A 60 -0.02 2.99 0.01
CA LEU A 60 1.30 2.52 -0.40
C LEU A 60 2.26 3.68 -0.59
N VAL A 61 3.37 3.66 0.16
CA VAL A 61 4.37 4.71 0.06
C VAL A 61 5.73 4.14 -0.34
N ASN A 62 5.96 2.89 0.00
CA ASN A 62 7.22 2.22 -0.32
C ASN A 62 7.00 1.11 -1.34
N ILE A 63 7.70 1.20 -2.47
CA ILE A 63 7.59 0.20 -3.53
C ILE A 63 8.95 -0.39 -3.88
N ASN A 64 9.04 -1.71 -3.82
CA ASN A 64 10.28 -2.40 -4.14
C ASN A 64 11.43 -1.91 -3.25
N GLY A 65 11.07 -1.39 -2.08
CA GLY A 65 12.06 -0.88 -1.16
C GLY A 65 12.49 0.54 -1.47
N THR A 66 11.62 1.27 -2.18
CA THR A 66 11.91 2.65 -2.56
C THR A 66 10.88 3.60 -1.96
N PRO A 67 11.35 4.57 -1.16
CA PRO A 67 10.48 5.56 -0.52
C PRO A 67 9.90 6.55 -1.52
N LEU A 68 8.58 6.70 -1.49
CA LEU A 68 7.89 7.61 -2.40
C LEU A 68 7.48 8.88 -1.68
N TYR A 69 7.91 10.03 -2.19
CA TYR A 69 7.57 11.32 -1.59
C TYR A 69 6.07 11.56 -1.65
N GLY A 70 5.38 10.79 -2.48
CA GLY A 70 3.94 10.94 -2.61
C GLY A 70 3.49 11.04 -4.06
N SER A 71 4.46 11.10 -4.97
CA SER A 71 4.17 11.21 -6.40
C SER A 71 3.37 10.00 -6.88
N ARG A 72 2.70 10.15 -8.01
CA ARG A 72 1.89 9.08 -8.57
C ARG A 72 2.70 8.27 -9.58
N GLN A 73 3.14 8.94 -10.65
CA GLN A 73 3.91 8.28 -11.69
C GLN A 73 5.04 7.44 -11.09
N GLU A 74 5.93 8.11 -10.36
CA GLU A 74 7.06 7.42 -9.73
C GLU A 74 6.66 6.01 -9.29
N ALA A 75 5.55 5.92 -8.57
CA ALA A 75 5.05 4.62 -8.09
C ALA A 75 4.90 3.64 -9.24
N LEU A 76 3.83 3.82 -10.02
CA LEU A 76 3.56 2.94 -11.16
C LEU A 76 4.84 2.66 -11.95
N ILE A 77 5.57 3.72 -12.28
CA ILE A 77 6.81 3.58 -13.02
C ILE A 77 7.78 2.64 -12.32
N LEU A 78 7.83 2.74 -10.99
CA LEU A 78 8.71 1.89 -10.20
C LEU A 78 8.37 0.42 -10.38
N ILE A 79 7.09 0.10 -10.26
CA ILE A 79 6.63 -1.28 -10.41
C ILE A 79 7.18 -1.90 -11.69
N LYS A 80 7.18 -1.12 -12.77
CA LYS A 80 7.68 -1.60 -14.06
C LYS A 80 9.02 -2.33 -13.88
N GLY A 81 9.84 -1.84 -12.96
CA GLY A 81 11.12 -2.46 -12.71
C GLY A 81 11.00 -3.86 -12.15
N SER A 82 9.93 -4.10 -11.39
CA SER A 82 9.70 -5.41 -10.78
C SER A 82 10.21 -6.52 -11.70
N PHE A 83 10.65 -7.62 -11.09
CA PHE A 83 11.16 -8.75 -11.85
C PHE A 83 10.42 -10.04 -11.48
N ARG A 84 10.67 -10.54 -10.28
CA ARG A 84 10.02 -11.76 -9.80
C ARG A 84 9.38 -11.53 -8.44
N ILE A 85 10.09 -10.83 -7.56
CA ILE A 85 9.59 -10.56 -6.21
C ILE A 85 9.38 -9.05 -6.01
N LEU A 86 8.30 -8.70 -5.33
CA LEU A 86 7.98 -7.31 -5.06
C LEU A 86 7.84 -7.06 -3.56
N LYS A 87 8.29 -5.88 -3.12
CA LYS A 87 8.22 -5.52 -1.71
C LYS A 87 7.56 -4.15 -1.54
N LEU A 88 6.35 -4.15 -0.99
CA LEU A 88 5.60 -2.92 -0.75
C LEU A 88 5.21 -2.79 0.71
N ILE A 89 5.23 -1.56 1.21
CA ILE A 89 4.87 -1.29 2.60
C ILE A 89 3.73 -0.28 2.68
N VAL A 90 2.55 -0.78 3.05
CA VAL A 90 1.38 0.09 3.17
C VAL A 90 1.01 0.32 4.63
N ARG A 91 0.49 1.50 4.93
CA ARG A 91 0.10 1.84 6.29
C ARG A 91 -1.42 1.83 6.44
N ARG A 92 -1.91 1.16 7.48
CA ARG A 92 -3.35 1.07 7.74
C ARG A 92 -3.69 1.60 9.12
N ARG A 93 -4.81 2.31 9.23
CA ARG A 93 -5.24 2.87 10.49
C ARG A 93 -5.51 1.77 11.52
N ASN A 94 -5.11 2.02 12.76
CA ASN A 94 -5.30 1.05 13.84
C ASN A 94 -6.47 1.45 14.73
N SER A 95 -6.39 2.65 15.31
CA SER A 95 -7.43 3.15 16.19
C SER A 95 -7.99 2.03 17.06
N GLY A 96 -7.10 1.18 17.56
CA GLY A 96 -7.53 0.08 18.40
C GLY A 96 -6.37 -0.82 18.80
N PRO A 97 -5.82 -0.57 20.01
CA PRO A 97 -4.69 -1.35 20.53
C PRO A 97 -5.10 -2.77 20.91
N SER A 98 -4.60 -3.74 20.15
CA SER A 98 -4.92 -5.15 20.40
C SER A 98 -3.78 -5.84 21.14
N SER A 99 -2.55 -5.57 20.70
CA SER A 99 -1.37 -6.16 21.33
C SER A 99 -0.85 -5.28 22.47
N GLY A 100 -1.78 -4.75 23.26
CA GLY A 100 -1.40 -3.90 24.37
C GLY A 100 -0.64 -2.67 23.93
N GLY A 1 7.99 15.09 26.31
CA GLY A 1 7.79 13.94 27.19
C GLY A 1 7.37 12.71 26.41
N SER A 2 8.35 11.87 26.06
CA SER A 2 8.07 10.65 25.31
C SER A 2 7.08 9.77 26.06
N SER A 3 5.98 9.44 25.42
CA SER A 3 4.95 8.59 26.02
C SER A 3 5.17 7.13 25.67
N GLY A 4 4.42 6.25 26.33
CA GLY A 4 4.54 4.82 26.07
C GLY A 4 4.00 4.44 24.70
N SER A 5 2.82 3.84 24.70
CA SER A 5 2.18 3.40 23.45
C SER A 5 1.55 4.59 22.73
N SER A 6 0.57 5.22 23.40
CA SER A 6 -0.12 6.36 22.81
C SER A 6 0.82 7.20 21.97
N GLY A 7 0.28 7.85 20.94
CA GLY A 7 1.09 8.68 20.07
C GLY A 7 1.67 7.90 18.91
N GLY A 8 0.82 7.18 18.19
CA GLY A 8 1.27 6.39 17.06
C GLY A 8 0.92 4.93 17.20
N SER A 9 -0.22 4.53 16.63
CA SER A 9 -0.66 3.14 16.70
C SER A 9 -0.89 2.58 15.29
N PHE A 10 -0.12 3.07 14.34
CA PHE A 10 -0.25 2.61 12.95
C PHE A 10 0.40 1.24 12.77
N GLN A 11 0.00 0.54 11.72
CA GLN A 11 0.54 -0.78 11.43
C GLN A 11 0.96 -0.89 9.96
N TYR A 12 2.25 -1.10 9.74
CA TYR A 12 2.79 -1.22 8.39
C TYR A 12 2.86 -2.68 7.97
N VAL A 13 2.12 -3.02 6.91
CA VAL A 13 2.11 -4.39 6.40
C VAL A 13 2.94 -4.51 5.14
N PRO A 14 4.20 -4.96 5.30
CA PRO A 14 5.14 -5.13 4.19
C PRO A 14 4.74 -6.29 3.28
N VAL A 15 3.82 -6.03 2.36
CA VAL A 15 3.36 -7.04 1.42
C VAL A 15 4.46 -7.42 0.44
N GLN A 16 5.12 -8.55 0.71
CA GLN A 16 6.20 -9.02 -0.14
C GLN A 16 5.68 -10.04 -1.16
N LEU A 17 5.48 -9.60 -2.39
CA LEU A 17 4.98 -10.47 -3.45
C LEU A 17 6.09 -11.37 -3.98
N GLN A 18 5.71 -12.33 -4.81
CA GLN A 18 6.68 -13.27 -5.39
C GLN A 18 6.18 -13.81 -6.72
N GLY A 19 7.10 -13.91 -7.68
CA GLY A 19 6.73 -14.42 -9.00
C GLY A 19 7.02 -13.42 -10.10
N GLY A 20 6.74 -12.14 -9.84
CA GLY A 20 6.98 -11.11 -10.82
C GLY A 20 5.72 -10.74 -11.59
N ALA A 21 5.59 -9.46 -11.91
CA ALA A 21 4.42 -8.97 -12.64
C ALA A 21 3.97 -9.99 -13.69
N PRO A 22 2.66 -9.95 -14.02
CA PRO A 22 1.72 -9.00 -13.43
C PRO A 22 1.44 -9.30 -11.96
N TRP A 23 1.00 -8.28 -11.23
CA TRP A 23 0.70 -8.43 -9.81
C TRP A 23 -0.81 -8.40 -9.58
N GLY A 24 -1.48 -7.41 -10.17
CA GLY A 24 -2.91 -7.28 -10.01
C GLY A 24 -3.29 -6.28 -8.94
N PHE A 25 -2.63 -5.13 -8.95
CA PHE A 25 -2.90 -4.09 -7.97
C PHE A 25 -2.55 -2.71 -8.54
N THR A 26 -3.44 -1.75 -8.32
CA THR A 26 -3.23 -0.39 -8.80
C THR A 26 -3.46 0.63 -7.70
N LEU A 27 -3.18 1.90 -8.01
CA LEU A 27 -3.37 2.97 -7.04
C LEU A 27 -4.15 4.13 -7.65
N LYS A 28 -4.58 5.06 -6.80
CA LYS A 28 -5.34 6.22 -7.27
C LYS A 28 -4.89 7.48 -6.54
N GLY A 29 -5.47 8.62 -6.91
CA GLY A 29 -5.10 9.88 -6.29
C GLY A 29 -3.62 10.13 -6.30
N GLY A 30 -3.11 10.76 -5.24
CA GLY A 30 -1.69 11.06 -5.16
C GLY A 30 -1.40 12.54 -5.25
N LEU A 31 -0.15 12.91 -4.98
CA LEU A 31 0.25 14.31 -5.03
C LEU A 31 -0.29 14.98 -6.29
N GLU A 32 -0.32 14.24 -7.39
CA GLU A 32 -0.82 14.77 -8.65
C GLU A 32 -2.13 15.53 -8.45
N HIS A 33 -3.03 14.95 -7.66
CA HIS A 33 -4.31 15.58 -7.37
C HIS A 33 -4.51 15.76 -5.87
N CYS A 34 -3.44 16.12 -5.18
CA CYS A 34 -3.50 16.32 -3.74
C CYS A 34 -4.39 15.29 -3.07
N GLU A 35 -4.23 14.03 -3.48
CA GLU A 35 -5.04 12.95 -2.93
C GLU A 35 -4.14 11.89 -2.27
N PRO A 36 -4.70 11.18 -1.28
CA PRO A 36 -3.98 10.14 -0.55
C PRO A 36 -3.71 8.91 -1.41
N LEU A 37 -2.54 8.88 -2.05
CA LEU A 37 -2.16 7.75 -2.90
C LEU A 37 -2.43 6.42 -2.20
N THR A 38 -3.57 5.82 -2.51
CA THR A 38 -3.95 4.54 -1.92
C THR A 38 -4.44 3.56 -2.98
N VAL A 39 -4.39 2.27 -2.66
CA VAL A 39 -4.83 1.24 -3.59
C VAL A 39 -6.15 1.63 -4.26
N SER A 40 -6.25 1.37 -5.55
CA SER A 40 -7.46 1.69 -6.31
C SER A 40 -8.21 0.43 -6.72
N LYS A 41 -7.45 -0.57 -7.17
CA LYS A 41 -8.04 -1.84 -7.59
C LYS A 41 -7.04 -2.98 -7.44
N ILE A 42 -7.55 -4.17 -7.14
CA ILE A 42 -6.70 -5.35 -6.96
C ILE A 42 -7.32 -6.57 -7.62
N GLU A 43 -6.73 -7.00 -8.74
CA GLU A 43 -7.22 -8.16 -9.46
C GLU A 43 -7.64 -9.27 -8.50
N ASP A 44 -8.94 -9.55 -8.46
CA ASP A 44 -9.46 -10.59 -7.58
C ASP A 44 -8.58 -11.83 -7.61
N GLY A 45 -8.02 -12.12 -8.78
CA GLY A 45 -7.16 -13.28 -8.92
C GLY A 45 -5.73 -12.91 -9.28
N GLY A 46 -5.22 -11.83 -8.67
CA GLY A 46 -3.87 -11.39 -8.94
C GLY A 46 -2.96 -11.55 -7.75
N LYS A 47 -1.65 -11.62 -8.01
CA LYS A 47 -0.67 -11.78 -6.95
C LYS A 47 -1.11 -11.04 -5.69
N ALA A 48 -1.40 -9.75 -5.83
CA ALA A 48 -1.84 -8.93 -4.70
C ALA A 48 -3.00 -9.58 -3.97
N ALA A 49 -4.04 -9.94 -4.72
CA ALA A 49 -5.22 -10.57 -4.14
C ALA A 49 -4.86 -11.89 -3.49
N LEU A 50 -4.22 -12.77 -4.25
CA LEU A 50 -3.82 -14.08 -3.74
C LEU A 50 -3.19 -13.96 -2.36
N SER A 51 -2.29 -13.00 -2.20
CA SER A 51 -1.61 -12.79 -0.93
C SER A 51 -2.62 -12.48 0.17
N GLN A 52 -3.62 -11.68 -0.15
CA GLN A 52 -4.66 -11.30 0.82
C GLN A 52 -4.05 -10.53 1.98
N LYS A 53 -3.04 -9.71 1.69
CA LYS A 53 -2.38 -8.92 2.71
C LYS A 53 -2.78 -7.45 2.60
N MET A 54 -3.03 -7.00 1.37
CA MET A 54 -3.42 -5.63 1.14
C MET A 54 -4.73 -5.56 0.33
N ARG A 55 -5.47 -4.47 0.51
CA ARG A 55 -6.73 -4.29 -0.19
C ARG A 55 -6.97 -2.82 -0.51
N THR A 56 -8.02 -2.55 -1.29
CA THR A 56 -8.34 -1.18 -1.67
C THR A 56 -8.48 -0.28 -0.45
N GLY A 57 -7.71 0.81 -0.44
CA GLY A 57 -7.76 1.73 0.69
C GLY A 57 -6.40 1.95 1.32
N ASP A 58 -5.58 0.90 1.33
CA ASP A 58 -4.25 0.98 1.92
C ASP A 58 -3.47 2.16 1.34
N GLU A 59 -2.61 2.74 2.16
CA GLU A 59 -1.82 3.89 1.74
C GLU A 59 -0.36 3.49 1.49
N LEU A 60 -0.09 2.97 0.29
CA LEU A 60 1.25 2.54 -0.07
C LEU A 60 2.18 3.74 -0.23
N VAL A 61 3.31 3.71 0.48
CA VAL A 61 4.28 4.79 0.41
C VAL A 61 5.67 4.26 0.03
N ASN A 62 5.95 3.02 0.42
CA ASN A 62 7.23 2.41 0.12
C ASN A 62 7.06 1.27 -0.89
N ILE A 63 7.79 1.38 -2.00
CA ILE A 63 7.72 0.37 -3.05
C ILE A 63 9.12 -0.14 -3.41
N ASN A 64 9.29 -1.45 -3.43
CA ASN A 64 10.57 -2.06 -3.77
C ASN A 64 11.69 -1.47 -2.91
N GLY A 65 11.33 -0.99 -1.72
CA GLY A 65 12.31 -0.42 -0.82
C GLY A 65 12.65 1.02 -1.19
N THR A 66 11.71 1.69 -1.84
CA THR A 66 11.93 3.08 -2.25
C THR A 66 10.87 4.00 -1.64
N PRO A 67 11.32 4.90 -0.75
CA PRO A 67 10.42 5.86 -0.09
C PRO A 67 9.88 6.91 -1.04
N LEU A 68 8.57 6.85 -1.31
CA LEU A 68 7.94 7.79 -2.21
C LEU A 68 7.53 9.06 -1.46
N TYR A 69 7.15 10.10 -2.21
CA TYR A 69 6.75 11.36 -1.62
C TYR A 69 5.29 11.67 -1.96
N GLY A 70 4.93 11.49 -3.22
CA GLY A 70 3.56 11.75 -3.65
C GLY A 70 3.35 11.47 -5.12
N SER A 71 4.25 11.99 -5.95
CA SER A 71 4.15 11.79 -7.40
C SER A 71 3.65 10.39 -7.72
N ARG A 72 2.40 10.31 -8.17
CA ARG A 72 1.79 9.04 -8.51
C ARG A 72 2.64 8.29 -9.54
N GLN A 73 2.83 8.91 -10.70
CA GLN A 73 3.62 8.30 -11.76
C GLN A 73 4.75 7.46 -11.19
N GLU A 74 5.79 8.13 -10.69
CA GLU A 74 6.94 7.45 -10.12
C GLU A 74 6.51 6.15 -9.44
N ALA A 75 5.56 6.25 -8.51
CA ALA A 75 5.07 5.07 -7.80
C ALA A 75 4.76 3.94 -8.76
N LEU A 76 3.65 4.07 -9.49
CA LEU A 76 3.24 3.05 -10.45
C LEU A 76 4.42 2.58 -11.29
N ILE A 77 5.26 3.52 -11.71
CA ILE A 77 6.43 3.20 -12.52
C ILE A 77 7.35 2.22 -11.79
N LEU A 78 7.66 2.53 -10.54
CA LEU A 78 8.52 1.67 -9.73
C LEU A 78 8.05 0.22 -9.80
N ILE A 79 6.77 0.02 -10.10
CA ILE A 79 6.21 -1.32 -10.19
C ILE A 79 6.25 -1.84 -11.63
N LYS A 80 5.70 -1.06 -12.55
CA LYS A 80 5.68 -1.44 -13.96
C LYS A 80 6.97 -2.14 -14.35
N GLY A 81 8.09 -1.66 -13.81
CA GLY A 81 9.38 -2.25 -14.11
C GLY A 81 9.79 -3.29 -13.09
N SER A 82 8.84 -4.07 -12.61
CA SER A 82 9.11 -5.11 -11.62
C SER A 82 10.17 -6.08 -12.12
N PHE A 83 10.56 -7.02 -11.28
CA PHE A 83 11.57 -8.00 -11.62
C PHE A 83 11.13 -9.41 -11.22
N ARG A 84 11.20 -9.70 -9.94
CA ARG A 84 10.81 -11.01 -9.41
C ARG A 84 9.96 -10.87 -8.17
N ILE A 85 10.51 -10.23 -7.15
CA ILE A 85 9.80 -10.03 -5.89
C ILE A 85 9.48 -8.55 -5.67
N LEU A 86 8.28 -8.28 -5.18
CA LEU A 86 7.85 -6.91 -4.93
C LEU A 86 7.65 -6.67 -3.42
N LYS A 87 8.18 -5.55 -2.93
CA LYS A 87 8.05 -5.20 -1.53
C LYS A 87 7.31 -3.88 -1.35
N LEU A 88 6.15 -3.95 -0.71
CA LEU A 88 5.34 -2.75 -0.46
C LEU A 88 4.94 -2.65 1.00
N ILE A 89 5.12 -1.45 1.57
CA ILE A 89 4.77 -1.23 2.96
C ILE A 89 3.58 -0.27 3.09
N VAL A 90 2.43 -0.83 3.41
CA VAL A 90 1.22 -0.04 3.56
C VAL A 90 0.86 0.15 5.03
N ARG A 91 0.52 1.38 5.40
CA ARG A 91 0.16 1.69 6.78
C ARG A 91 -1.35 1.86 6.92
N ARG A 92 -1.94 1.10 7.85
CA ARG A 92 -3.38 1.17 8.07
C ARG A 92 -3.68 1.69 9.48
N ARG A 93 -3.78 3.00 9.61
CA ARG A 93 -4.07 3.63 10.90
C ARG A 93 -5.13 2.84 11.66
N ASN A 94 -4.76 2.36 12.85
CA ASN A 94 -5.68 1.58 13.68
C ASN A 94 -6.46 2.50 14.62
N SER A 95 -7.48 3.16 14.08
CA SER A 95 -8.30 4.06 14.87
C SER A 95 -9.44 3.30 15.55
N GLY A 96 -9.80 3.76 16.76
CA GLY A 96 -10.87 3.11 17.50
C GLY A 96 -11.21 3.84 18.78
N PRO A 97 -10.65 3.37 19.90
CA PRO A 97 -10.89 3.98 21.22
C PRO A 97 -10.24 5.34 21.35
N SER A 98 -11.06 6.40 21.28
CA SER A 98 -10.57 7.76 21.39
C SER A 98 -11.43 8.57 22.34
N SER A 99 -10.87 8.91 23.51
CA SER A 99 -11.59 9.69 24.51
C SER A 99 -11.87 11.10 24.01
N GLY A 100 -12.93 11.24 23.22
CA GLY A 100 -13.28 12.55 22.69
C GLY A 100 -12.23 13.10 21.75
N GLY A 1 -11.20 -4.18 32.92
CA GLY A 1 -10.63 -3.29 31.93
C GLY A 1 -10.03 -2.04 32.55
N SER A 2 -9.21 -1.33 31.77
CA SER A 2 -8.58 -0.11 32.25
C SER A 2 -8.20 0.80 31.09
N SER A 3 -8.17 2.10 31.34
CA SER A 3 -7.83 3.07 30.32
C SER A 3 -6.34 3.01 29.98
N GLY A 4 -5.51 3.26 30.99
CA GLY A 4 -4.07 3.23 30.78
C GLY A 4 -3.63 4.08 29.61
N SER A 5 -2.38 3.91 29.19
CA SER A 5 -1.84 4.67 28.07
C SER A 5 -2.59 4.37 26.78
N SER A 6 -2.55 5.31 25.84
CA SER A 6 -3.23 5.14 24.56
C SER A 6 -2.56 5.98 23.47
N GLY A 7 -2.75 5.57 22.23
CA GLY A 7 -2.16 6.30 21.12
C GLY A 7 -2.59 5.75 19.77
N GLY A 8 -2.71 6.63 18.78
CA GLY A 8 -3.12 6.20 17.46
C GLY A 8 -1.93 5.82 16.58
N SER A 9 -1.22 4.78 16.97
CA SER A 9 -0.06 4.32 16.22
C SER A 9 -0.48 3.74 14.87
N PHE A 10 0.50 3.32 14.08
CA PHE A 10 0.23 2.74 12.77
C PHE A 10 1.02 1.44 12.57
N GLN A 11 0.51 0.59 11.69
CA GLN A 11 1.15 -0.69 11.41
C GLN A 11 1.56 -0.79 9.94
N TYR A 12 2.83 -1.07 9.70
CA TYR A 12 3.35 -1.20 8.34
C TYR A 12 3.35 -2.65 7.90
N VAL A 13 2.57 -2.96 6.86
CA VAL A 13 2.49 -4.31 6.34
C VAL A 13 3.32 -4.46 5.06
N PRO A 14 4.55 -4.98 5.21
CA PRO A 14 5.46 -5.18 4.08
C PRO A 14 5.00 -6.30 3.16
N VAL A 15 4.07 -5.97 2.26
CA VAL A 15 3.54 -6.95 1.32
C VAL A 15 4.63 -7.41 0.36
N GLN A 16 5.33 -8.49 0.73
CA GLN A 16 6.38 -9.03 -0.10
C GLN A 16 5.83 -10.06 -1.08
N LEU A 17 5.48 -9.61 -2.27
CA LEU A 17 4.94 -10.49 -3.30
C LEU A 17 6.00 -11.46 -3.80
N GLN A 18 5.56 -12.51 -4.50
CA GLN A 18 6.48 -13.51 -5.04
C GLN A 18 5.91 -14.15 -6.29
N GLY A 19 6.76 -14.36 -7.29
CA GLY A 19 6.33 -14.97 -8.54
C GLY A 19 6.59 -14.09 -9.73
N GLY A 20 6.36 -12.79 -9.57
CA GLY A 20 6.57 -11.85 -10.66
C GLY A 20 5.28 -11.35 -11.26
N ALA A 21 5.27 -10.10 -11.70
CA ALA A 21 4.09 -9.50 -12.29
C ALA A 21 3.41 -10.47 -13.26
N PRO A 22 2.13 -10.21 -13.56
CA PRO A 22 1.41 -9.06 -13.01
C PRO A 22 1.12 -9.22 -11.53
N TRP A 23 1.19 -8.10 -10.79
CA TRP A 23 0.94 -8.12 -9.36
C TRP A 23 -0.55 -7.98 -9.06
N GLY A 24 -1.24 -7.20 -9.88
CA GLY A 24 -2.66 -7.00 -9.70
C GLY A 24 -2.96 -5.98 -8.61
N PHE A 25 -2.44 -4.77 -8.78
CA PHE A 25 -2.66 -3.70 -7.81
C PHE A 25 -2.36 -2.34 -8.43
N THR A 26 -3.24 -1.37 -8.16
CA THR A 26 -3.08 -0.03 -8.70
C THR A 26 -3.25 1.02 -7.60
N LEU A 27 -3.17 2.29 -7.98
CA LEU A 27 -3.31 3.38 -7.04
C LEU A 27 -4.07 4.55 -7.66
N LYS A 28 -4.41 5.54 -6.84
CA LYS A 28 -5.13 6.71 -7.31
C LYS A 28 -4.76 7.95 -6.51
N GLY A 29 -5.37 9.08 -6.83
CA GLY A 29 -5.09 10.32 -6.13
C GLY A 29 -3.65 10.78 -6.32
N GLY A 30 -2.98 11.09 -5.22
CA GLY A 30 -1.61 11.53 -5.29
C GLY A 30 -1.47 13.02 -5.03
N LEU A 31 -0.23 13.50 -4.97
CA LEU A 31 0.04 14.92 -4.73
C LEU A 31 -0.59 15.79 -5.81
N GLU A 32 -0.57 15.28 -7.05
CA GLU A 32 -1.15 16.01 -8.17
C GLU A 32 -2.52 16.58 -7.82
N HIS A 33 -3.28 15.81 -7.05
CA HIS A 33 -4.62 16.23 -6.65
C HIS A 33 -4.69 16.42 -5.13
N CYS A 34 -3.59 16.16 -4.46
CA CYS A 34 -3.53 16.29 -3.01
C CYS A 34 -4.29 15.16 -2.33
N GLU A 35 -4.37 14.01 -3.00
CA GLU A 35 -5.07 12.85 -2.46
C GLU A 35 -4.09 11.81 -1.97
N PRO A 36 -4.51 11.03 -0.95
CA PRO A 36 -3.68 9.97 -0.37
C PRO A 36 -3.47 8.80 -1.31
N LEU A 37 -2.27 8.71 -1.89
CA LEU A 37 -1.95 7.63 -2.82
C LEU A 37 -2.22 6.27 -2.19
N THR A 38 -3.46 5.78 -2.34
CA THR A 38 -3.84 4.49 -1.78
C THR A 38 -4.29 3.54 -2.89
N VAL A 39 -4.41 2.26 -2.54
CA VAL A 39 -4.83 1.25 -3.50
C VAL A 39 -6.18 1.60 -4.11
N SER A 40 -6.24 1.61 -5.44
CA SER A 40 -7.47 1.93 -6.15
C SER A 40 -8.15 0.66 -6.65
N LYS A 41 -7.36 -0.29 -7.12
CA LYS A 41 -7.87 -1.55 -7.63
C LYS A 41 -6.85 -2.66 -7.49
N ILE A 42 -7.31 -3.87 -7.16
CA ILE A 42 -6.43 -5.01 -7.00
C ILE A 42 -6.96 -6.23 -7.77
N GLU A 43 -6.50 -6.39 -9.00
CA GLU A 43 -6.93 -7.51 -9.84
C GLU A 43 -7.17 -8.75 -9.00
N ASP A 44 -8.38 -9.28 -9.08
CA ASP A 44 -8.75 -10.48 -8.32
C ASP A 44 -8.08 -11.72 -8.92
N GLY A 45 -7.06 -12.22 -8.23
CA GLY A 45 -6.36 -13.40 -8.71
C GLY A 45 -4.86 -13.20 -8.77
N GLY A 46 -4.44 -11.95 -8.95
CA GLY A 46 -3.03 -11.65 -9.03
C GLY A 46 -2.31 -11.87 -7.71
N LYS A 47 -1.04 -11.48 -7.65
CA LYS A 47 -0.24 -11.64 -6.43
C LYS A 47 -0.81 -10.79 -5.30
N ALA A 48 -0.98 -9.50 -5.55
CA ALA A 48 -1.51 -8.59 -4.55
C ALA A 48 -2.73 -9.18 -3.86
N ALA A 49 -3.63 -9.77 -4.65
CA ALA A 49 -4.83 -10.38 -4.12
C ALA A 49 -4.53 -11.71 -3.45
N LEU A 50 -3.82 -12.58 -4.17
CA LEU A 50 -3.46 -13.89 -3.65
C LEU A 50 -2.78 -13.78 -2.28
N SER A 51 -2.04 -12.69 -2.10
CA SER A 51 -1.34 -12.45 -0.84
C SER A 51 -2.32 -12.11 0.28
N GLN A 52 -3.39 -11.41 -0.08
CA GLN A 52 -4.41 -11.02 0.90
C GLN A 52 -3.80 -10.18 2.02
N LYS A 53 -2.69 -9.51 1.71
CA LYS A 53 -2.01 -8.67 2.69
C LYS A 53 -2.51 -7.22 2.60
N MET A 54 -2.80 -6.77 1.39
CA MET A 54 -3.28 -5.42 1.17
C MET A 54 -4.61 -5.43 0.42
N ARG A 55 -5.38 -4.36 0.56
CA ARG A 55 -6.67 -4.23 -0.10
C ARG A 55 -6.97 -2.79 -0.45
N THR A 56 -7.91 -2.58 -1.38
CA THR A 56 -8.29 -1.24 -1.79
C THR A 56 -8.61 -0.36 -0.59
N GLY A 57 -7.71 0.58 -0.30
CA GLY A 57 -7.91 1.49 0.82
C GLY A 57 -6.65 1.70 1.62
N ASP A 58 -5.62 0.90 1.35
CA ASP A 58 -4.35 1.02 2.04
C ASP A 58 -3.49 2.11 1.43
N GLU A 59 -2.55 2.63 2.22
CA GLU A 59 -1.66 3.69 1.75
C GLU A 59 -0.31 3.12 1.35
N LEU A 60 -0.05 3.09 0.05
CA LEU A 60 1.21 2.57 -0.47
C LEU A 60 2.23 3.68 -0.63
N VAL A 61 3.20 3.73 0.27
CA VAL A 61 4.25 4.74 0.22
C VAL A 61 5.61 4.12 -0.03
N ASN A 62 5.64 2.79 -0.19
CA ASN A 62 6.87 2.07 -0.43
C ASN A 62 6.69 1.01 -1.50
N ILE A 63 7.52 1.05 -2.54
CA ILE A 63 7.44 0.09 -3.63
C ILE A 63 8.82 -0.45 -3.99
N ASN A 64 8.97 -1.77 -3.95
CA ASN A 64 10.24 -2.40 -4.28
C ASN A 64 11.36 -1.90 -3.36
N GLY A 65 10.98 -1.51 -2.14
CA GLY A 65 11.96 -1.02 -1.19
C GLY A 65 12.33 0.43 -1.44
N THR A 66 11.54 1.11 -2.26
CA THR A 66 11.79 2.51 -2.57
C THR A 66 10.73 3.42 -1.97
N PRO A 67 11.15 4.29 -1.05
CA PRO A 67 10.24 5.22 -0.37
C PRO A 67 9.73 6.32 -1.31
N LEU A 68 8.43 6.35 -1.52
CA LEU A 68 7.81 7.34 -2.40
C LEU A 68 7.53 8.63 -1.64
N TYR A 69 7.42 9.73 -2.38
CA TYR A 69 7.15 11.04 -1.79
C TYR A 69 5.66 11.35 -1.81
N GLY A 70 4.98 10.90 -2.87
CA GLY A 70 3.56 11.15 -2.99
C GLY A 70 3.13 11.37 -4.43
N SER A 71 3.82 10.70 -5.36
CA SER A 71 3.51 10.83 -6.78
C SER A 71 2.98 9.52 -7.34
N ARG A 72 1.92 9.61 -8.13
CA ARG A 72 1.31 8.42 -8.74
C ARG A 72 2.23 7.82 -9.80
N GLN A 73 2.52 8.61 -10.84
CA GLN A 73 3.38 8.16 -11.92
C GLN A 73 4.56 7.35 -11.37
N GLU A 74 5.52 8.04 -10.77
CA GLU A 74 6.69 7.38 -10.20
C GLU A 74 6.33 6.01 -9.64
N ALA A 75 5.32 5.98 -8.78
CA ALA A 75 4.87 4.75 -8.17
C ALA A 75 4.71 3.64 -9.21
N LEU A 76 3.66 3.75 -10.02
CA LEU A 76 3.39 2.76 -11.06
C LEU A 76 4.64 2.49 -11.89
N ILE A 77 5.35 3.55 -12.25
CA ILE A 77 6.57 3.43 -13.04
C ILE A 77 7.58 2.53 -12.34
N LEU A 78 7.64 2.63 -11.02
CA LEU A 78 8.57 1.83 -10.23
C LEU A 78 8.28 0.34 -10.40
N ILE A 79 7.01 -0.01 -10.46
CA ILE A 79 6.61 -1.41 -10.63
C ILE A 79 7.19 -1.99 -11.91
N LYS A 80 7.11 -1.24 -13.00
CA LYS A 80 7.64 -1.68 -14.28
C LYS A 80 8.99 -2.36 -14.11
N GLY A 81 9.68 -2.03 -13.03
CA GLY A 81 10.98 -2.62 -12.76
C GLY A 81 10.88 -3.99 -12.13
N SER A 82 9.88 -4.17 -11.26
CA SER A 82 9.68 -5.45 -10.59
C SER A 82 10.12 -6.61 -11.48
N PHE A 83 10.65 -7.66 -10.84
CA PHE A 83 11.11 -8.84 -11.58
C PHE A 83 10.26 -10.06 -11.22
N ARG A 84 10.51 -10.62 -10.04
CA ARG A 84 9.77 -11.79 -9.59
C ARG A 84 9.22 -11.58 -8.18
N ILE A 85 9.90 -10.73 -7.41
CA ILE A 85 9.48 -10.44 -6.05
C ILE A 85 9.27 -8.95 -5.84
N LEU A 86 8.15 -8.59 -5.23
CA LEU A 86 7.83 -7.19 -4.96
C LEU A 86 7.87 -6.90 -3.47
N LYS A 87 8.10 -5.63 -3.12
CA LYS A 87 8.16 -5.22 -1.73
C LYS A 87 7.39 -3.92 -1.52
N LEU A 88 6.22 -4.01 -0.88
CA LEU A 88 5.40 -2.84 -0.62
C LEU A 88 5.06 -2.74 0.87
N ILE A 89 5.15 -1.52 1.40
CA ILE A 89 4.86 -1.28 2.81
C ILE A 89 3.67 -0.34 2.97
N VAL A 90 2.49 -0.92 3.15
CA VAL A 90 1.28 -0.13 3.33
C VAL A 90 0.93 0.03 4.80
N ARG A 91 0.54 1.23 5.18
CA ARG A 91 0.17 1.51 6.57
C ARG A 91 -1.34 1.54 6.74
N ARG A 92 -1.82 0.87 7.78
CA ARG A 92 -3.25 0.81 8.05
C ARG A 92 -3.52 1.01 9.54
N ARG A 93 -4.09 2.17 9.88
CA ARG A 93 -4.40 2.48 11.26
C ARG A 93 -4.87 1.24 12.01
N ASN A 94 -4.20 0.94 13.13
CA ASN A 94 -4.54 -0.22 13.94
C ASN A 94 -5.81 0.04 14.75
N SER A 95 -6.66 -0.97 14.85
CA SER A 95 -7.91 -0.86 15.60
C SER A 95 -7.67 -0.18 16.94
N GLY A 96 -6.62 -0.60 17.64
CA GLY A 96 -6.30 -0.02 18.92
C GLY A 96 -4.80 0.15 19.13
N PRO A 97 -4.39 0.42 20.38
CA PRO A 97 -2.98 0.61 20.74
C PRO A 97 -2.19 -0.69 20.64
N SER A 98 -2.87 -1.79 20.33
CA SER A 98 -2.22 -3.08 20.22
C SER A 98 -3.03 -4.02 19.33
N SER A 99 -2.51 -5.22 19.11
CA SER A 99 -3.19 -6.21 18.28
C SER A 99 -4.47 -6.70 18.94
N GLY A 100 -5.46 -7.03 18.13
CA GLY A 100 -6.72 -7.51 18.66
C GLY A 100 -7.91 -6.72 18.14
N GLY A 1 -15.19 7.86 23.20
CA GLY A 1 -14.58 6.70 23.84
C GLY A 1 -15.59 5.82 24.53
N SER A 2 -15.92 4.69 23.93
CA SER A 2 -16.89 3.76 24.49
C SER A 2 -16.34 3.11 25.76
N SER A 3 -15.14 2.53 25.65
CA SER A 3 -14.51 1.88 26.79
C SER A 3 -13.09 1.45 26.44
N GLY A 4 -12.26 1.29 27.46
CA GLY A 4 -10.88 0.89 27.26
C GLY A 4 -10.04 2.00 26.64
N SER A 5 -9.25 1.65 25.64
CA SER A 5 -8.39 2.62 24.96
C SER A 5 -8.38 2.39 23.46
N SER A 6 -8.59 3.47 22.71
CA SER A 6 -8.61 3.39 21.25
C SER A 6 -7.20 3.38 20.68
N GLY A 7 -6.38 4.30 21.15
CA GLY A 7 -5.00 4.38 20.68
C GLY A 7 -4.89 5.11 19.35
N GLY A 8 -4.30 4.45 18.37
CA GLY A 8 -4.14 5.06 17.05
C GLY A 8 -2.76 4.83 16.49
N SER A 9 -2.46 3.61 16.09
CA SER A 9 -1.16 3.27 15.52
C SER A 9 -1.31 2.55 14.19
N PHE A 10 -0.58 3.02 13.18
CA PHE A 10 -0.63 2.42 11.85
C PHE A 10 0.23 1.17 11.79
N GLN A 11 -0.08 0.29 10.83
CA GLN A 11 0.65 -0.95 10.67
C GLN A 11 1.31 -1.01 9.29
N TYR A 12 2.64 -1.11 9.26
CA TYR A 12 3.38 -1.18 8.01
C TYR A 12 3.72 -2.63 7.66
N VAL A 13 2.87 -3.24 6.83
CA VAL A 13 3.07 -4.61 6.41
C VAL A 13 3.69 -4.67 5.01
N PRO A 14 4.97 -5.09 4.95
CA PRO A 14 5.71 -5.19 3.69
C PRO A 14 5.19 -6.34 2.82
N VAL A 15 4.12 -6.08 2.09
CA VAL A 15 3.53 -7.08 1.21
C VAL A 15 4.57 -7.62 0.23
N GLN A 16 5.23 -8.71 0.62
CA GLN A 16 6.24 -9.32 -0.24
C GLN A 16 5.60 -10.26 -1.25
N LEU A 17 5.62 -9.86 -2.52
CA LEU A 17 5.04 -10.66 -3.58
C LEU A 17 6.09 -11.58 -4.21
N GLN A 18 5.65 -12.74 -4.69
CA GLN A 18 6.55 -13.69 -5.30
C GLN A 18 5.91 -14.34 -6.53
N GLY A 19 6.64 -14.35 -7.64
CA GLY A 19 6.13 -14.93 -8.87
C GLY A 19 6.32 -14.02 -10.07
N GLY A 20 6.31 -12.72 -9.83
CA GLY A 20 6.49 -11.77 -10.91
C GLY A 20 5.17 -11.20 -11.40
N ALA A 21 5.21 -9.97 -11.92
CA ALA A 21 4.02 -9.32 -12.43
C ALA A 21 3.46 -10.06 -13.64
N PRO A 22 2.22 -9.71 -14.03
CA PRO A 22 1.43 -8.69 -13.34
C PRO A 22 0.98 -9.14 -11.95
N TRP A 23 1.02 -8.22 -11.00
CA TRP A 23 0.62 -8.52 -9.62
C TRP A 23 -0.89 -8.38 -9.46
N GLY A 24 -1.43 -7.25 -9.91
CA GLY A 24 -2.86 -7.02 -9.80
C GLY A 24 -3.20 -6.02 -8.72
N PHE A 25 -2.72 -4.79 -8.87
CA PHE A 25 -2.99 -3.74 -7.90
C PHE A 25 -2.73 -2.36 -8.50
N THR A 26 -3.59 -1.41 -8.18
CA THR A 26 -3.46 -0.05 -8.68
C THR A 26 -3.63 0.97 -7.56
N LEU A 27 -3.51 2.26 -7.92
CA LEU A 27 -3.66 3.33 -6.94
C LEU A 27 -4.40 4.51 -7.54
N LYS A 28 -4.71 5.50 -6.71
CA LYS A 28 -5.42 6.69 -7.15
C LYS A 28 -4.91 7.93 -6.42
N GLY A 29 -5.43 9.09 -6.81
CA GLY A 29 -5.02 10.33 -6.18
C GLY A 29 -3.53 10.60 -6.32
N GLY A 30 -2.87 10.89 -5.20
CA GLY A 30 -1.45 11.16 -5.23
C GLY A 30 -1.14 12.63 -5.19
N LEU A 31 0.14 12.97 -5.04
CA LEU A 31 0.57 14.36 -4.99
C LEU A 31 -0.01 15.15 -6.16
N GLU A 32 0.06 14.57 -7.36
CA GLU A 32 -0.47 15.22 -8.55
C GLU A 32 -1.82 15.87 -8.27
N HIS A 33 -2.68 15.14 -7.57
CA HIS A 33 -4.01 15.66 -7.23
C HIS A 33 -4.16 15.81 -5.73
N CYS A 34 -3.07 16.21 -5.06
CA CYS A 34 -3.09 16.40 -3.62
C CYS A 34 -4.02 15.39 -2.95
N GLU A 35 -4.03 14.17 -3.45
CA GLU A 35 -4.87 13.11 -2.91
C GLU A 35 -4.03 12.02 -2.26
N PRO A 36 -4.64 11.28 -1.31
CA PRO A 36 -3.96 10.20 -0.60
C PRO A 36 -3.69 8.99 -1.49
N LEU A 37 -2.44 8.82 -1.88
CA LEU A 37 -2.04 7.71 -2.74
C LEU A 37 -2.28 6.38 -2.04
N THR A 38 -3.46 5.80 -2.24
CA THR A 38 -3.81 4.53 -1.64
C THR A 38 -4.36 3.56 -2.67
N VAL A 39 -4.28 2.27 -2.37
CA VAL A 39 -4.78 1.24 -3.27
C VAL A 39 -6.18 1.56 -3.76
N SER A 40 -6.35 1.70 -5.07
CA SER A 40 -7.64 2.01 -5.66
C SER A 40 -8.38 0.74 -6.07
N LYS A 41 -7.65 -0.17 -6.71
CA LYS A 41 -8.23 -1.44 -7.16
C LYS A 41 -7.18 -2.54 -7.16
N ILE A 42 -7.62 -3.77 -6.90
CA ILE A 42 -6.72 -4.91 -6.89
C ILE A 42 -7.35 -6.13 -7.57
N GLU A 43 -6.88 -6.42 -8.78
CA GLU A 43 -7.39 -7.55 -9.55
C GLU A 43 -7.55 -8.78 -8.66
N ASP A 44 -8.80 -9.13 -8.36
CA ASP A 44 -9.10 -10.28 -7.51
C ASP A 44 -8.52 -11.56 -8.13
N GLY A 45 -7.57 -12.17 -7.43
CA GLY A 45 -6.95 -13.39 -7.92
C GLY A 45 -5.46 -13.24 -8.14
N GLY A 46 -5.04 -12.08 -8.64
CA GLY A 46 -3.64 -11.84 -8.89
C GLY A 46 -2.79 -12.03 -7.65
N LYS A 47 -1.53 -11.61 -7.72
CA LYS A 47 -0.62 -11.73 -6.59
C LYS A 47 -1.08 -10.86 -5.41
N ALA A 48 -1.22 -9.56 -5.67
CA ALA A 48 -1.67 -8.64 -4.64
C ALA A 48 -2.78 -9.25 -3.80
N ALA A 49 -3.75 -9.86 -4.46
CA ALA A 49 -4.87 -10.49 -3.77
C ALA A 49 -4.44 -11.77 -3.07
N LEU A 50 -3.72 -12.62 -3.79
CA LEU A 50 -3.25 -13.88 -3.25
C LEU A 50 -2.54 -13.68 -1.92
N SER A 51 -1.76 -12.61 -1.83
CA SER A 51 -1.02 -12.29 -0.61
C SER A 51 -1.98 -12.03 0.54
N GLN A 52 -3.09 -11.37 0.24
CA GLN A 52 -4.09 -11.05 1.25
C GLN A 52 -3.50 -10.15 2.35
N LYS A 53 -2.47 -9.38 1.99
CA LYS A 53 -1.81 -8.49 2.92
C LYS A 53 -2.28 -7.05 2.71
N MET A 54 -2.59 -6.71 1.47
CA MET A 54 -3.04 -5.36 1.13
C MET A 54 -4.45 -5.40 0.52
N ARG A 55 -5.19 -4.31 0.68
CA ARG A 55 -6.53 -4.22 0.13
C ARG A 55 -6.94 -2.77 -0.07
N THR A 56 -7.81 -2.53 -1.05
CA THR A 56 -8.28 -1.19 -1.35
C THR A 56 -8.50 -0.38 -0.08
N GLY A 57 -7.59 0.55 0.19
CA GLY A 57 -7.71 1.37 1.38
C GLY A 57 -6.37 1.63 2.05
N ASP A 58 -5.38 0.81 1.72
CA ASP A 58 -4.05 0.95 2.28
C ASP A 58 -3.26 2.04 1.58
N GLU A 59 -2.35 2.67 2.29
CA GLU A 59 -1.52 3.74 1.73
C GLU A 59 -0.14 3.23 1.35
N LEU A 60 0.14 3.18 0.05
CA LEU A 60 1.43 2.70 -0.44
C LEU A 60 2.41 3.86 -0.58
N VAL A 61 3.47 3.83 0.22
CA VAL A 61 4.49 4.87 0.17
C VAL A 61 5.86 4.30 -0.14
N ASN A 62 5.94 2.96 -0.16
CA ASN A 62 7.20 2.29 -0.46
C ASN A 62 7.00 1.18 -1.48
N ILE A 63 7.71 1.27 -2.59
CA ILE A 63 7.61 0.27 -3.65
C ILE A 63 8.98 -0.28 -4.02
N ASN A 64 9.17 -1.58 -3.76
CA ASN A 64 10.43 -2.24 -4.06
C ASN A 64 11.59 -1.57 -3.32
N GLY A 65 11.27 -0.92 -2.20
CA GLY A 65 12.28 -0.25 -1.42
C GLY A 65 12.52 1.18 -1.87
N THR A 66 11.54 1.74 -2.56
CA THR A 66 11.65 3.11 -3.06
C THR A 66 10.57 4.00 -2.45
N PRO A 67 10.99 5.03 -1.71
CA PRO A 67 10.08 5.98 -1.06
C PRO A 67 9.37 6.87 -2.07
N LEU A 68 8.04 6.86 -2.03
CA LEU A 68 7.24 7.68 -2.93
C LEU A 68 6.78 8.96 -2.25
N TYR A 69 7.60 10.00 -2.35
CA TYR A 69 7.29 11.28 -1.75
C TYR A 69 6.09 11.93 -2.44
N GLY A 70 4.91 11.37 -2.21
CA GLY A 70 3.70 11.91 -2.81
C GLY A 70 3.82 12.02 -4.32
N SER A 71 3.39 10.97 -5.03
CA SER A 71 3.45 10.96 -6.48
C SER A 71 2.80 9.70 -7.04
N ARG A 72 2.14 9.83 -8.19
CA ARG A 72 1.47 8.70 -8.82
C ARG A 72 2.37 8.08 -9.89
N GLN A 73 2.78 8.90 -10.86
CA GLN A 73 3.64 8.41 -11.94
C GLN A 73 4.78 7.58 -11.40
N GLU A 74 5.78 8.24 -10.81
CA GLU A 74 6.94 7.55 -10.25
C GLU A 74 6.53 6.20 -9.66
N ALA A 75 5.56 6.23 -8.74
CA ALA A 75 5.08 5.01 -8.11
C ALA A 75 4.80 3.92 -9.14
N LEU A 76 3.70 4.07 -9.87
CA LEU A 76 3.31 3.10 -10.88
C LEU A 76 4.51 2.73 -11.76
N ILE A 77 5.19 3.75 -12.29
CA ILE A 77 6.35 3.53 -13.14
C ILE A 77 7.34 2.56 -12.48
N LEU A 78 7.55 2.73 -11.19
CA LEU A 78 8.47 1.88 -10.44
C LEU A 78 8.09 0.41 -10.59
N ILE A 79 6.79 0.14 -10.54
CA ILE A 79 6.30 -1.22 -10.68
C ILE A 79 6.58 -1.78 -12.07
N LYS A 80 6.27 -0.98 -13.08
CA LYS A 80 6.49 -1.39 -14.47
C LYS A 80 7.74 -2.26 -14.59
N GLY A 81 8.80 -1.87 -13.88
CA GLY A 81 10.04 -2.63 -13.92
C GLY A 81 10.26 -3.44 -12.66
N SER A 82 9.21 -4.12 -12.20
CA SER A 82 9.29 -4.93 -11.01
C SER A 82 10.20 -6.14 -11.22
N PHE A 83 10.40 -6.92 -10.17
CA PHE A 83 11.24 -8.11 -10.25
C PHE A 83 10.47 -9.36 -9.81
N ARG A 84 11.17 -10.49 -9.80
CA ARG A 84 10.55 -11.75 -9.41
C ARG A 84 9.84 -11.62 -8.07
N ILE A 85 10.23 -10.61 -7.30
CA ILE A 85 9.63 -10.36 -5.99
C ILE A 85 9.41 -8.87 -5.76
N LEU A 86 8.21 -8.53 -5.28
CA LEU A 86 7.87 -7.14 -5.01
C LEU A 86 7.77 -6.88 -3.51
N LYS A 87 8.22 -5.71 -3.08
CA LYS A 87 8.18 -5.33 -1.68
C LYS A 87 7.51 -3.97 -1.49
N LEU A 88 6.29 -3.98 -0.98
CA LEU A 88 5.54 -2.75 -0.75
C LEU A 88 5.16 -2.62 0.71
N ILE A 89 5.41 -1.44 1.29
CA ILE A 89 5.10 -1.17 2.68
C ILE A 89 3.92 -0.22 2.80
N VAL A 90 2.74 -0.76 3.04
CA VAL A 90 1.53 0.05 3.20
C VAL A 90 1.17 0.25 4.66
N ARG A 91 0.64 1.41 4.97
CA ARG A 91 0.25 1.74 6.34
C ARG A 91 -1.26 1.86 6.47
N ARG A 92 -1.86 1.02 7.31
CA ARG A 92 -3.30 1.04 7.52
C ARG A 92 -3.64 0.99 9.00
N ARG A 93 -4.50 1.90 9.44
CA ARG A 93 -4.90 1.96 10.84
C ARG A 93 -5.19 0.57 11.38
N ASN A 94 -4.50 0.20 12.46
CA ASN A 94 -4.68 -1.10 13.07
C ASN A 94 -6.15 -1.52 13.05
N SER A 95 -6.44 -2.59 12.33
CA SER A 95 -7.80 -3.10 12.21
C SER A 95 -7.82 -4.61 12.01
N GLY A 96 -8.79 -5.28 12.61
CA GLY A 96 -8.90 -6.72 12.46
C GLY A 96 -10.18 -7.27 13.06
N PRO A 97 -10.31 -7.18 14.40
CA PRO A 97 -11.50 -7.66 15.11
C PRO A 97 -12.74 -6.81 14.83
N SER A 98 -12.55 -5.74 14.06
CA SER A 98 -13.65 -4.84 13.72
C SER A 98 -13.94 -4.88 12.23
N SER A 99 -15.09 -4.33 11.85
CA SER A 99 -15.49 -4.30 10.44
C SER A 99 -15.37 -2.89 9.87
N GLY A 100 -14.46 -2.72 8.92
CA GLY A 100 -14.25 -1.43 8.30
C GLY A 100 -13.33 -1.49 7.10
N GLY A 1 -11.53 2.43 32.82
CA GLY A 1 -11.59 2.52 31.36
C GLY A 1 -11.35 3.93 30.87
N SER A 2 -10.32 4.59 31.40
CA SER A 2 -10.00 5.95 31.01
C SER A 2 -9.96 6.09 29.50
N SER A 3 -10.48 7.21 29.00
CA SER A 3 -10.51 7.46 27.56
C SER A 3 -10.09 8.90 27.25
N GLY A 4 -9.59 9.11 26.04
CA GLY A 4 -9.16 10.44 25.64
C GLY A 4 -8.60 10.47 24.23
N SER A 5 -8.16 11.64 23.79
CA SER A 5 -7.61 11.80 22.45
C SER A 5 -6.28 11.04 22.32
N SER A 6 -6.37 9.75 22.06
CA SER A 6 -5.19 8.91 21.91
C SER A 6 -5.56 7.51 21.42
N GLY A 7 -4.66 6.88 20.68
CA GLY A 7 -4.91 5.55 20.17
C GLY A 7 -5.04 5.52 18.66
N GLY A 8 -4.04 4.95 17.99
CA GLY A 8 -4.08 4.87 16.54
C GLY A 8 -2.69 4.69 15.95
N SER A 9 -2.05 3.56 16.27
CA SER A 9 -0.72 3.28 15.76
C SER A 9 -0.79 2.64 14.38
N PHE A 10 -0.32 3.36 13.37
CA PHE A 10 -0.33 2.87 12.00
C PHE A 10 0.33 1.49 11.90
N GLN A 11 -0.04 0.74 10.88
CA GLN A 11 0.51 -0.59 10.68
C GLN A 11 1.24 -0.69 9.35
N TYR A 12 2.54 -0.92 9.40
CA TYR A 12 3.35 -1.04 8.19
C TYR A 12 3.56 -2.50 7.81
N VAL A 13 2.66 -3.02 6.98
CA VAL A 13 2.75 -4.41 6.54
C VAL A 13 3.40 -4.50 5.17
N PRO A 14 4.67 -4.94 5.14
CA PRO A 14 5.44 -5.08 3.91
C PRO A 14 4.92 -6.23 3.04
N VAL A 15 3.94 -5.93 2.19
CA VAL A 15 3.37 -6.93 1.31
C VAL A 15 4.40 -7.43 0.30
N GLN A 16 5.19 -8.43 0.71
CA GLN A 16 6.20 -9.00 -0.16
C GLN A 16 5.61 -10.03 -1.11
N LEU A 17 5.50 -9.65 -2.38
CA LEU A 17 4.95 -10.54 -3.40
C LEU A 17 6.01 -11.48 -3.94
N GLN A 18 5.59 -12.45 -4.76
CA GLN A 18 6.51 -13.40 -5.36
C GLN A 18 5.94 -13.99 -6.64
N GLY A 19 6.76 -14.06 -7.68
CA GLY A 19 6.32 -14.59 -8.96
C GLY A 19 6.59 -13.65 -10.10
N GLY A 20 6.39 -12.35 -9.87
CA GLY A 20 6.62 -11.37 -10.91
C GLY A 20 5.34 -10.96 -11.61
N ALA A 21 5.26 -9.69 -12.01
CA ALA A 21 4.08 -9.17 -12.69
C ALA A 21 3.57 -10.18 -13.72
N PRO A 22 2.27 -10.08 -14.03
CA PRO A 22 1.38 -9.08 -13.44
C PRO A 22 1.10 -9.35 -11.96
N TRP A 23 0.81 -8.31 -11.21
CA TRP A 23 0.52 -8.43 -9.78
C TRP A 23 -0.98 -8.39 -9.52
N GLY A 24 -1.65 -7.43 -10.15
CA GLY A 24 -3.08 -7.29 -9.97
C GLY A 24 -3.44 -6.26 -8.93
N PHE A 25 -2.75 -5.12 -8.95
CA PHE A 25 -3.00 -4.05 -7.99
C PHE A 25 -2.61 -2.70 -8.59
N THR A 26 -3.39 -1.68 -8.26
CA THR A 26 -3.13 -0.32 -8.75
C THR A 26 -3.24 0.70 -7.63
N LEU A 27 -3.03 1.97 -7.98
CA LEU A 27 -3.10 3.05 -7.00
C LEU A 27 -3.86 4.24 -7.57
N LYS A 28 -4.28 5.14 -6.69
CA LYS A 28 -5.01 6.33 -7.11
C LYS A 28 -4.61 7.54 -6.27
N GLY A 29 -4.89 8.74 -6.79
CA GLY A 29 -4.55 9.96 -6.07
C GLY A 29 -3.06 10.24 -6.11
N GLY A 30 -2.53 10.74 -4.99
CA GLY A 30 -1.12 11.06 -4.92
C GLY A 30 -0.85 12.55 -4.94
N LEU A 31 0.38 12.93 -4.59
CA LEU A 31 0.75 14.34 -4.57
C LEU A 31 0.24 15.07 -5.80
N GLU A 32 0.26 14.38 -6.95
CA GLU A 32 -0.21 14.96 -8.20
C GLU A 32 -1.50 15.75 -7.98
N HIS A 33 -2.43 15.15 -7.25
CA HIS A 33 -3.72 15.80 -6.96
C HIS A 33 -3.90 16.01 -5.47
N CYS A 34 -2.81 15.90 -4.72
CA CYS A 34 -2.84 16.08 -3.27
C CYS A 34 -3.76 15.05 -2.62
N GLU A 35 -3.77 13.84 -3.19
CA GLU A 35 -4.61 12.77 -2.65
C GLU A 35 -3.75 11.69 -1.98
N PRO A 36 -4.34 11.02 -0.98
CA PRO A 36 -3.65 9.96 -0.23
C PRO A 36 -3.43 8.72 -1.08
N LEU A 37 -2.25 8.62 -1.70
CA LEU A 37 -1.91 7.48 -2.54
C LEU A 37 -2.27 6.17 -1.84
N THR A 38 -3.43 5.63 -2.17
CA THR A 38 -3.89 4.38 -1.58
C THR A 38 -4.46 3.44 -2.64
N VAL A 39 -4.31 2.14 -2.41
CA VAL A 39 -4.79 1.14 -3.35
C VAL A 39 -6.13 1.56 -3.96
N SER A 40 -6.21 1.50 -5.29
CA SER A 40 -7.43 1.88 -5.99
C SER A 40 -8.18 0.65 -6.48
N LYS A 41 -7.46 -0.25 -7.12
CA LYS A 41 -8.05 -1.48 -7.65
C LYS A 41 -7.08 -2.65 -7.51
N ILE A 42 -7.62 -3.83 -7.22
CA ILE A 42 -6.80 -5.03 -7.07
C ILE A 42 -7.50 -6.24 -7.67
N GLU A 43 -7.02 -6.67 -8.83
CA GLU A 43 -7.59 -7.83 -9.52
C GLU A 43 -7.71 -9.02 -8.56
N ASP A 44 -8.89 -9.64 -8.55
CA ASP A 44 -9.14 -10.79 -7.69
C ASP A 44 -8.45 -12.04 -8.23
N GLY A 45 -7.49 -12.56 -7.48
CA GLY A 45 -6.77 -13.74 -7.91
C GLY A 45 -5.30 -13.48 -8.14
N GLY A 46 -4.97 -12.25 -8.53
CA GLY A 46 -3.59 -11.89 -8.79
C GLY A 46 -2.71 -12.05 -7.55
N LYS A 47 -1.44 -11.70 -7.68
CA LYS A 47 -0.50 -11.81 -6.58
C LYS A 47 -0.94 -10.96 -5.40
N ALA A 48 -1.30 -9.71 -5.69
CA ALA A 48 -1.74 -8.78 -4.64
C ALA A 48 -2.88 -9.39 -3.82
N ALA A 49 -3.91 -9.88 -4.51
CA ALA A 49 -5.06 -10.49 -3.85
C ALA A 49 -4.66 -11.77 -3.13
N LEU A 50 -4.02 -12.67 -3.87
CA LEU A 50 -3.58 -13.95 -3.31
C LEU A 50 -2.91 -13.75 -1.95
N SER A 51 -2.10 -12.70 -1.85
CA SER A 51 -1.41 -12.40 -0.60
C SER A 51 -2.40 -12.13 0.53
N GLN A 52 -3.46 -11.41 0.21
CA GLN A 52 -4.48 -11.08 1.20
C GLN A 52 -3.91 -10.23 2.33
N LYS A 53 -2.88 -9.46 1.99
CA LYS A 53 -2.23 -8.59 2.98
C LYS A 53 -2.64 -7.14 2.77
N MET A 54 -3.02 -6.80 1.54
CA MET A 54 -3.44 -5.45 1.22
C MET A 54 -4.79 -5.46 0.50
N ARG A 55 -5.47 -4.32 0.53
CA ARG A 55 -6.77 -4.19 -0.12
C ARG A 55 -7.16 -2.72 -0.29
N THR A 56 -7.92 -2.43 -1.34
CA THR A 56 -8.36 -1.07 -1.62
C THR A 56 -8.60 -0.30 -0.32
N GLY A 57 -7.69 0.63 -0.02
CA GLY A 57 -7.82 1.41 1.19
C GLY A 57 -6.49 1.66 1.87
N ASP A 58 -5.52 0.79 1.60
CA ASP A 58 -4.19 0.92 2.18
C ASP A 58 -3.43 2.07 1.57
N GLU A 59 -2.46 2.60 2.31
CA GLU A 59 -1.65 3.73 1.83
C GLU A 59 -0.23 3.27 1.51
N LEU A 60 0.04 3.08 0.22
CA LEU A 60 1.36 2.64 -0.22
C LEU A 60 2.28 3.84 -0.44
N VAL A 61 3.43 3.84 0.24
CA VAL A 61 4.40 4.93 0.12
C VAL A 61 5.76 4.39 -0.30
N ASN A 62 6.03 3.14 0.05
CA ASN A 62 7.31 2.52 -0.30
C ASN A 62 7.11 1.39 -1.30
N ILE A 63 7.79 1.48 -2.44
CA ILE A 63 7.69 0.47 -3.48
C ILE A 63 9.07 -0.01 -3.92
N ASN A 64 9.27 -1.32 -3.90
CA ASN A 64 10.55 -1.91 -4.30
C ASN A 64 11.69 -1.28 -3.52
N GLY A 65 11.40 -0.80 -2.31
CA GLY A 65 12.42 -0.19 -1.48
C GLY A 65 12.71 1.24 -1.89
N THR A 66 11.71 1.90 -2.47
CA THR A 66 11.87 3.29 -2.90
C THR A 66 10.80 4.18 -2.28
N PRO A 67 11.25 5.14 -1.45
CA PRO A 67 10.36 6.08 -0.77
C PRO A 67 9.72 7.07 -1.74
N LEU A 68 8.41 6.98 -1.89
CA LEU A 68 7.67 7.87 -2.78
C LEU A 68 7.44 9.22 -2.13
N TYR A 69 7.31 10.26 -2.95
CA TYR A 69 7.09 11.61 -2.45
C TYR A 69 5.65 12.05 -2.72
N GLY A 70 4.77 11.08 -2.94
CA GLY A 70 3.38 11.40 -3.21
C GLY A 70 3.02 11.22 -4.68
N SER A 71 3.92 11.64 -5.55
CA SER A 71 3.69 11.53 -6.99
C SER A 71 2.98 10.22 -7.33
N ARG A 72 2.15 10.25 -8.37
CA ARG A 72 1.41 9.07 -8.80
C ARG A 72 2.25 8.22 -9.75
N GLN A 73 2.58 8.79 -10.90
CA GLN A 73 3.38 8.08 -11.90
C GLN A 73 4.52 7.32 -11.25
N GLU A 74 5.44 8.05 -10.62
CA GLU A 74 6.58 7.44 -9.96
C GLU A 74 6.22 6.07 -9.39
N ALA A 75 5.14 6.03 -8.60
CA ALA A 75 4.70 4.78 -8.01
C ALA A 75 4.48 3.71 -9.06
N LEU A 76 3.38 3.82 -9.80
CA LEU A 76 3.06 2.85 -10.85
C LEU A 76 4.30 2.54 -11.69
N ILE A 77 4.92 3.58 -12.23
CA ILE A 77 6.10 3.41 -13.06
C ILE A 77 7.12 2.50 -12.37
N LEU A 78 7.28 2.69 -11.07
CA LEU A 78 8.23 1.88 -10.30
C LEU A 78 7.88 0.40 -10.39
N ILE A 79 6.60 0.08 -10.19
CA ILE A 79 6.13 -1.30 -10.26
C ILE A 79 6.28 -1.86 -11.66
N LYS A 80 5.71 -1.17 -12.64
CA LYS A 80 5.78 -1.61 -14.04
C LYS A 80 7.14 -2.23 -14.34
N GLY A 81 8.18 -1.78 -13.63
CA GLY A 81 9.51 -2.30 -13.84
C GLY A 81 9.87 -3.38 -12.83
N SER A 82 8.89 -4.20 -12.47
CA SER A 82 9.11 -5.28 -11.51
C SER A 82 10.08 -6.31 -12.07
N PHE A 83 10.52 -7.22 -11.20
CA PHE A 83 11.45 -8.27 -11.61
C PHE A 83 10.92 -9.65 -11.20
N ARG A 84 11.02 -9.96 -9.91
CA ARG A 84 10.55 -11.24 -9.39
C ARG A 84 9.75 -11.04 -8.11
N ILE A 85 10.36 -10.39 -7.12
CA ILE A 85 9.70 -10.15 -5.85
C ILE A 85 9.44 -8.65 -5.65
N LEU A 86 8.22 -8.33 -5.22
CA LEU A 86 7.83 -6.94 -4.99
C LEU A 86 7.72 -6.66 -3.50
N LYS A 87 8.22 -5.50 -3.08
CA LYS A 87 8.16 -5.11 -1.67
C LYS A 87 7.44 -3.77 -1.51
N LEU A 88 6.28 -3.79 -0.88
CA LEU A 88 5.50 -2.58 -0.66
C LEU A 88 5.14 -2.42 0.82
N ILE A 89 5.40 -1.23 1.36
CA ILE A 89 5.09 -0.95 2.75
C ILE A 89 3.93 0.03 2.88
N VAL A 90 2.74 -0.50 3.14
CA VAL A 90 1.55 0.32 3.28
C VAL A 90 1.29 0.65 4.74
N ARG A 91 0.76 1.85 4.99
CA ARG A 91 0.46 2.28 6.35
C ARG A 91 -1.04 2.48 6.54
N ARG A 92 -1.59 1.82 7.56
CA ARG A 92 -3.01 1.91 7.84
C ARG A 92 -3.25 2.18 9.33
N ARG A 93 -4.15 3.11 9.63
CA ARG A 93 -4.47 3.47 11.00
C ARG A 93 -5.16 2.31 11.72
N ASN A 94 -4.52 1.82 12.78
CA ASN A 94 -5.07 0.71 13.56
C ASN A 94 -5.66 1.20 14.88
N SER A 95 -6.95 0.95 15.06
CA SER A 95 -7.65 1.38 16.28
C SER A 95 -7.34 0.42 17.43
N GLY A 96 -7.23 0.97 18.64
CA GLY A 96 -6.94 0.16 19.81
C GLY A 96 -7.14 0.92 21.10
N PRO A 97 -6.89 0.24 22.23
CA PRO A 97 -7.04 0.83 23.56
C PRO A 97 -5.98 1.90 23.84
N SER A 98 -6.01 2.45 25.05
CA SER A 98 -5.06 3.48 25.44
C SER A 98 -4.02 2.92 26.41
N SER A 99 -2.85 3.55 26.45
CA SER A 99 -1.77 3.12 27.33
C SER A 99 -1.80 3.89 28.64
N GLY A 100 -1.92 5.20 28.55
CA GLY A 100 -1.96 6.04 29.74
C GLY A 100 -2.80 5.43 30.84
N GLY A 1 -10.55 6.04 37.94
CA GLY A 1 -10.46 7.06 36.91
C GLY A 1 -10.68 6.51 35.51
N SER A 2 -11.67 7.07 34.82
CA SER A 2 -11.99 6.63 33.46
C SER A 2 -10.81 6.86 32.53
N SER A 3 -10.83 6.18 31.38
CA SER A 3 -9.77 6.31 30.39
C SER A 3 -10.22 7.14 29.19
N GLY A 4 -9.28 7.86 28.59
CA GLY A 4 -9.61 8.68 27.44
C GLY A 4 -8.92 8.22 26.18
N SER A 5 -7.99 9.04 25.68
CA SER A 5 -7.24 8.71 24.47
C SER A 5 -6.23 7.60 24.73
N SER A 6 -6.53 6.41 24.27
CA SER A 6 -5.65 5.26 24.47
C SER A 6 -4.35 5.45 23.69
N GLY A 7 -4.48 5.67 22.38
CA GLY A 7 -3.32 5.85 21.55
C GLY A 7 -3.64 5.79 20.07
N GLY A 8 -2.75 5.19 19.29
CA GLY A 8 -2.96 5.08 17.86
C GLY A 8 -1.68 4.86 17.08
N SER A 9 -1.60 3.74 16.36
CA SER A 9 -0.41 3.42 15.59
C SER A 9 -0.78 2.66 14.32
N PHE A 10 -0.14 3.00 13.21
CA PHE A 10 -0.40 2.36 11.93
C PHE A 10 0.37 1.05 11.82
N GLN A 11 -0.11 0.17 10.95
CA GLN A 11 0.52 -1.14 10.75
C GLN A 11 1.25 -1.18 9.41
N TYR A 12 2.56 -1.45 9.47
CA TYR A 12 3.37 -1.52 8.26
C TYR A 12 3.61 -2.96 7.84
N VAL A 13 2.72 -3.49 6.99
CA VAL A 13 2.84 -4.86 6.52
C VAL A 13 3.50 -4.91 5.14
N PRO A 14 4.76 -5.36 5.12
CA PRO A 14 5.53 -5.47 3.88
C PRO A 14 5.01 -6.58 2.97
N VAL A 15 4.01 -6.25 2.16
CA VAL A 15 3.42 -7.21 1.24
C VAL A 15 4.45 -7.71 0.23
N GLN A 16 5.13 -8.80 0.58
CA GLN A 16 6.15 -9.39 -0.29
C GLN A 16 5.51 -10.31 -1.33
N LEU A 17 5.57 -9.90 -2.59
CA LEU A 17 5.00 -10.68 -3.68
C LEU A 17 6.06 -11.59 -4.30
N GLN A 18 5.63 -12.76 -4.75
CA GLN A 18 6.54 -13.71 -5.38
C GLN A 18 5.92 -14.32 -6.63
N GLY A 19 6.66 -14.28 -7.73
CA GLY A 19 6.17 -14.82 -8.98
C GLY A 19 6.45 -13.91 -10.17
N GLY A 20 6.37 -12.61 -9.93
CA GLY A 20 6.61 -11.65 -11.00
C GLY A 20 5.34 -11.11 -11.59
N ALA A 21 5.37 -9.84 -12.03
CA ALA A 21 4.20 -9.21 -12.63
C ALA A 21 3.63 -10.07 -13.75
N PRO A 22 2.35 -9.82 -14.07
CA PRO A 22 1.53 -8.80 -13.41
C PRO A 22 1.20 -9.17 -11.96
N TRP A 23 1.08 -8.16 -11.11
CA TRP A 23 0.77 -8.37 -9.71
C TRP A 23 -0.74 -8.31 -9.47
N GLY A 24 -1.37 -7.26 -9.99
CA GLY A 24 -2.80 -7.10 -9.82
C GLY A 24 -3.15 -6.10 -8.75
N PHE A 25 -2.60 -4.89 -8.85
CA PHE A 25 -2.86 -3.85 -7.87
C PHE A 25 -2.63 -2.47 -8.47
N THR A 26 -3.53 -1.54 -8.20
CA THR A 26 -3.43 -0.18 -8.71
C THR A 26 -3.67 0.85 -7.61
N LEU A 27 -3.50 2.12 -7.95
CA LEU A 27 -3.70 3.20 -6.99
C LEU A 27 -4.54 4.33 -7.61
N LYS A 28 -4.77 5.38 -6.83
CA LYS A 28 -5.53 6.52 -7.30
C LYS A 28 -5.05 7.81 -6.64
N GLY A 29 -5.68 8.93 -7.00
CA GLY A 29 -5.30 10.20 -6.43
C GLY A 29 -3.91 10.63 -6.85
N GLY A 30 -3.04 10.83 -5.86
CA GLY A 30 -1.67 11.24 -6.15
C GLY A 30 -1.42 12.68 -5.77
N LEU A 31 -0.14 13.04 -5.66
CA LEU A 31 0.24 14.40 -5.30
C LEU A 31 -0.32 15.41 -6.29
N GLU A 32 -0.49 14.97 -7.53
CA GLU A 32 -1.02 15.83 -8.59
C GLU A 32 -2.34 16.47 -8.14
N HIS A 33 -3.17 15.69 -7.46
CA HIS A 33 -4.45 16.18 -6.99
C HIS A 33 -4.49 16.22 -5.46
N CYS A 34 -3.31 16.27 -4.84
CA CYS A 34 -3.21 16.31 -3.39
C CYS A 34 -4.05 15.21 -2.76
N GLU A 35 -4.02 14.03 -3.36
CA GLU A 35 -4.78 12.89 -2.85
C GLU A 35 -3.86 11.82 -2.29
N PRO A 36 -4.35 11.10 -1.27
CA PRO A 36 -3.58 10.03 -0.62
C PRO A 36 -3.39 8.81 -1.52
N LEU A 37 -2.20 8.67 -2.08
CA LEU A 37 -1.90 7.55 -2.96
C LEU A 37 -2.17 6.22 -2.27
N THR A 38 -3.39 5.71 -2.44
CA THR A 38 -3.78 4.45 -1.82
C THR A 38 -4.28 3.46 -2.87
N VAL A 39 -4.36 2.19 -2.50
CA VAL A 39 -4.83 1.15 -3.40
C VAL A 39 -6.24 1.46 -3.91
N SER A 40 -6.39 1.49 -5.23
CA SER A 40 -7.67 1.78 -5.84
C SER A 40 -8.38 0.50 -6.28
N LYS A 41 -7.61 -0.41 -6.87
CA LYS A 41 -8.16 -1.69 -7.33
C LYS A 41 -7.11 -2.79 -7.24
N ILE A 42 -7.56 -4.01 -7.00
CA ILE A 42 -6.66 -5.16 -6.89
C ILE A 42 -7.28 -6.40 -7.52
N GLU A 43 -6.61 -6.95 -8.54
CA GLU A 43 -7.09 -8.14 -9.21
C GLU A 43 -7.51 -9.21 -8.21
N ASP A 44 -8.79 -9.57 -8.23
CA ASP A 44 -9.31 -10.59 -7.32
C ASP A 44 -8.37 -11.80 -7.25
N GLY A 45 -7.74 -12.11 -8.38
CA GLY A 45 -6.83 -13.24 -8.42
C GLY A 45 -5.41 -12.82 -8.77
N GLY A 46 -5.00 -11.64 -8.30
CA GLY A 46 -3.66 -11.16 -8.57
C GLY A 46 -2.73 -11.32 -7.40
N LYS A 47 -1.43 -11.40 -7.68
CA LYS A 47 -0.43 -11.56 -6.63
C LYS A 47 -0.80 -10.74 -5.39
N ALA A 48 -1.16 -9.48 -5.61
CA ALA A 48 -1.55 -8.59 -4.52
C ALA A 48 -2.72 -9.17 -3.74
N ALA A 49 -3.74 -9.62 -4.45
CA ALA A 49 -4.92 -10.19 -3.82
C ALA A 49 -4.59 -11.48 -3.10
N LEU A 50 -3.91 -12.38 -3.79
CA LEU A 50 -3.52 -13.67 -3.21
C LEU A 50 -2.90 -13.47 -1.83
N SER A 51 -1.94 -12.56 -1.74
CA SER A 51 -1.27 -12.28 -0.49
C SER A 51 -2.28 -12.00 0.63
N GLN A 52 -3.40 -11.39 0.26
CA GLN A 52 -4.43 -11.06 1.22
C GLN A 52 -3.88 -10.19 2.35
N LYS A 53 -2.86 -9.41 2.03
CA LYS A 53 -2.23 -8.53 3.03
C LYS A 53 -2.64 -7.08 2.78
N MET A 54 -2.91 -6.74 1.53
CA MET A 54 -3.31 -5.38 1.18
C MET A 54 -4.62 -5.40 0.39
N ARG A 55 -5.40 -4.33 0.55
CA ARG A 55 -6.68 -4.22 -0.14
C ARG A 55 -7.07 -2.76 -0.34
N THR A 56 -7.91 -2.50 -1.34
CA THR A 56 -8.35 -1.15 -1.64
C THR A 56 -8.54 -0.35 -0.35
N GLY A 57 -7.63 0.60 -0.11
CA GLY A 57 -7.71 1.42 1.08
C GLY A 57 -6.35 1.66 1.71
N ASP A 58 -5.44 0.72 1.53
CA ASP A 58 -4.09 0.83 2.08
C ASP A 58 -3.38 2.06 1.51
N GLU A 59 -2.47 2.62 2.30
CA GLU A 59 -1.71 3.80 1.87
C GLU A 59 -0.26 3.43 1.55
N LEU A 60 -0.04 2.88 0.36
CA LEU A 60 1.29 2.49 -0.06
C LEU A 60 2.23 3.69 -0.12
N VAL A 61 3.35 3.61 0.61
CA VAL A 61 4.32 4.70 0.62
C VAL A 61 5.70 4.20 0.23
N ASN A 62 5.91 2.89 0.34
CA ASN A 62 7.19 2.28 0.00
C ASN A 62 7.01 1.20 -1.06
N ILE A 63 7.66 1.37 -2.20
CA ILE A 63 7.57 0.41 -3.29
C ILE A 63 8.95 -0.14 -3.65
N ASN A 64 9.12 -1.45 -3.53
CA ASN A 64 10.39 -2.10 -3.84
C ASN A 64 11.51 -1.53 -2.98
N GLY A 65 11.17 -1.11 -1.77
CA GLY A 65 12.16 -0.56 -0.86
C GLY A 65 12.50 0.89 -1.19
N THR A 66 11.69 1.51 -2.04
CA THR A 66 11.90 2.89 -2.44
C THR A 66 10.82 3.80 -1.85
N PRO A 67 11.25 4.73 -0.96
CA PRO A 67 10.34 5.67 -0.32
C PRO A 67 9.79 6.71 -1.29
N LEU A 68 8.47 6.78 -1.39
CA LEU A 68 7.82 7.74 -2.28
C LEU A 68 7.46 9.03 -1.55
N TYR A 69 7.05 10.04 -2.30
CA TYR A 69 6.69 11.32 -1.72
C TYR A 69 5.22 11.66 -2.01
N GLY A 70 4.80 11.39 -3.24
CA GLY A 70 3.43 11.67 -3.64
C GLY A 70 3.19 11.46 -5.11
N SER A 71 4.09 11.98 -5.94
CA SER A 71 3.97 11.85 -7.39
C SER A 71 3.52 10.45 -7.76
N ARG A 72 2.36 10.35 -8.41
CA ARG A 72 1.81 9.07 -8.83
C ARG A 72 2.75 8.38 -9.82
N GLN A 73 3.06 9.07 -10.91
CA GLN A 73 3.94 8.53 -11.94
C GLN A 73 5.02 7.65 -11.31
N GLU A 74 5.97 8.28 -10.63
CA GLU A 74 7.06 7.56 -9.99
C GLU A 74 6.59 6.21 -9.48
N ALA A 75 5.53 6.22 -8.68
CA ALA A 75 4.98 4.98 -8.12
C ALA A 75 4.75 3.95 -9.22
N LEU A 76 3.69 4.14 -10.00
CA LEU A 76 3.36 3.23 -11.08
C LEU A 76 4.60 2.86 -11.89
N ILE A 77 5.32 3.88 -12.35
CA ILE A 77 6.52 3.66 -13.13
C ILE A 77 7.42 2.61 -12.48
N LEU A 78 7.68 2.78 -11.19
CA LEU A 78 8.52 1.84 -10.45
C LEU A 78 8.07 0.40 -10.70
N ILE A 79 6.77 0.17 -10.65
CA ILE A 79 6.23 -1.16 -10.87
C ILE A 79 6.57 -1.67 -12.26
N LYS A 80 6.27 -0.86 -13.27
CA LYS A 80 6.57 -1.24 -14.65
C LYS A 80 7.82 -2.08 -14.75
N GLY A 81 8.85 -1.68 -14.00
CA GLY A 81 10.11 -2.42 -14.00
C GLY A 81 10.33 -3.18 -12.72
N SER A 82 9.34 -3.95 -12.30
CA SER A 82 9.42 -4.73 -11.07
C SER A 82 10.32 -5.95 -11.27
N PHE A 83 10.47 -6.75 -10.22
CA PHE A 83 11.30 -7.95 -10.28
C PHE A 83 10.50 -9.18 -9.87
N ARG A 84 11.17 -10.33 -9.80
CA ARG A 84 10.52 -11.58 -9.44
C ARG A 84 9.78 -11.44 -8.11
N ILE A 85 10.29 -10.55 -7.25
CA ILE A 85 9.68 -10.33 -5.94
C ILE A 85 9.46 -8.84 -5.69
N LEU A 86 8.27 -8.49 -5.25
CA LEU A 86 7.92 -7.09 -4.96
C LEU A 86 7.76 -6.87 -3.47
N LYS A 87 8.31 -5.76 -2.98
CA LYS A 87 8.22 -5.42 -1.56
C LYS A 87 7.54 -4.06 -1.37
N LEU A 88 6.31 -4.10 -0.85
CA LEU A 88 5.55 -2.87 -0.62
C LEU A 88 5.13 -2.77 0.85
N ILE A 89 5.40 -1.62 1.46
CA ILE A 89 5.05 -1.40 2.85
C ILE A 89 3.89 -0.41 2.97
N VAL A 90 2.69 -0.93 3.19
CA VAL A 90 1.51 -0.10 3.32
C VAL A 90 1.19 0.19 4.79
N ARG A 91 0.70 1.39 5.06
CA ARG A 91 0.37 1.78 6.43
C ARG A 91 -1.14 1.94 6.59
N ARG A 92 -1.70 1.22 7.55
CA ARG A 92 -3.13 1.28 7.82
C ARG A 92 -3.41 1.35 9.31
N ARG A 93 -4.46 2.08 9.68
CA ARG A 93 -4.83 2.23 11.08
C ARG A 93 -5.07 0.87 11.73
N ASN A 94 -4.17 0.46 12.60
CA ASN A 94 -4.28 -0.82 13.29
C ASN A 94 -5.67 -0.98 13.90
N SER A 95 -6.03 -0.07 14.79
CA SER A 95 -7.33 -0.12 15.46
C SER A 95 -8.45 -0.23 14.43
N GLY A 96 -9.43 -1.10 14.72
CA GLY A 96 -10.54 -1.28 13.81
C GLY A 96 -11.87 -1.40 14.55
N PRO A 97 -12.96 -1.11 13.83
CA PRO A 97 -14.31 -1.17 14.41
C PRO A 97 -14.76 -2.61 14.68
N SER A 98 -14.15 -3.56 13.97
CA SER A 98 -14.49 -4.97 14.13
C SER A 98 -13.22 -5.82 14.22
N SER A 99 -13.01 -6.42 15.39
CA SER A 99 -11.84 -7.25 15.61
C SER A 99 -10.58 -6.60 15.03
N GLY A 100 -10.43 -5.31 15.28
CA GLY A 100 -9.28 -4.59 14.77
C GLY A 100 -8.62 -3.73 15.83
N GLY A 1 -14.43 -4.21 27.62
CA GLY A 1 -15.04 -4.77 26.43
C GLY A 1 -14.31 -6.00 25.94
N SER A 2 -14.09 -6.07 24.63
CA SER A 2 -13.39 -7.20 24.02
C SER A 2 -12.16 -6.74 23.25
N SER A 3 -12.33 -5.70 22.45
CA SER A 3 -11.24 -5.16 21.66
C SER A 3 -10.59 -3.97 22.35
N GLY A 4 -9.28 -4.06 22.56
CA GLY A 4 -8.55 -2.99 23.22
C GLY A 4 -8.59 -1.69 22.42
N SER A 5 -9.55 -0.83 22.72
CA SER A 5 -9.70 0.43 22.02
C SER A 5 -8.35 1.15 21.94
N SER A 6 -8.02 1.64 20.74
CA SER A 6 -6.76 2.35 20.53
C SER A 6 -6.81 3.17 19.25
N GLY A 7 -6.07 4.28 19.23
CA GLY A 7 -6.05 5.13 18.06
C GLY A 7 -4.89 6.11 18.08
N GLY A 8 -4.15 6.17 16.99
CA GLY A 8 -3.02 7.08 16.91
C GLY A 8 -1.83 6.48 16.19
N SER A 9 -1.43 5.29 16.61
CA SER A 9 -0.30 4.60 16.00
C SER A 9 -0.67 4.05 14.63
N PHE A 10 0.33 3.71 13.83
CA PHE A 10 0.11 3.18 12.49
C PHE A 10 0.77 1.81 12.34
N GLN A 11 0.13 0.93 11.57
CA GLN A 11 0.66 -0.41 11.34
C GLN A 11 1.18 -0.56 9.91
N TYR A 12 2.45 -0.90 9.78
CA TYR A 12 3.07 -1.07 8.47
C TYR A 12 2.99 -2.52 8.02
N VAL A 13 2.32 -2.74 6.89
CA VAL A 13 2.18 -4.09 6.34
C VAL A 13 3.01 -4.27 5.08
N PRO A 14 4.24 -4.76 5.25
CA PRO A 14 5.17 -4.99 4.14
C PRO A 14 4.72 -6.14 3.25
N VAL A 15 3.93 -5.83 2.22
CA VAL A 15 3.43 -6.83 1.30
C VAL A 15 4.55 -7.30 0.35
N GLN A 16 5.24 -8.35 0.75
CA GLN A 16 6.33 -8.89 -0.07
C GLN A 16 5.81 -9.93 -1.05
N LEU A 17 5.60 -9.51 -2.29
CA LEU A 17 5.11 -10.39 -3.34
C LEU A 17 6.17 -11.40 -3.76
N GLN A 18 5.76 -12.40 -4.52
CA GLN A 18 6.69 -13.44 -4.99
C GLN A 18 6.13 -14.14 -6.23
N GLY A 19 6.98 -14.28 -7.25
CA GLY A 19 6.56 -14.93 -8.47
C GLY A 19 6.71 -14.04 -9.69
N GLY A 20 6.45 -12.76 -9.51
CA GLY A 20 6.55 -11.81 -10.60
C GLY A 20 5.21 -11.36 -11.13
N ALA A 21 5.19 -10.22 -11.81
CA ALA A 21 3.95 -9.68 -12.36
C ALA A 21 3.40 -10.60 -13.45
N PRO A 22 2.14 -10.35 -13.84
CA PRO A 22 1.32 -9.28 -13.27
C PRO A 22 0.92 -9.56 -11.82
N TRP A 23 0.80 -8.51 -11.02
CA TRP A 23 0.43 -8.65 -9.62
C TRP A 23 -1.07 -8.48 -9.45
N GLY A 24 -1.64 -7.46 -10.08
CA GLY A 24 -3.06 -7.21 -9.97
C GLY A 24 -3.40 -6.17 -8.92
N PHE A 25 -2.71 -5.04 -8.97
CA PHE A 25 -2.94 -3.97 -8.00
C PHE A 25 -2.60 -2.61 -8.62
N THR A 26 -3.38 -1.59 -8.24
CA THR A 26 -3.18 -0.25 -8.75
C THR A 26 -3.26 0.79 -7.64
N LEU A 27 -3.12 2.06 -8.00
CA LEU A 27 -3.19 3.15 -7.03
C LEU A 27 -3.91 4.35 -7.60
N LYS A 28 -4.24 5.31 -6.74
CA LYS A 28 -4.93 6.52 -7.17
C LYS A 28 -4.58 7.69 -6.27
N GLY A 29 -5.02 8.89 -6.65
CA GLY A 29 -4.74 10.08 -5.86
C GLY A 29 -3.31 10.54 -6.02
N GLY A 30 -2.68 10.87 -4.90
CA GLY A 30 -1.29 11.34 -4.94
C GLY A 30 -1.18 12.84 -4.71
N LEU A 31 0.01 13.29 -4.36
CA LEU A 31 0.25 14.71 -4.11
C LEU A 31 -0.38 15.56 -5.20
N GLU A 32 -0.40 15.04 -6.42
CA GLU A 32 -0.98 15.75 -7.55
C GLU A 32 -2.37 16.28 -7.21
N HIS A 33 -3.23 15.39 -6.70
CA HIS A 33 -4.59 15.78 -6.33
C HIS A 33 -4.72 15.88 -4.82
N CYS A 34 -3.59 15.98 -4.13
CA CYS A 34 -3.60 16.09 -2.68
C CYS A 34 -4.32 14.91 -2.04
N GLU A 35 -4.27 13.77 -2.70
CA GLU A 35 -4.93 12.56 -2.21
C GLU A 35 -3.90 11.56 -1.68
N PRO A 36 -4.28 10.83 -0.63
CA PRO A 36 -3.40 9.83 -0.01
C PRO A 36 -3.21 8.60 -0.89
N LEU A 37 -2.11 8.61 -1.64
CA LEU A 37 -1.80 7.49 -2.53
C LEU A 37 -2.16 6.16 -1.89
N THR A 38 -3.28 5.58 -2.32
CA THR A 38 -3.73 4.30 -1.79
C THR A 38 -4.26 3.40 -2.89
N VAL A 39 -4.23 2.09 -2.65
CA VAL A 39 -4.71 1.12 -3.63
C VAL A 39 -6.06 1.53 -4.19
N SER A 40 -6.18 1.54 -5.52
CA SER A 40 -7.42 1.92 -6.18
C SER A 40 -8.17 0.68 -6.66
N LYS A 41 -7.45 -0.27 -7.24
CA LYS A 41 -8.04 -1.49 -7.75
C LYS A 41 -7.07 -2.67 -7.62
N ILE A 42 -7.61 -3.83 -7.30
CA ILE A 42 -6.80 -5.03 -7.14
C ILE A 42 -7.45 -6.24 -7.82
N GLU A 43 -6.92 -6.63 -8.97
CA GLU A 43 -7.45 -7.77 -9.71
C GLU A 43 -7.63 -8.98 -8.80
N ASP A 44 -8.88 -9.41 -8.63
CA ASP A 44 -9.19 -10.55 -7.78
C ASP A 44 -8.69 -11.84 -8.42
N GLY A 45 -7.51 -12.30 -7.99
CA GLY A 45 -6.94 -13.52 -8.53
C GLY A 45 -5.46 -13.40 -8.81
N GLY A 46 -5.00 -12.17 -9.04
CA GLY A 46 -3.59 -11.96 -9.31
C GLY A 46 -2.72 -12.27 -8.11
N LYS A 47 -1.51 -11.70 -8.10
CA LYS A 47 -0.57 -11.92 -7.01
C LYS A 47 -0.94 -11.07 -5.79
N ALA A 48 -1.21 -9.79 -6.04
CA ALA A 48 -1.58 -8.88 -4.96
C ALA A 48 -2.69 -9.47 -4.09
N ALA A 49 -3.78 -9.89 -4.74
CA ALA A 49 -4.91 -10.48 -4.04
C ALA A 49 -4.52 -11.77 -3.34
N LEU A 50 -3.91 -12.68 -4.09
CA LEU A 50 -3.48 -13.96 -3.55
C LEU A 50 -2.73 -13.77 -2.23
N SER A 51 -1.96 -12.69 -2.15
CA SER A 51 -1.18 -12.39 -0.95
C SER A 51 -2.11 -12.16 0.25
N GLN A 52 -3.25 -11.53 0.00
CA GLN A 52 -4.22 -11.25 1.05
C GLN A 52 -3.59 -10.40 2.14
N LYS A 53 -2.61 -9.58 1.77
CA LYS A 53 -1.93 -8.71 2.73
C LYS A 53 -2.43 -7.27 2.60
N MET A 54 -2.87 -6.90 1.40
CA MET A 54 -3.38 -5.56 1.16
C MET A 54 -4.79 -5.61 0.59
N ARG A 55 -5.38 -4.44 0.36
CA ARG A 55 -6.72 -4.35 -0.18
C ARG A 55 -7.12 -2.90 -0.43
N THR A 56 -7.88 -2.67 -1.50
CA THR A 56 -8.31 -1.32 -1.86
C THR A 56 -8.55 -0.48 -0.61
N GLY A 57 -7.63 0.45 -0.35
CA GLY A 57 -7.76 1.32 0.81
C GLY A 57 -6.44 1.51 1.53
N ASP A 58 -5.47 0.65 1.23
CA ASP A 58 -4.15 0.75 1.86
C ASP A 58 -3.33 1.86 1.23
N GLU A 59 -2.53 2.54 2.07
CA GLU A 59 -1.69 3.64 1.60
C GLU A 59 -0.28 3.14 1.29
N LEU A 60 0.05 3.10 0.00
CA LEU A 60 1.37 2.65 -0.43
C LEU A 60 2.34 3.82 -0.54
N VAL A 61 3.38 3.80 0.29
CA VAL A 61 4.37 4.86 0.28
C VAL A 61 5.75 4.33 -0.08
N ASN A 62 5.90 3.01 0.01
CA ASN A 62 7.18 2.36 -0.32
C ASN A 62 6.97 1.26 -1.35
N ILE A 63 7.67 1.38 -2.48
CA ILE A 63 7.56 0.39 -3.55
C ILE A 63 8.94 -0.12 -3.94
N ASN A 64 9.10 -1.45 -3.91
CA ASN A 64 10.36 -2.08 -4.27
C ASN A 64 11.50 -1.54 -3.40
N GLY A 65 11.16 -1.14 -2.18
CA GLY A 65 12.16 -0.61 -1.27
C GLY A 65 12.52 0.83 -1.57
N THR A 66 11.73 1.47 -2.43
CA THR A 66 11.97 2.86 -2.79
C THR A 66 10.90 3.78 -2.20
N PRO A 67 11.32 4.66 -1.29
CA PRO A 67 10.41 5.61 -0.64
C PRO A 67 9.90 6.68 -1.59
N LEU A 68 8.65 6.55 -2.01
CA LEU A 68 8.04 7.51 -2.92
C LEU A 68 7.94 8.89 -2.28
N TYR A 69 7.57 9.88 -3.08
CA TYR A 69 7.43 11.25 -2.59
C TYR A 69 6.02 11.76 -2.80
N GLY A 70 5.05 10.84 -2.77
CA GLY A 70 3.66 11.23 -2.96
C GLY A 70 3.21 11.07 -4.39
N SER A 71 4.03 11.53 -5.33
CA SER A 71 3.72 11.44 -6.75
C SER A 71 3.15 10.07 -7.09
N ARG A 72 2.37 10.01 -8.16
CA ARG A 72 1.77 8.75 -8.61
C ARG A 72 2.61 8.09 -9.69
N GLN A 73 2.80 8.79 -10.80
CA GLN A 73 3.59 8.27 -11.92
C GLN A 73 4.75 7.42 -11.40
N GLU A 74 5.70 8.08 -10.73
CA GLU A 74 6.86 7.38 -10.19
C GLU A 74 6.49 6.00 -9.69
N ALA A 75 5.40 5.94 -8.91
CA ALA A 75 4.93 4.67 -8.37
C ALA A 75 4.65 3.66 -9.47
N LEU A 76 3.54 3.85 -10.18
CA LEU A 76 3.15 2.96 -11.25
C LEU A 76 4.35 2.66 -12.16
N ILE A 77 5.27 3.60 -12.25
CA ILE A 77 6.45 3.43 -13.08
C ILE A 77 7.44 2.48 -12.43
N LEU A 78 7.56 2.56 -11.11
CA LEU A 78 8.47 1.69 -10.36
C LEU A 78 8.09 0.23 -10.53
N ILE A 79 6.79 -0.05 -10.47
CA ILE A 79 6.29 -1.41 -10.61
C ILE A 79 6.79 -2.04 -11.91
N LYS A 80 6.72 -1.29 -12.99
CA LYS A 80 7.16 -1.78 -14.30
C LYS A 80 8.53 -2.43 -14.20
N GLY A 81 9.35 -1.96 -13.25
CA GLY A 81 10.67 -2.52 -13.07
C GLY A 81 10.64 -3.87 -12.39
N SER A 82 9.62 -4.09 -11.56
CA SER A 82 9.47 -5.35 -10.84
C SER A 82 10.00 -6.52 -11.69
N PHE A 83 10.62 -7.49 -11.02
CA PHE A 83 11.16 -8.65 -11.71
C PHE A 83 10.39 -9.91 -11.34
N ARG A 84 10.61 -10.40 -10.12
CA ARG A 84 9.93 -11.60 -9.64
C ARG A 84 9.38 -11.39 -8.23
N ILE A 85 10.11 -10.64 -7.42
CA ILE A 85 9.70 -10.36 -6.05
C ILE A 85 9.47 -8.87 -5.84
N LEU A 86 8.29 -8.53 -5.33
CA LEU A 86 7.94 -7.13 -5.08
C LEU A 86 7.85 -6.85 -3.58
N LYS A 87 8.25 -5.66 -3.17
CA LYS A 87 8.20 -5.27 -1.76
C LYS A 87 7.50 -3.93 -1.59
N LEU A 88 6.41 -3.92 -0.84
CA LEU A 88 5.64 -2.70 -0.61
C LEU A 88 5.23 -2.60 0.86
N ILE A 89 5.37 -1.40 1.43
CA ILE A 89 5.00 -1.17 2.82
C ILE A 89 3.81 -0.23 2.93
N VAL A 90 2.62 -0.80 3.13
CA VAL A 90 1.40 0.00 3.25
C VAL A 90 1.08 0.28 4.72
N ARG A 91 0.74 1.53 5.01
CA ARG A 91 0.40 1.93 6.36
C ARG A 91 -1.11 2.08 6.54
N ARG A 92 -1.66 1.42 7.55
CA ARG A 92 -3.09 1.47 7.83
C ARG A 92 -3.36 2.01 9.23
N ARG A 93 -4.14 3.08 9.30
CA ARG A 93 -4.46 3.70 10.59
C ARG A 93 -5.12 2.69 11.52
N ASN A 94 -4.54 2.52 12.71
CA ASN A 94 -5.06 1.59 13.69
C ASN A 94 -6.06 2.26 14.62
N SER A 95 -7.27 2.50 14.11
CA SER A 95 -8.31 3.15 14.89
C SER A 95 -9.69 2.87 14.29
N GLY A 96 -10.74 3.16 15.06
CA GLY A 96 -12.08 2.93 14.60
C GLY A 96 -12.81 4.21 14.25
N PRO A 97 -13.57 4.76 15.22
CA PRO A 97 -14.32 6.00 15.03
C PRO A 97 -13.41 7.22 14.93
N SER A 98 -13.02 7.55 13.70
CA SER A 98 -12.14 8.70 13.46
C SER A 98 -12.93 9.87 12.90
N SER A 99 -13.28 10.82 13.77
CA SER A 99 -14.03 12.00 13.36
C SER A 99 -13.37 12.67 12.16
N GLY A 100 -12.06 12.88 12.24
CA GLY A 100 -11.34 13.51 11.15
C GLY A 100 -10.41 12.55 10.44
N GLY A 1 7.69 22.88 24.85
CA GLY A 1 7.84 21.44 24.71
C GLY A 1 6.64 20.79 24.02
N SER A 2 6.56 19.47 24.11
CA SER A 2 5.46 18.73 23.50
C SER A 2 5.31 17.35 24.13
N SER A 3 4.11 16.81 24.08
CA SER A 3 3.83 15.50 24.64
C SER A 3 3.89 14.42 23.57
N GLY A 4 3.29 14.70 22.42
CA GLY A 4 3.28 13.75 21.33
C GLY A 4 2.22 12.67 21.50
N SER A 5 0.99 13.10 21.74
CA SER A 5 -0.11 12.16 21.94
C SER A 5 -1.05 12.18 20.74
N SER A 6 -1.03 11.10 19.95
CA SER A 6 -1.87 11.00 18.77
C SER A 6 -3.06 10.08 19.04
N GLY A 7 -4.06 10.14 18.17
CA GLY A 7 -5.24 9.31 18.32
C GLY A 7 -5.24 8.13 17.38
N GLY A 8 -4.81 6.97 17.89
CA GLY A 8 -4.77 5.77 17.07
C GLY A 8 -3.37 5.42 16.63
N SER A 9 -3.12 4.13 16.42
CA SER A 9 -1.81 3.65 16.00
C SER A 9 -1.83 3.22 14.54
N PHE A 10 -0.64 2.97 13.99
CA PHE A 10 -0.53 2.54 12.59
C PHE A 10 0.33 1.30 12.48
N GLN A 11 0.01 0.45 11.50
CA GLN A 11 0.76 -0.79 11.28
C GLN A 11 1.23 -0.89 9.85
N TYR A 12 2.46 -1.37 9.66
CA TYR A 12 3.03 -1.51 8.33
C TYR A 12 3.26 -2.99 7.99
N VAL A 13 2.89 -3.36 6.77
CA VAL A 13 3.06 -4.75 6.32
C VAL A 13 3.77 -4.80 4.98
N PRO A 14 5.01 -5.32 4.98
CA PRO A 14 5.82 -5.45 3.76
C PRO A 14 5.27 -6.50 2.81
N VAL A 15 4.26 -6.12 2.03
CA VAL A 15 3.64 -7.03 1.07
C VAL A 15 4.67 -7.57 0.09
N GLN A 16 5.34 -8.65 0.46
CA GLN A 16 6.35 -9.26 -0.39
C GLN A 16 5.72 -10.29 -1.32
N LEU A 17 5.69 -9.96 -2.61
CA LEU A 17 5.12 -10.86 -3.61
C LEU A 17 6.17 -11.82 -4.14
N GLN A 18 5.75 -12.73 -5.02
CA GLN A 18 6.66 -13.72 -5.61
C GLN A 18 6.11 -14.24 -6.93
N GLY A 19 7.01 -14.51 -7.88
CA GLY A 19 6.60 -15.02 -9.17
C GLY A 19 6.80 -13.99 -10.27
N GLY A 20 6.54 -12.73 -9.96
CA GLY A 20 6.69 -11.68 -10.96
C GLY A 20 5.36 -11.20 -11.51
N ALA A 21 5.34 -9.97 -12.02
CA ALA A 21 4.12 -9.40 -12.57
C ALA A 21 3.60 -10.25 -13.73
N PRO A 22 2.32 -10.04 -14.08
CA PRO A 22 1.47 -9.06 -13.41
C PRO A 22 1.10 -9.47 -11.99
N TRP A 23 0.77 -8.50 -11.16
CA TRP A 23 0.40 -8.76 -9.77
C TRP A 23 -1.10 -8.66 -9.57
N GLY A 24 -1.69 -7.57 -10.06
CA GLY A 24 -3.12 -7.38 -9.93
C GLY A 24 -3.47 -6.30 -8.92
N PHE A 25 -2.68 -5.23 -8.90
CA PHE A 25 -2.91 -4.14 -7.97
C PHE A 25 -2.58 -2.79 -8.63
N THR A 26 -3.31 -1.75 -8.24
CA THR A 26 -3.10 -0.42 -8.79
C THR A 26 -3.19 0.65 -7.71
N LEU A 27 -3.05 1.91 -8.10
CA LEU A 27 -3.13 3.01 -7.16
C LEU A 27 -3.84 4.20 -7.78
N LYS A 28 -4.11 5.22 -6.96
CA LYS A 28 -4.78 6.42 -7.43
C LYS A 28 -4.48 7.61 -6.51
N GLY A 29 -4.88 8.81 -6.94
CA GLY A 29 -4.66 9.99 -6.15
C GLY A 29 -3.23 10.49 -6.25
N GLY A 30 -2.68 10.95 -5.12
CA GLY A 30 -1.31 11.45 -5.10
C GLY A 30 -1.25 12.96 -5.05
N LEU A 31 -0.11 13.49 -4.62
CA LEU A 31 0.07 14.92 -4.51
C LEU A 31 -0.58 15.65 -5.69
N GLU A 32 -0.38 15.11 -6.90
CA GLU A 32 -0.94 15.70 -8.09
C GLU A 32 -2.36 16.18 -7.85
N HIS A 33 -3.21 15.29 -7.35
CA HIS A 33 -4.60 15.63 -7.06
C HIS A 33 -4.84 15.76 -5.57
N CYS A 34 -3.84 16.29 -4.86
CA CYS A 34 -3.94 16.47 -3.42
C CYS A 34 -4.70 15.32 -2.77
N GLU A 35 -4.38 14.09 -3.19
CA GLU A 35 -5.05 12.90 -2.66
C GLU A 35 -4.02 11.91 -2.14
N PRO A 36 -4.38 11.20 -1.06
CA PRO A 36 -3.51 10.20 -0.44
C PRO A 36 -3.33 8.96 -1.31
N LEU A 37 -2.16 8.83 -1.91
CA LEU A 37 -1.86 7.69 -2.76
C LEU A 37 -2.19 6.37 -2.07
N THR A 38 -3.33 5.79 -2.42
CA THR A 38 -3.77 4.54 -1.83
C THR A 38 -4.32 3.59 -2.89
N VAL A 39 -4.17 2.29 -2.67
CA VAL A 39 -4.66 1.29 -3.60
C VAL A 39 -5.99 1.71 -4.20
N SER A 40 -6.08 1.64 -5.53
CA SER A 40 -7.30 2.01 -6.23
C SER A 40 -8.11 0.77 -6.62
N LYS A 41 -7.40 -0.25 -7.09
CA LYS A 41 -8.05 -1.50 -7.49
C LYS A 41 -7.06 -2.66 -7.45
N ILE A 42 -7.56 -3.83 -7.06
CA ILE A 42 -6.72 -5.02 -6.98
C ILE A 42 -7.44 -6.24 -7.56
N GLU A 43 -6.93 -6.72 -8.70
CA GLU A 43 -7.53 -7.88 -9.35
C GLU A 43 -7.86 -8.97 -8.35
N ASP A 44 -9.13 -9.33 -8.27
CA ASP A 44 -9.59 -10.37 -7.34
C ASP A 44 -9.03 -11.73 -7.73
N GLY A 45 -7.96 -12.14 -7.07
CA GLY A 45 -7.35 -13.42 -7.36
C GLY A 45 -5.90 -13.29 -7.77
N GLY A 46 -5.51 -12.10 -8.22
CA GLY A 46 -4.14 -11.88 -8.63
C GLY A 46 -3.15 -12.01 -7.48
N LYS A 47 -1.87 -11.84 -7.79
CA LYS A 47 -0.82 -11.95 -6.78
C LYS A 47 -1.15 -11.07 -5.57
N ALA A 48 -1.24 -9.77 -5.79
CA ALA A 48 -1.55 -8.83 -4.72
C ALA A 48 -2.65 -9.37 -3.82
N ALA A 49 -3.72 -9.85 -4.43
CA ALA A 49 -4.85 -10.39 -3.68
C ALA A 49 -4.45 -11.65 -2.91
N LEU A 50 -3.78 -12.57 -3.60
CA LEU A 50 -3.34 -13.81 -2.98
C LEU A 50 -2.61 -13.54 -1.67
N SER A 51 -1.74 -12.54 -1.68
CA SER A 51 -0.97 -12.18 -0.49
C SER A 51 -1.90 -11.89 0.68
N GLN A 52 -3.03 -11.24 0.39
CA GLN A 52 -4.01 -10.90 1.42
C GLN A 52 -3.38 -10.00 2.49
N LYS A 53 -2.41 -9.19 2.07
CA LYS A 53 -1.73 -8.29 2.99
C LYS A 53 -2.16 -6.85 2.76
N MET A 54 -2.68 -6.58 1.56
CA MET A 54 -3.13 -5.24 1.21
C MET A 54 -4.55 -5.29 0.62
N ARG A 55 -5.14 -4.12 0.44
CA ARG A 55 -6.49 -4.03 -0.11
C ARG A 55 -6.88 -2.57 -0.36
N THR A 56 -7.75 -2.35 -1.34
CA THR A 56 -8.20 -1.01 -1.67
C THR A 56 -8.45 -0.18 -0.41
N GLY A 57 -7.54 0.74 -0.13
CA GLY A 57 -7.67 1.60 1.03
C GLY A 57 -6.35 1.80 1.75
N ASP A 58 -5.40 0.91 1.50
CA ASP A 58 -4.08 1.02 2.12
C ASP A 58 -3.25 2.12 1.49
N GLU A 59 -2.27 2.62 2.23
CA GLU A 59 -1.40 3.68 1.73
C GLU A 59 0.00 3.14 1.41
N LEU A 60 0.30 3.07 0.12
CA LEU A 60 1.60 2.57 -0.33
C LEU A 60 2.59 3.71 -0.50
N VAL A 61 3.62 3.74 0.34
CA VAL A 61 4.63 4.78 0.28
C VAL A 61 5.97 4.21 -0.18
N ASN A 62 6.14 2.91 -0.03
CA ASN A 62 7.37 2.24 -0.43
C ASN A 62 7.09 1.15 -1.46
N ILE A 63 7.67 1.32 -2.66
CA ILE A 63 7.47 0.35 -3.73
C ILE A 63 8.80 -0.27 -4.15
N ASN A 64 8.88 -1.60 -4.11
CA ASN A 64 10.09 -2.31 -4.48
C ASN A 64 11.29 -1.81 -3.68
N GLY A 65 11.04 -1.40 -2.44
CA GLY A 65 12.10 -0.90 -1.60
C GLY A 65 12.46 0.54 -1.90
N THR A 66 11.66 1.17 -2.75
CA THR A 66 11.90 2.56 -3.13
C THR A 66 10.98 3.50 -2.36
N PRO A 67 11.57 4.28 -1.43
CA PRO A 67 10.82 5.23 -0.61
C PRO A 67 10.31 6.42 -1.42
N LEU A 68 9.01 6.49 -1.60
CA LEU A 68 8.40 7.58 -2.36
C LEU A 68 8.17 8.80 -1.47
N TYR A 69 7.54 9.83 -2.04
CA TYR A 69 7.26 11.05 -1.30
C TYR A 69 5.78 11.41 -1.37
N GLY A 70 5.20 11.25 -2.55
CA GLY A 70 3.79 11.55 -2.72
C GLY A 70 3.35 11.41 -4.16
N SER A 71 4.24 11.72 -5.10
CA SER A 71 3.93 11.62 -6.52
C SER A 71 3.24 10.30 -6.84
N ARG A 72 2.60 10.24 -8.00
CA ARG A 72 1.90 9.03 -8.42
C ARG A 72 2.67 8.31 -9.52
N GLN A 73 3.05 9.05 -10.56
CA GLN A 73 3.80 8.48 -11.67
C GLN A 73 4.95 7.60 -11.17
N GLU A 74 5.98 8.24 -10.63
CA GLU A 74 7.14 7.52 -10.11
C GLU A 74 6.71 6.19 -9.48
N ALA A 75 5.60 6.22 -8.76
CA ALA A 75 5.08 5.01 -8.11
C ALA A 75 4.71 3.95 -9.13
N LEU A 76 3.60 4.17 -9.82
CA LEU A 76 3.12 3.23 -10.84
C LEU A 76 4.27 2.80 -11.76
N ILE A 77 5.02 3.78 -12.25
CA ILE A 77 6.15 3.51 -13.14
C ILE A 77 7.11 2.51 -12.52
N LEU A 78 7.38 2.68 -11.22
CA LEU A 78 8.29 1.79 -10.51
C LEU A 78 7.85 0.34 -10.66
N ILE A 79 6.54 0.12 -10.64
CA ILE A 79 5.99 -1.23 -10.78
C ILE A 79 6.22 -1.78 -12.18
N LYS A 80 5.87 -0.98 -13.18
CA LYS A 80 6.04 -1.39 -14.57
C LYS A 80 7.29 -2.25 -14.74
N GLY A 81 8.40 -1.79 -14.18
CA GLY A 81 9.64 -2.52 -14.27
C GLY A 81 9.95 -3.31 -13.01
N SER A 82 8.94 -4.00 -12.49
CA SER A 82 9.11 -4.79 -11.28
C SER A 82 10.04 -5.97 -11.52
N PHE A 83 10.19 -6.83 -10.51
CA PHE A 83 11.06 -7.99 -10.63
C PHE A 83 10.34 -9.25 -10.16
N ARG A 84 11.06 -10.36 -10.11
CA ARG A 84 10.50 -11.64 -9.69
C ARG A 84 9.69 -11.47 -8.41
N ILE A 85 10.24 -10.70 -7.47
CA ILE A 85 9.57 -10.46 -6.19
C ILE A 85 9.35 -8.97 -5.96
N LEU A 86 8.14 -8.60 -5.55
CA LEU A 86 7.80 -7.21 -5.29
C LEU A 86 7.73 -6.94 -3.79
N LYS A 87 8.23 -5.78 -3.38
CA LYS A 87 8.24 -5.39 -1.98
C LYS A 87 7.54 -4.05 -1.78
N LEU A 88 6.42 -4.06 -1.07
CA LEU A 88 5.66 -2.85 -0.81
C LEU A 88 5.31 -2.73 0.67
N ILE A 89 5.49 -1.54 1.23
CA ILE A 89 5.18 -1.30 2.64
C ILE A 89 4.03 -0.31 2.78
N VAL A 90 2.85 -0.84 3.09
CA VAL A 90 1.67 -0.01 3.26
C VAL A 90 1.33 0.16 4.74
N ARG A 91 0.86 1.34 5.10
CA ARG A 91 0.50 1.64 6.48
C ARG A 91 -1.02 1.70 6.65
N ARG A 92 -1.54 0.96 7.63
CA ARG A 92 -2.97 0.94 7.89
C ARG A 92 -3.29 1.58 9.23
N ARG A 93 -4.40 2.31 9.28
CA ARG A 93 -4.82 2.99 10.51
C ARG A 93 -5.95 2.22 11.18
N ASN A 94 -5.70 1.73 12.38
CA ASN A 94 -6.70 0.98 13.14
C ASN A 94 -8.10 1.55 12.89
N SER A 95 -8.93 0.79 12.17
CA SER A 95 -10.28 1.23 11.87
C SER A 95 -11.18 0.03 11.55
N GLY A 96 -12.42 0.08 12.01
CA GLY A 96 -13.34 -1.00 11.77
C GLY A 96 -14.49 -0.58 10.87
N PRO A 97 -15.18 -1.58 10.29
CA PRO A 97 -16.32 -1.33 9.39
C PRO A 97 -17.54 -0.79 10.14
N SER A 98 -17.44 -0.74 11.47
CA SER A 98 -18.53 -0.25 12.29
C SER A 98 -19.27 0.89 11.60
N SER A 99 -20.56 1.03 11.91
CA SER A 99 -21.39 2.06 11.31
C SER A 99 -21.22 3.39 12.06
N GLY A 100 -20.70 4.39 11.36
CA GLY A 100 -20.49 5.69 11.96
C GLY A 100 -19.07 6.19 11.80
#